data_8PTZ
#
_entry.id   8PTZ
#
_cell.length_a   1.00
_cell.length_b   1.00
_cell.length_c   1.00
_cell.angle_alpha   90.00
_cell.angle_beta   90.00
_cell.angle_gamma   90.00
#
_symmetry.space_group_name_H-M   'P 1'
#
loop_
_entity.id
_entity.type
_entity.pdbx_description
1 polymer 'Elongator complex protein 1'
2 polymer 'Elongator complex protein 2'
3 polymer 'Elongator complex protein 3'
4 polymer 'tRNA Gln'
5 non-polymer 'IRON/SULFUR CLUSTER'
6 non-polymer "5'-DEOXYADENOSINE"
7 non-polymer S-Ethyl-CoA
8 non-polymer METHIONINE
9 non-polymer 'MAGNESIUM ION'
#
loop_
_entity_poly.entity_id
_entity_poly.type
_entity_poly.pdbx_seq_one_letter_code
_entity_poly.pdbx_strand_id
1 'polypeptide(L)'
;MRNLKLFRTLEFRDIQGPGNPQCFSLRTEQGTVLIGSEHGLIEVDPVSREVKNEVSLVAEGFLPEDGSGRIVGVQDLLDQ
ESVCVATASGDVILCSLSTQQLECVGSVASGISVMSWSPDQELVLLATGQQTLIMMTKDFEPILEQQIHQDDFGESKFIT
VGWGRKETQFHGSEGRQAAFQMQMHESALPWDDHRPQVTWRGDGQFFAVSVVCPETGARKVRVWNREFALQSTSEPVAGL
GPALAWKPSGSLIASTQDKPNQQDIVFFEKNGLLHGHFTLPFLKDEVKVNDLLWNADSSVLAVWLEDLQREESSIPKTCV
QLWTVGNYHWYLKQSLSFSTCGKSKIVSLMWDPVTPYRLHVLCQGWHYLAYDWHWTTDRSVGDNSSDLSNVAVIDGNRVL
VTVFRQTVVPPPMCTYQLLFPHPVNQVTFLAHPQKSNDLAVLDASNQISVYKCGDCPSADPTVKLGAVGGSGFKVCLRTP
HLEKRYKIQFENNEDQDVNPLKLGLLTWIEEDVFLAVSHSEFSPRSVIHHLTAASSEMDEEHGQLNVSSSAAVDGVIISL
CCNSKTKSVVLQLADGQIFKYLWESPSLAIKPWKNSGGFPVRFPYPCTQTELAMIGEEECVLGLTDRCRFFINDIEVASN
ITSFAVYDEFLLLTTHSHTCQCFCLRDASFKTLQAGLSSNHVSHGEVLRKVERGSRIVTVVPQDTKLVLQMPRGNLEVVH
HRALVLAQIRKWLDKLMFKEAFECMRKLRINLNLIYDHNPKVFLGNVETFIKQIDSVNHINLFFTELKEEDVTKTMYPAP
VTSSVYLSRDPDGNKIDLVCDAMRAVMESINPHKYCLSILTSHVKKTTPELEIVLQKVHELQGNAPSDPDAVSAEEALKY
LLHLVDVNELYDHSLGTYDFDLVLMVAEKSQKDPKEYLPFLNTLKKMETNYQRFTIDKYLKRYEKAIGHLSKCGPEYFPE
CLNLIKDKNLYNEALKLYSPSSQQYQDISIAYGEHLMQEHMYEPAGLMFARCGAHEKALSAFLTCGNWKQALCVAAQLNF
TKDQLVGLGRTLAGKLVEQRKHIDAAMVLEECAQDYEEAVLLLLEGAAWEEALRLVYKYNRLDIIETNVKPSILEAQKNY
MAFLDSQTATFSRHKKRLLVVRELKEQAQQAGLDDEVPHGQESDLFSETSSVVSGSEMSGKYSHSNSRISARSSKNRRKA
ERKKHSLKEGSPLEDLALLEALSEVVQNTENLKDEVYHILKVLFLFEFDEQGRELQKAFEDTLQLMERSLPEIWTLTYQQ
NSATPVLGPNSTANSIMASYQQQKTSVPVLDAELFIPPKINRRTQWKLSLLD
;
A
2 'polypeptide(L)'
;MVAPVLETSHVFCCPNRVRGVLNWSSGPRGLLAFGTSCSVVLYDPLKRVVVTNLNGHTARVNCIQWICKQDGSPSTELVS
GGSDNQVIHWEIEDNQLLKAVHLQGHEGPVYAVHAVYQRRTSDPALCTLIVSAAADSAVRLWSKKGPEVMCLQTLNFGNG
FALALCLSFLPNTDVPILACGNDDCRIHIFAQQNDQFQKVLSLCGHEDWIRGVEWAAFGRDLFLASCSQDCLIRIWKLYI
KSTSLETQDDDNIRLKENTFTIENESVKIAFAVTLETVLAGHENWVNAVHWQPVFYKDGVLQQPVRLLSASMDKTMILWA
PDEESGVWLEQVRVGEVGGNTLGFYDCQFNEDGSMIIAHAFHGALHLWKQNTVNPREWTPEIVISGHFDGVQDLVWDPEG
EFIITVGTDQTTRLFAPWKRKDQSQVTWHEIARPQIHGYDLKCLAMINRFQFVSGADEKVLRVFSAPRNFVENFCAITGQ
SLNHVLCNQDSDLPEGATVPALGLSNKAVFQGDIASQPSDEEELLTSTGFEYQQVAFQPSILTEPPTEDHLLQNTLWPEV
QKLYGHGYEIFCVTCNSSKTLLASACKAAKKEHAAIILWNTTSWKQVQNLVFHSLTVTQMAFSPNEKFLLAVSRDRTWSL
WKKQDTISPEFEPVFSLFAFTNKITSVHSRIIWSCDWSPDSKYFFTGSRDKKVVVWGECDSTDDCIEHNIGPCSSVLDVG
GAVTAVSVCPVLHPSQRYVVAVGLECGKICLYTWKKTDQVPEINDWTHCVETSQSQSHTLAIRKLCWKNCSGKTEQKEAE
GAEWLHFASCGEDHTVKIHRVNKCAL
;
B
3 'polypeptide(L)'
;MRQKRKGDLSPAELMMLTIGDVIKQLIEAHEQGKDIDLNKVKTKTAAKYGLSAQPRLVDIIAAVPPQYRKVLMPKLKAKP
IRTASGIAVVAVMCKPHRCPHISFTGNICVYCPGGPDSDFEYSTQSYTGYEPTSMRAIRARYDPFLQTRHRIEQLKQLGH
SVDKVEFIVMGGTFMALPEEYRDYFIRNLHDALSGHTSNNIYEAVKYSERSLTKCIGITIETRPDYCMKRHLSDMLTYGC
TRLEIGVQSVYEDVARDTNRGHTVKAVCESFHLAKDSGFKVVAHMMPDLPNVGLERDIEQFTEFFENPAFRPDGLKLYPT
LVIRGTGLYELWKSGRYKSYSPSDLVELVARILALVPPWTRVYRVQRDIPMPLVSSGVEHGNLRELALARMKDLGIQCRD
VRTREVGIQEIHHKVRPYQVELVRRDYVANGGWETFLSYEDPDQDILIGLLRLRKCSEETFRFELGGGVSIVRELHVYGS
VVPVSSRDPTKFQHQGFGMLLMEEAERIAREEHGSGKIAVISGVGTRNYYRKIGYRLQGPYMVKMLKGLEGSAWSHPQFE
KGGGSGGGSGGSAWSHPQFEK
;
C
4 'polyribonucleotide' GGCCCCAUGGUGUAAUGGUUAGCACUCUGGACUUUGAAUCCAGCGAUCCGAGUUCAAAUCUCGGUGGGACCUCCA X
#
# COMPACT_ATOMS: atom_id res chain seq x y z
N MET A 1 3.33 32.87 2.14
CA MET A 1 4.66 33.11 1.59
C MET A 1 4.99 34.60 1.63
N ARG A 2 6.28 34.92 1.76
CA ARG A 2 6.75 36.29 1.85
C ARG A 2 7.56 36.65 0.62
N ASN A 3 7.71 37.95 0.40
CA ASN A 3 8.44 38.47 -0.76
C ASN A 3 9.35 39.61 -0.32
N LEU A 4 10.42 39.79 -1.10
CA LEU A 4 11.43 40.80 -0.77
C LEU A 4 10.92 42.20 -1.06
N LYS A 5 11.57 43.19 -0.45
CA LYS A 5 11.23 44.58 -0.64
C LYS A 5 12.49 45.43 -0.55
N LEU A 6 12.63 46.39 -1.46
CA LEU A 6 13.77 47.29 -1.48
C LEU A 6 13.49 48.49 -0.59
N PHE A 7 14.44 48.80 0.30
CA PHE A 7 14.26 49.90 1.23
C PHE A 7 15.46 50.83 1.35
N ARG A 8 16.64 50.46 0.84
CA ARG A 8 17.78 51.36 0.89
C ARG A 8 18.70 51.12 -0.30
N THR A 9 19.02 52.21 -1.00
CA THR A 9 19.97 52.19 -2.10
C THR A 9 20.99 53.31 -1.89
N LEU A 10 22.26 52.98 -2.06
CA LEU A 10 23.35 53.93 -1.92
C LEU A 10 24.15 53.96 -3.22
N GLU A 11 24.22 55.12 -3.85
CA GLU A 11 24.83 55.24 -5.17
C GLU A 11 25.87 56.34 -5.14
N PHE A 12 27.12 55.98 -5.43
CA PHE A 12 28.23 56.93 -5.49
C PHE A 12 28.82 56.89 -6.89
N ARG A 13 28.94 58.05 -7.52
CA ARG A 13 29.23 58.14 -8.94
C ARG A 13 30.54 58.88 -9.18
N ASP A 14 31.22 58.52 -10.27
CA ASP A 14 32.41 59.21 -10.74
C ASP A 14 33.51 59.21 -9.67
N ILE A 15 33.93 58.01 -9.29
CA ILE A 15 35.08 57.88 -8.41
C ILE A 15 36.33 58.26 -9.19
N GLN A 16 37.14 59.14 -8.62
CA GLN A 16 38.28 59.69 -9.35
C GLN A 16 39.39 58.66 -9.47
N GLY A 17 39.34 57.84 -10.53
CA GLY A 17 40.31 56.79 -10.73
C GLY A 17 41.12 56.99 -11.99
N PRO A 18 42.40 56.61 -11.94
CA PRO A 18 43.28 56.82 -13.10
C PRO A 18 42.85 56.07 -14.34
N GLY A 19 42.68 54.75 -14.22
CA GLY A 19 42.31 53.94 -15.36
C GLY A 19 40.86 53.52 -15.38
N ASN A 20 40.61 52.22 -15.41
CA ASN A 20 39.26 51.67 -15.37
C ASN A 20 39.24 50.51 -14.39
N PRO A 21 38.13 50.32 -13.68
CA PRO A 21 38.06 49.24 -12.69
C PRO A 21 38.23 47.88 -13.33
N GLN A 22 38.87 46.98 -12.60
CA GLN A 22 39.07 45.60 -13.04
C GLN A 22 38.60 44.58 -12.03
N CYS A 23 38.75 44.86 -10.73
CA CYS A 23 38.24 43.99 -9.69
C CYS A 23 37.92 44.84 -8.46
N PHE A 24 37.20 44.26 -7.50
CA PHE A 24 37.01 44.98 -6.24
C PHE A 24 36.69 43.99 -5.14
N SER A 25 36.85 44.46 -3.90
CA SER A 25 36.59 43.67 -2.71
C SER A 25 36.17 44.62 -1.58
N LEU A 26 35.87 44.04 -0.42
CA LEU A 26 35.34 44.79 0.70
C LEU A 26 36.18 44.58 1.95
N ARG A 27 36.13 45.57 2.84
CA ARG A 27 36.72 45.49 4.17
C ARG A 27 35.58 45.75 5.15
N THR A 28 34.91 44.68 5.59
CA THR A 28 33.64 44.83 6.27
C THR A 28 33.80 45.50 7.64
N GLU A 29 34.95 45.30 8.30
CA GLU A 29 35.13 45.90 9.61
C GLU A 29 35.28 47.42 9.52
N GLN A 30 35.94 47.91 8.48
CA GLN A 30 36.03 49.34 8.25
C GLN A 30 34.91 49.88 7.37
N GLY A 31 34.26 49.02 6.59
CA GLY A 31 33.19 49.45 5.71
C GLY A 31 33.66 50.11 4.43
N THR A 32 34.98 50.15 4.20
CA THR A 32 35.54 50.76 3.01
C THR A 32 35.65 49.70 1.91
N VAL A 33 35.57 50.14 0.67
CA VAL A 33 35.61 49.25 -0.48
C VAL A 33 36.92 49.46 -1.23
N LEU A 34 37.59 48.37 -1.58
CA LEU A 34 38.82 48.40 -2.35
C LEU A 34 38.51 48.10 -3.80
N ILE A 35 39.14 48.83 -4.72
CA ILE A 35 38.88 48.71 -6.15
C ILE A 35 40.24 48.62 -6.84
N GLY A 36 40.56 47.46 -7.39
CA GLY A 36 41.77 47.27 -8.16
C GLY A 36 41.56 47.60 -9.62
N SER A 37 42.16 48.72 -10.04
CA SER A 37 42.04 49.23 -11.40
C SER A 37 43.18 48.69 -12.25
N GLU A 38 43.34 49.26 -13.45
CA GLU A 38 44.45 48.90 -14.34
C GLU A 38 45.71 49.69 -14.04
N HIS A 39 45.68 50.61 -13.08
CA HIS A 39 46.87 51.35 -12.67
C HIS A 39 47.31 50.99 -11.26
N GLY A 40 46.43 51.12 -10.27
CA GLY A 40 46.80 50.87 -8.89
C GLY A 40 45.58 50.79 -8.00
N LEU A 41 45.81 50.35 -6.77
CA LEU A 41 44.73 50.18 -5.81
C LEU A 41 44.13 51.53 -5.41
N ILE A 42 42.85 51.49 -5.09
CA ILE A 42 42.13 52.66 -4.61
C ILE A 42 41.24 52.23 -3.45
N GLU A 43 41.25 53.02 -2.38
CA GLU A 43 40.45 52.77 -1.20
C GLU A 43 39.43 53.90 -1.06
N VAL A 44 38.14 53.54 -0.97
CA VAL A 44 37.07 54.53 -1.01
C VAL A 44 36.16 54.35 0.20
N ASP A 45 35.45 55.41 0.55
CA ASP A 45 34.43 55.37 1.58
C ASP A 45 33.13 55.93 1.01
N PRO A 46 32.10 55.10 0.80
CA PRO A 46 30.90 55.59 0.09
C PRO A 46 30.02 56.51 0.92
N VAL A 47 29.90 56.29 2.23
CA VAL A 47 29.01 57.11 3.05
C VAL A 47 29.50 58.55 3.21
N SER A 48 30.77 58.81 2.90
CA SER A 48 31.32 60.15 3.02
C SER A 48 31.89 60.71 1.72
N ARG A 49 31.92 59.92 0.65
CA ARG A 49 32.39 60.38 -0.67
C ARG A 49 33.82 60.90 -0.61
N GLU A 50 34.75 60.01 -0.27
CA GLU A 50 36.15 60.35 -0.18
C GLU A 50 37.00 59.17 -0.64
N VAL A 51 38.22 59.47 -1.06
CA VAL A 51 39.19 58.47 -1.50
C VAL A 51 40.43 58.67 -0.64
N LYS A 52 40.63 57.81 0.35
CA LYS A 52 41.70 58.03 1.32
C LYS A 52 43.05 57.56 0.79
N ASN A 53 43.17 56.27 0.50
CA ASN A 53 44.44 55.70 0.06
C ASN A 53 44.41 55.45 -1.44
N GLU A 54 45.58 55.61 -2.07
CA GLU A 54 45.70 55.42 -3.51
C GLU A 54 47.14 54.99 -3.80
N VAL A 55 47.35 53.70 -3.99
CA VAL A 55 48.66 53.14 -4.28
C VAL A 55 48.86 53.11 -5.80
N SER A 56 50.11 53.23 -6.22
CA SER A 56 50.47 53.21 -7.64
C SER A 56 51.40 52.02 -7.89
N LEU A 57 50.81 50.89 -8.28
CA LEU A 57 51.61 49.71 -8.61
C LEU A 57 52.52 49.98 -9.81
N VAL A 58 52.08 50.81 -10.75
CA VAL A 58 52.87 51.06 -11.95
C VAL A 58 54.17 51.77 -11.61
N ALA A 59 54.15 52.64 -10.59
CA ALA A 59 55.34 53.39 -10.23
C ALA A 59 56.46 52.46 -9.78
N GLU A 60 56.15 51.46 -8.97
CA GLU A 60 57.16 50.57 -8.42
C GLU A 60 57.39 49.34 -9.30
N GLY A 61 57.59 49.58 -10.59
CA GLY A 61 57.96 48.54 -11.55
C GLY A 61 57.21 47.22 -11.43
N PHE A 62 55.93 47.27 -11.09
CA PHE A 62 55.12 46.07 -10.93
C PHE A 62 54.09 45.92 -12.05
N LEU A 63 53.25 46.92 -12.24
CA LEU A 63 52.30 46.90 -13.35
C LEU A 63 52.89 47.64 -14.53
N PRO A 64 53.00 47.01 -15.69
CA PRO A 64 53.65 47.66 -16.84
C PRO A 64 52.97 48.96 -17.23
N GLU A 65 53.77 49.97 -17.54
CA GLU A 65 53.26 51.30 -17.85
C GLU A 65 52.74 51.41 -19.28
N ASP A 66 52.92 50.38 -20.11
CA ASP A 66 52.47 50.46 -21.49
C ASP A 66 50.95 50.59 -21.60
N GLY A 67 50.20 50.17 -20.58
CA GLY A 67 48.76 50.28 -20.62
C GLY A 67 48.06 48.93 -20.64
N SER A 68 48.67 47.94 -20.01
CA SER A 68 48.14 46.59 -20.01
C SER A 68 48.35 45.99 -18.63
N GLY A 69 48.14 44.68 -18.53
CA GLY A 69 48.24 43.99 -17.25
C GLY A 69 46.92 43.94 -16.51
N ARG A 70 46.57 42.78 -15.99
CA ARG A 70 45.31 42.56 -15.31
C ARG A 70 45.56 42.19 -13.85
N ILE A 71 44.83 42.83 -12.95
CA ILE A 71 44.82 42.41 -11.55
C ILE A 71 43.82 41.27 -11.41
N VAL A 72 44.30 40.10 -10.99
CA VAL A 72 43.44 38.93 -10.88
C VAL A 72 42.32 39.19 -9.89
N GLY A 73 42.63 39.81 -8.76
CA GLY A 73 41.61 40.16 -7.80
C GLY A 73 42.15 40.76 -6.51
N VAL A 74 41.47 41.79 -6.01
CA VAL A 74 41.79 42.38 -4.71
C VAL A 74 41.17 41.49 -3.63
N GLN A 75 41.98 41.10 -2.65
CA GLN A 75 41.52 40.29 -1.54
C GLN A 75 41.94 40.94 -0.23
N ASP A 76 40.96 41.36 0.55
CA ASP A 76 41.23 41.85 1.90
C ASP A 76 41.62 40.68 2.79
N LEU A 77 42.47 40.95 3.78
CA LEU A 77 42.89 39.94 4.74
C LEU A 77 42.49 40.37 6.15
N LEU A 78 41.96 39.42 6.91
CA LEU A 78 41.42 39.70 8.23
C LEU A 78 42.56 39.97 9.22
N ASP A 79 42.17 40.50 10.39
CA ASP A 79 43.06 40.77 11.53
C ASP A 79 44.36 41.45 11.10
N GLN A 80 44.28 42.33 10.10
CA GLN A 80 45.45 43.03 9.59
C GLN A 80 44.99 44.36 8.99
N GLU A 81 45.92 45.02 8.29
CA GLU A 81 45.58 46.23 7.55
C GLU A 81 46.17 46.22 6.14
N SER A 82 46.69 45.08 5.70
CA SER A 82 47.28 44.92 4.38
C SER A 82 46.30 44.25 3.44
N VAL A 83 46.68 44.20 2.16
CA VAL A 83 45.83 43.65 1.11
C VAL A 83 46.68 42.73 0.24
N CYS A 84 46.15 41.54 -0.06
CA CYS A 84 46.82 40.59 -0.94
C CYS A 84 46.28 40.78 -2.35
N VAL A 85 47.16 41.14 -3.29
CA VAL A 85 46.76 41.39 -4.66
C VAL A 85 47.57 40.49 -5.59
N ALA A 86 47.13 40.39 -6.84
CA ALA A 86 47.78 39.59 -7.85
C ALA A 86 47.87 40.38 -9.15
N THR A 87 48.72 39.91 -10.05
CA THR A 87 48.85 40.49 -11.38
C THR A 87 48.84 39.37 -12.41
N ALA A 88 48.18 39.63 -13.54
CA ALA A 88 48.11 38.62 -14.60
C ALA A 88 49.48 38.25 -15.14
N SER A 89 50.49 39.10 -14.91
CA SER A 89 51.85 38.76 -15.33
C SER A 89 52.37 37.54 -14.60
N GLY A 90 51.74 37.16 -13.49
CA GLY A 90 52.13 35.95 -12.80
C GLY A 90 52.80 36.21 -11.46
N ASP A 91 52.37 37.25 -10.75
CA ASP A 91 52.95 37.61 -9.48
C ASP A 91 51.86 37.83 -8.44
N VAL A 92 52.19 37.52 -7.19
CA VAL A 92 51.33 37.75 -6.03
C VAL A 92 52.08 38.69 -5.11
N ILE A 93 51.45 39.81 -4.76
CA ILE A 93 52.07 40.89 -4.01
C ILE A 93 51.26 41.13 -2.76
N LEU A 94 51.94 41.18 -1.61
CA LEU A 94 51.30 41.50 -0.33
C LEU A 94 51.47 42.99 -0.02
N CYS A 95 50.84 43.82 -0.86
CA CYS A 95 50.91 45.26 -0.68
C CYS A 95 50.21 45.67 0.61
N SER A 96 50.89 46.47 1.42
CA SER A 96 50.32 46.98 2.66
C SER A 96 49.49 48.23 2.36
N LEU A 97 49.07 48.92 3.41
CA LEU A 97 48.31 50.16 3.28
C LEU A 97 48.89 51.21 4.22
N SER A 98 48.52 52.47 3.96
CA SER A 98 48.99 53.62 4.71
C SER A 98 50.50 53.78 4.62
N THR A 99 51.25 52.81 5.14
CA THR A 99 52.71 52.88 5.09
C THR A 99 53.26 52.74 3.67
N GLN A 100 52.45 52.27 2.72
CA GLN A 100 52.85 52.16 1.32
C GLN A 100 54.09 51.27 1.15
N GLN A 101 54.02 50.08 1.73
CA GLN A 101 55.06 49.07 1.57
C GLN A 101 54.55 47.97 0.66
N LEU A 102 55.34 47.64 -0.36
CA LEU A 102 54.94 46.71 -1.41
C LEU A 102 56.06 45.70 -1.62
N GLU A 103 55.89 44.49 -1.10
CA GLU A 103 56.91 43.45 -1.19
C GLU A 103 56.41 42.31 -2.06
N CYS A 104 57.30 41.79 -2.90
CA CYS A 104 56.97 40.64 -3.72
C CYS A 104 56.96 39.38 -2.87
N VAL A 105 55.79 38.76 -2.73
CA VAL A 105 55.65 37.58 -1.90
C VAL A 105 55.56 36.29 -2.72
N GLY A 106 55.23 36.37 -4.01
CA GLY A 106 55.25 35.17 -4.83
C GLY A 106 55.41 35.44 -6.31
N SER A 107 56.23 34.63 -6.99
CA SER A 107 56.47 34.78 -8.41
C SER A 107 56.41 33.41 -9.06
N VAL A 108 55.62 33.28 -10.12
CA VAL A 108 55.49 32.05 -10.89
C VAL A 108 55.68 32.39 -12.36
N ALA A 109 56.37 31.51 -13.08
CA ALA A 109 56.69 31.76 -14.49
C ALA A 109 55.42 31.97 -15.31
N SER A 110 54.57 30.94 -15.39
CA SER A 110 53.29 31.08 -16.08
C SER A 110 52.38 32.03 -15.30
N GLY A 111 51.48 32.69 -16.03
CA GLY A 111 50.60 33.66 -15.41
C GLY A 111 49.55 33.01 -14.52
N ILE A 112 48.92 33.85 -13.72
CA ILE A 112 47.89 33.43 -12.78
C ILE A 112 46.54 33.93 -13.29
N SER A 113 45.52 33.07 -13.22
CA SER A 113 44.21 33.39 -13.75
C SER A 113 43.24 33.83 -12.65
N VAL A 114 43.03 32.99 -11.65
CA VAL A 114 42.03 33.24 -10.61
C VAL A 114 42.65 33.03 -9.24
N MET A 115 42.26 33.88 -8.29
CA MET A 115 42.63 33.75 -6.88
C MET A 115 41.40 33.40 -6.06
N SER A 116 41.51 32.38 -5.24
CA SER A 116 40.41 31.94 -4.39
C SER A 116 40.91 31.79 -2.95
N TRP A 117 40.34 32.59 -2.05
CA TRP A 117 40.64 32.52 -0.63
C TRP A 117 39.45 31.90 0.09
N SER A 118 39.73 30.93 0.96
CA SER A 118 38.67 30.23 1.67
C SER A 118 37.92 31.18 2.59
N PRO A 119 36.68 30.86 2.96
CA PRO A 119 35.90 31.79 3.83
C PRO A 119 36.64 32.15 5.10
N ASP A 120 37.37 31.21 5.68
CA ASP A 120 38.41 31.52 6.65
C ASP A 120 39.73 31.53 5.89
N GLN A 121 40.53 32.57 6.08
CA GLN A 121 41.70 32.77 5.23
C GLN A 121 42.96 32.15 5.83
N GLU A 122 43.16 30.85 5.61
CA GLU A 122 44.41 30.21 6.00
C GLU A 122 44.98 29.37 4.87
N LEU A 123 44.15 29.02 3.88
CA LEU A 123 44.58 28.27 2.71
C LEU A 123 44.04 28.95 1.47
N VAL A 124 44.94 29.36 0.57
CA VAL A 124 44.55 30.03 -0.66
C VAL A 124 44.88 29.11 -1.83
N LEU A 125 44.10 29.23 -2.89
CA LEU A 125 44.26 28.41 -4.08
C LEU A 125 44.46 29.33 -5.28
N LEU A 126 45.46 29.02 -6.11
CA LEU A 126 45.77 29.81 -7.30
C LEU A 126 45.79 28.89 -8.51
N ALA A 127 45.42 29.44 -9.66
CA ALA A 127 45.42 28.70 -10.91
C ALA A 127 46.42 29.33 -11.88
N THR A 128 47.29 28.50 -12.45
CA THR A 128 48.33 28.99 -13.33
C THR A 128 47.83 29.07 -14.77
N GLY A 129 48.61 29.74 -15.61
CA GLY A 129 48.38 29.76 -17.04
C GLY A 129 48.93 28.57 -17.77
N GLN A 130 49.61 27.66 -17.06
CA GLN A 130 50.15 26.44 -17.62
C GLN A 130 49.24 25.25 -17.37
N GLN A 131 48.02 25.52 -16.88
CA GLN A 131 47.03 24.49 -16.53
C GLN A 131 47.50 23.64 -15.35
N THR A 132 47.88 24.34 -14.28
CA THR A 132 48.20 23.71 -13.00
C THR A 132 47.60 24.54 -11.88
N LEU A 133 47.44 23.89 -10.73
CA LEU A 133 46.73 24.47 -9.59
C LEU A 133 47.64 24.40 -8.37
N ILE A 134 47.90 25.54 -7.75
CA ILE A 134 48.82 25.63 -6.62
C ILE A 134 48.05 25.92 -5.35
N MET A 135 48.24 25.09 -4.34
CA MET A 135 47.68 25.30 -3.01
C MET A 135 48.76 25.89 -2.12
N MET A 136 48.45 27.06 -1.54
CA MET A 136 49.39 27.86 -0.76
C MET A 136 48.82 28.04 0.64
N THR A 137 49.70 28.06 1.63
CA THR A 137 49.27 28.33 2.99
C THR A 137 48.97 29.83 3.15
N LYS A 138 48.55 30.22 4.35
CA LYS A 138 48.20 31.62 4.59
C LYS A 138 49.42 32.53 4.41
N ASP A 139 50.57 32.11 4.90
CA ASP A 139 51.79 32.92 4.84
C ASP A 139 52.57 32.69 3.56
N PHE A 140 51.92 32.20 2.50
CA PHE A 140 52.51 32.09 1.17
C PHE A 140 53.71 31.13 1.16
N GLU A 141 53.76 30.23 2.14
CA GLU A 141 54.70 29.13 2.10
C GLU A 141 54.12 28.04 1.23
N PRO A 142 54.80 27.61 0.17
CA PRO A 142 54.20 26.65 -0.76
C PRO A 142 53.80 25.35 -0.07
N ILE A 143 52.68 24.79 -0.49
CA ILE A 143 52.19 23.51 0.01
C ILE A 143 52.15 22.46 -1.11
N LEU A 144 51.38 22.71 -2.15
CA LEU A 144 51.25 21.68 -3.19
C LEU A 144 50.97 22.32 -4.54
N GLU A 145 51.13 21.51 -5.59
CA GLU A 145 50.86 21.93 -6.96
C GLU A 145 50.48 20.70 -7.77
N GLN A 146 49.22 20.66 -8.24
CA GLN A 146 48.70 19.53 -8.98
C GLN A 146 47.95 20.01 -10.22
N GLN A 147 48.02 19.21 -11.28
CA GLN A 147 47.42 19.58 -12.55
C GLN A 147 45.90 19.40 -12.50
N ILE A 148 45.19 20.34 -13.12
CA ILE A 148 43.73 20.21 -13.23
C ILE A 148 43.38 19.10 -14.21
N HIS A 149 44.04 19.06 -15.36
CA HIS A 149 43.71 18.11 -16.42
C HIS A 149 44.20 16.72 -16.02
N GLN A 150 43.36 16.02 -15.28
CA GLN A 150 43.68 14.67 -14.81
C GLN A 150 43.61 13.67 -15.94
N GLU A 186 27.18 19.09 -27.93
CA GLU A 186 28.24 18.24 -27.44
C GLU A 186 29.53 19.04 -27.27
N SER A 187 29.79 19.95 -28.20
CA SER A 187 30.98 20.78 -28.15
C SER A 187 30.82 21.88 -27.09
N ALA A 188 31.87 22.67 -26.94
CA ALA A 188 31.84 23.77 -25.99
C ALA A 188 30.84 24.83 -26.45
N LEU A 189 30.24 25.51 -25.48
CA LEU A 189 29.29 26.56 -25.78
C LEU A 189 30.01 27.71 -26.48
N PRO A 190 29.41 28.33 -27.50
CA PRO A 190 30.16 29.28 -28.34
C PRO A 190 30.81 30.45 -27.60
N TRP A 191 30.10 31.10 -26.67
CA TRP A 191 30.65 32.26 -25.99
C TRP A 191 31.32 31.92 -24.67
N ASP A 192 31.84 30.71 -24.53
CA ASP A 192 32.64 30.36 -23.35
C ASP A 192 34.07 30.85 -23.55
N ASP A 193 34.56 31.64 -22.60
CA ASP A 193 35.85 32.31 -22.73
C ASP A 193 37.01 31.48 -22.22
N HIS A 194 36.77 30.23 -21.81
CA HIS A 194 37.82 29.34 -21.32
C HIS A 194 38.53 29.95 -20.11
N ARG A 195 37.74 30.37 -19.14
CA ARG A 195 38.26 30.96 -17.90
C ARG A 195 37.85 30.09 -16.73
N PRO A 196 38.78 29.38 -16.10
CA PRO A 196 38.41 28.51 -14.98
C PRO A 196 37.84 29.31 -13.81
N GLN A 197 36.91 28.70 -13.10
CA GLN A 197 36.35 29.27 -11.88
C GLN A 197 36.43 28.23 -10.77
N VAL A 198 36.71 28.70 -9.55
CA VAL A 198 36.88 27.83 -8.39
C VAL A 198 35.88 28.26 -7.33
N THR A 199 35.32 27.28 -6.61
CA THR A 199 34.36 27.53 -5.55
C THR A 199 34.70 26.69 -4.33
N TRP A 200 34.60 27.30 -3.16
CA TRP A 200 34.80 26.64 -1.88
C TRP A 200 33.44 26.29 -1.27
N ARG A 201 33.45 25.33 -0.36
CA ARG A 201 32.27 25.11 0.45
C ARG A 201 32.12 26.21 1.48
N GLY A 202 31.01 26.16 2.23
CA GLY A 202 30.85 27.09 3.33
C GLY A 202 31.83 26.87 4.45
N ASP A 203 32.09 25.61 4.80
CA ASP A 203 33.01 25.26 5.85
C ASP A 203 34.45 25.11 5.36
N GLY A 204 34.68 25.22 4.05
CA GLY A 204 36.01 25.05 3.51
C GLY A 204 36.57 23.66 3.64
N GLN A 205 35.74 22.63 3.49
CA GLN A 205 36.20 21.25 3.53
C GLN A 205 36.45 20.68 2.15
N PHE A 206 35.66 21.08 1.16
CA PHE A 206 35.82 20.62 -0.21
C PHE A 206 35.74 21.82 -1.14
N PHE A 207 36.28 21.65 -2.35
CA PHE A 207 36.17 22.67 -3.38
C PHE A 207 35.96 21.99 -4.73
N ALA A 208 35.50 22.78 -5.70
CA ALA A 208 35.19 22.30 -7.03
C ALA A 208 35.84 23.17 -8.07
N VAL A 209 36.42 22.56 -9.10
CA VAL A 209 37.08 23.26 -10.17
C VAL A 209 36.30 23.05 -11.45
N SER A 210 36.07 24.15 -12.18
CA SER A 210 35.37 24.10 -13.46
C SER A 210 36.40 24.35 -14.56
N VAL A 211 36.52 23.41 -15.49
CA VAL A 211 37.53 23.49 -16.54
C VAL A 211 36.95 22.97 -17.85
N VAL A 212 37.32 23.61 -18.96
CA VAL A 212 36.95 23.12 -20.28
C VAL A 212 37.97 22.05 -20.64
N CYS A 213 37.54 20.79 -20.62
CA CYS A 213 38.45 19.68 -20.86
C CYS A 213 38.96 19.70 -22.30
N PRO A 214 40.27 19.71 -22.53
CA PRO A 214 40.77 19.74 -23.90
C PRO A 214 40.37 18.53 -24.73
N GLU A 215 40.23 17.35 -24.11
CA GLU A 215 39.88 16.16 -24.85
C GLU A 215 38.49 16.29 -25.47
N THR A 216 37.46 16.41 -24.62
CA THR A 216 36.09 16.47 -25.11
C THR A 216 35.69 17.86 -25.57
N GLY A 217 36.46 18.89 -25.22
CA GLY A 217 36.05 20.25 -25.54
C GLY A 217 34.74 20.64 -24.89
N ALA A 218 34.52 20.21 -23.66
CA ALA A 218 33.29 20.48 -22.94
C ALA A 218 33.60 20.88 -21.51
N ARG A 219 32.64 21.57 -20.89
CA ARG A 219 32.77 21.96 -19.49
C ARG A 219 32.73 20.71 -18.61
N LYS A 220 33.66 20.62 -17.66
CA LYS A 220 33.76 19.48 -16.76
C LYS A 220 34.14 19.99 -15.38
N VAL A 221 33.56 19.38 -14.35
CA VAL A 221 33.72 19.80 -12.97
C VAL A 221 34.40 18.68 -12.19
N ARG A 222 35.46 19.03 -11.48
CA ARG A 222 36.15 18.11 -10.58
C ARG A 222 36.06 18.65 -9.16
N VAL A 223 35.82 17.75 -8.20
CA VAL A 223 35.68 18.13 -6.80
C VAL A 223 36.77 17.43 -6.01
N TRP A 224 37.50 18.22 -5.22
CA TRP A 224 38.57 17.79 -4.33
C TRP A 224 38.19 18.14 -2.89
N ASN A 225 38.94 17.58 -1.94
CA ASN A 225 38.83 17.97 -0.54
C ASN A 225 39.99 18.92 -0.20
N ARG A 226 40.17 19.19 1.09
CA ARG A 226 41.17 20.18 1.50
C ARG A 226 42.57 19.75 1.07
N GLU A 227 42.99 18.54 1.43
CA GLU A 227 44.36 18.10 1.15
C GLU A 227 44.48 17.31 -0.15
N PHE A 228 43.93 17.87 -1.24
CA PHE A 228 44.05 17.31 -2.59
C PHE A 228 43.85 15.79 -2.63
N ALA A 229 42.65 15.38 -2.26
CA ALA A 229 42.16 14.05 -2.56
C ALA A 229 41.06 14.19 -3.60
N LEU A 230 41.20 13.49 -4.72
CA LEU A 230 40.26 13.64 -5.81
C LEU A 230 38.93 13.02 -5.43
N GLN A 231 37.99 13.86 -4.98
CA GLN A 231 36.70 13.37 -4.52
C GLN A 231 35.88 12.78 -5.66
N SER A 232 35.58 13.60 -6.68
CA SER A 232 34.72 13.08 -7.75
C SER A 232 34.90 13.89 -9.02
N THR A 233 34.39 13.32 -10.11
CA THR A 233 34.36 13.95 -11.43
C THR A 233 32.92 14.03 -11.90
N SER A 234 32.55 15.15 -12.52
CA SER A 234 31.19 15.35 -12.97
C SER A 234 30.83 14.42 -14.11
N GLU A 235 29.53 14.16 -14.26
CA GLU A 235 29.02 13.31 -15.32
C GLU A 235 28.98 14.07 -16.64
N PRO A 236 29.14 13.38 -17.77
CA PRO A 236 29.12 14.06 -19.08
C PRO A 236 27.76 14.68 -19.36
N VAL A 237 27.74 16.00 -19.47
CA VAL A 237 26.52 16.75 -19.76
C VAL A 237 26.83 17.70 -20.91
N ALA A 238 25.94 17.73 -21.90
CA ALA A 238 26.10 18.57 -23.07
C ALA A 238 25.43 19.92 -22.85
N GLY A 239 26.10 20.98 -23.26
CA GLY A 239 25.56 22.32 -23.13
C GLY A 239 25.77 22.98 -21.78
N LEU A 240 26.77 22.53 -21.01
CA LEU A 240 27.02 23.12 -19.71
C LEU A 240 27.55 24.55 -19.85
N GLY A 241 27.06 25.44 -19.00
CA GLY A 241 27.50 26.82 -19.01
C GLY A 241 28.80 27.01 -18.25
N PRO A 242 29.25 28.26 -18.15
CA PRO A 242 30.49 28.55 -17.43
C PRO A 242 30.34 28.83 -15.94
N ALA A 243 29.13 29.13 -15.46
CA ALA A 243 28.96 29.56 -14.08
C ALA A 243 29.16 28.40 -13.11
N LEU A 244 29.44 28.75 -11.85
CA LEU A 244 29.62 27.78 -10.78
C LEU A 244 29.57 28.48 -9.43
N ALA A 245 28.74 27.98 -8.50
CA ALA A 245 28.63 28.59 -7.18
C ALA A 245 28.12 27.54 -6.20
N TRP A 246 29.02 27.00 -5.38
CA TRP A 246 28.61 26.06 -4.34
C TRP A 246 27.75 26.77 -3.30
N LYS A 247 26.66 26.11 -2.89
CA LYS A 247 25.77 26.68 -1.90
C LYS A 247 26.51 26.88 -0.58
N PRO A 248 26.27 27.99 0.13
CA PRO A 248 27.01 28.26 1.37
C PRO A 248 26.87 27.17 2.42
N SER A 249 25.65 26.84 2.83
CA SER A 249 25.45 25.72 3.75
C SER A 249 25.98 24.44 3.12
N GLY A 250 25.61 24.20 1.86
CA GLY A 250 26.28 23.24 1.00
C GLY A 250 25.56 21.92 0.85
N SER A 251 24.74 21.82 -0.20
CA SER A 251 24.28 20.55 -0.72
C SER A 251 24.25 20.49 -2.24
N LEU A 252 24.19 21.63 -2.93
CA LEU A 252 23.99 21.69 -4.37
C LEU A 252 24.93 22.72 -4.96
N ILE A 253 25.57 22.37 -6.08
CA ILE A 253 26.45 23.27 -6.81
C ILE A 253 25.67 23.83 -7.99
N ALA A 254 25.49 25.14 -8.02
CA ALA A 254 24.71 25.75 -9.09
C ALA A 254 25.49 25.78 -10.39
N SER A 255 24.78 25.59 -11.50
CA SER A 255 25.36 25.73 -12.83
C SER A 255 24.21 25.97 -13.80
N THR A 256 24.54 26.19 -15.06
CA THR A 256 23.53 26.45 -16.09
C THR A 256 23.77 25.56 -17.30
N GLN A 257 22.67 25.17 -17.95
CA GLN A 257 22.71 24.29 -19.10
C GLN A 257 21.75 24.79 -20.16
N ASP A 258 22.20 24.79 -21.42
CA ASP A 258 21.36 25.21 -22.53
C ASP A 258 20.84 23.97 -23.24
N LYS A 259 19.57 23.64 -23.01
CA LYS A 259 18.94 22.50 -23.63
C LYS A 259 18.17 22.94 -24.87
N PRO A 260 17.91 22.02 -25.82
CA PRO A 260 17.10 22.39 -26.97
C PRO A 260 15.80 23.06 -26.59
N ASN A 261 15.64 24.32 -27.00
CA ASN A 261 14.48 25.20 -26.82
C ASN A 261 14.39 25.82 -25.42
N GLN A 262 15.40 25.68 -24.56
CA GLN A 262 15.33 26.35 -23.26
C GLN A 262 16.72 26.50 -22.66
N GLN A 263 16.81 27.41 -21.68
CA GLN A 263 17.99 27.60 -20.87
C GLN A 263 17.59 27.41 -19.42
N ASP A 264 18.26 26.50 -18.72
CA ASP A 264 17.87 26.14 -17.38
C ASP A 264 19.06 26.27 -16.44
N ILE A 265 18.75 26.40 -15.15
CA ILE A 265 19.76 26.36 -14.10
C ILE A 265 19.64 25.01 -13.40
N VAL A 266 20.75 24.29 -13.35
CA VAL A 266 20.78 22.94 -12.80
C VAL A 266 21.58 22.95 -11.51
N PHE A 267 21.31 21.98 -10.66
CA PHE A 267 21.95 21.86 -9.35
C PHE A 267 22.66 20.51 -9.29
N PHE A 268 23.98 20.55 -9.37
CA PHE A 268 24.78 19.37 -9.07
C PHE A 268 24.75 19.10 -7.57
N GLU A 269 25.33 17.98 -7.17
CA GLU A 269 25.57 17.67 -5.77
C GLU A 269 27.04 17.28 -5.62
N LYS A 270 27.44 17.03 -4.37
CA LYS A 270 28.84 16.72 -4.11
C LYS A 270 29.32 15.51 -4.89
N ASN A 271 28.43 14.56 -5.18
CA ASN A 271 28.82 13.37 -5.92
C ASN A 271 29.15 13.69 -7.37
N GLY A 272 28.51 14.71 -7.94
CA GLY A 272 28.76 15.11 -9.32
C GLY A 272 27.60 14.89 -10.27
N LEU A 273 26.43 14.54 -9.77
CA LEU A 273 25.28 14.28 -10.63
C LEU A 273 24.20 15.35 -10.44
N LEU A 274 23.45 15.60 -11.50
CA LEU A 274 22.37 16.57 -11.45
C LEU A 274 21.28 16.11 -10.48
N HIS A 275 20.70 17.09 -9.77
CA HIS A 275 19.65 16.82 -8.80
C HIS A 275 18.52 17.84 -8.94
N GLY A 276 18.14 18.14 -10.17
CA GLY A 276 17.04 19.05 -10.45
C GLY A 276 17.49 20.22 -11.29
N HIS A 277 16.54 21.13 -11.52
CA HIS A 277 16.76 22.30 -12.37
C HIS A 277 15.54 23.19 -12.27
N PHE A 278 15.66 24.38 -12.85
CA PHE A 278 14.51 25.26 -13.02
C PHE A 278 14.78 26.18 -14.22
N THR A 279 13.69 26.61 -14.86
CA THR A 279 13.75 27.21 -16.18
C THR A 279 13.63 28.73 -16.09
N LEU A 280 14.59 29.43 -16.69
CA LEU A 280 14.51 30.89 -16.81
C LEU A 280 13.47 31.26 -17.87
N PRO A 281 12.72 32.34 -17.66
CA PRO A 281 11.68 32.75 -18.63
C PRO A 281 12.23 33.56 -19.79
N PHE A 282 12.86 32.87 -20.74
CA PHE A 282 13.44 33.53 -21.90
C PHE A 282 13.43 32.57 -23.08
N LEU A 283 13.52 33.16 -24.28
CA LEU A 283 13.51 32.39 -25.51
C LEU A 283 14.82 31.62 -25.68
N LYS A 284 14.91 30.88 -26.78
CA LYS A 284 16.10 30.09 -27.08
C LYS A 284 17.15 30.94 -27.78
N ASP A 285 18.40 30.79 -27.34
CA ASP A 285 19.56 31.44 -27.96
C ASP A 285 19.41 32.96 -27.99
N GLU A 286 18.92 33.52 -26.88
CA GLU A 286 18.72 34.97 -26.79
C GLU A 286 19.54 35.64 -25.70
N VAL A 287 19.78 34.97 -24.57
CA VAL A 287 20.43 35.59 -23.42
C VAL A 287 21.57 34.69 -22.96
N LYS A 288 22.62 35.30 -22.44
CA LYS A 288 23.78 34.61 -21.92
C LYS A 288 23.85 34.76 -20.41
N VAL A 289 24.26 33.69 -19.73
CA VAL A 289 24.39 33.67 -18.28
C VAL A 289 25.84 33.95 -17.94
N ASN A 290 26.10 35.05 -17.22
CA ASN A 290 27.48 35.41 -16.91
C ASN A 290 28.02 34.59 -15.75
N ASP A 291 27.43 34.73 -14.57
CA ASP A 291 27.88 33.98 -13.40
C ASP A 291 26.76 33.93 -12.38
N LEU A 292 26.87 32.96 -11.46
CA LEU A 292 25.91 32.77 -10.39
C LEU A 292 26.60 32.98 -9.05
N LEU A 293 25.86 33.48 -8.07
CA LEU A 293 26.41 33.75 -6.76
C LEU A 293 25.30 33.64 -5.72
N TRP A 294 25.68 33.18 -4.53
CA TRP A 294 24.73 32.83 -3.48
C TRP A 294 24.69 33.92 -2.41
N ASN A 295 23.68 33.82 -1.55
CA ASN A 295 23.46 34.78 -0.47
C ASN A 295 24.40 34.45 0.69
N ALA A 296 24.28 35.21 1.79
CA ALA A 296 25.08 34.96 2.98
C ALA A 296 24.53 33.83 3.84
N ASP A 297 23.28 33.41 3.60
CA ASP A 297 22.65 32.34 4.36
C ASP A 297 21.89 31.37 3.46
N SER A 298 22.39 31.17 2.23
CA SER A 298 21.84 30.17 1.31
C SER A 298 20.35 30.37 1.08
N SER A 299 19.92 31.63 0.99
CA SER A 299 18.52 31.97 0.88
C SER A 299 18.15 32.52 -0.49
N VAL A 300 18.82 33.57 -0.95
CA VAL A 300 18.49 34.23 -2.20
C VAL A 300 19.59 33.99 -3.21
N LEU A 301 19.21 33.57 -4.41
CA LEU A 301 20.16 33.33 -5.49
C LEU A 301 19.99 34.42 -6.54
N ALA A 302 21.10 35.09 -6.87
CA ALA A 302 21.10 36.16 -7.85
C ALA A 302 21.74 35.65 -9.13
N VAL A 303 21.07 35.86 -10.26
CA VAL A 303 21.56 35.42 -11.56
C VAL A 303 21.79 36.66 -12.42
N TRP A 304 22.89 36.66 -13.17
CA TRP A 304 23.29 37.77 -14.01
C TRP A 304 23.19 37.37 -15.48
N LEU A 305 22.38 38.10 -16.24
CA LEU A 305 22.03 37.78 -17.61
C LEU A 305 22.35 38.96 -18.52
N GLU A 306 22.88 38.66 -19.69
CA GLU A 306 23.21 39.69 -20.67
C GLU A 306 22.57 39.34 -22.01
N ASP A 307 22.01 40.35 -22.67
CA ASP A 307 21.32 40.11 -23.94
C ASP A 307 22.34 39.92 -25.06
N LEU A 308 22.11 38.91 -25.89
CA LEU A 308 22.99 38.63 -27.01
C LEU A 308 22.77 39.64 -28.13
N GLN A 309 23.84 39.95 -28.85
CA GLN A 309 23.78 40.85 -30.01
C GLN A 309 23.61 40.07 -31.31
N ARG A 310 22.59 39.21 -31.36
CA ARG A 310 22.38 38.40 -32.56
C ARG A 310 21.80 39.24 -33.70
N GLU A 311 20.87 40.13 -33.42
CA GLU A 311 20.35 41.06 -34.40
C GLU A 311 21.41 42.11 -34.70
N GLU A 312 21.31 42.71 -35.89
CA GLU A 312 22.29 43.72 -36.29
C GLU A 312 22.30 44.89 -35.32
N SER A 313 21.13 45.33 -34.87
CA SER A 313 21.06 46.35 -33.83
C SER A 313 21.01 45.71 -32.45
N SER A 314 19.94 44.95 -32.18
CA SER A 314 19.78 44.17 -30.95
C SER A 314 20.23 44.95 -29.71
N ILE A 315 19.54 46.07 -29.46
CA ILE A 315 19.81 46.91 -28.31
C ILE A 315 19.79 46.03 -27.06
N PRO A 316 20.95 45.78 -26.45
CA PRO A 316 21.02 44.74 -25.42
C PRO A 316 20.53 45.25 -24.07
N LYS A 317 20.19 44.29 -23.21
CA LYS A 317 19.69 44.57 -21.88
C LYS A 317 20.48 43.75 -20.87
N THR A 318 20.59 44.30 -19.66
CA THR A 318 21.27 43.65 -18.55
C THR A 318 20.24 43.28 -17.49
N CYS A 319 20.33 42.06 -16.95
CA CYS A 319 19.38 41.57 -15.97
C CYS A 319 20.11 41.06 -14.75
N VAL A 320 19.69 41.52 -13.59
CA VAL A 320 20.08 40.94 -12.30
C VAL A 320 18.79 40.45 -11.66
N GLN A 321 18.65 39.13 -11.52
CA GLN A 321 17.40 38.55 -11.08
C GLN A 321 17.57 37.87 -9.74
N LEU A 322 16.66 38.15 -8.82
CA LEU A 322 16.65 37.60 -7.47
C LEU A 322 15.49 36.63 -7.38
N TRP A 323 15.82 35.34 -7.29
CA TRP A 323 14.85 34.28 -7.12
C TRP A 323 14.85 33.82 -5.66
N THR A 324 14.11 32.76 -5.38
CA THR A 324 14.08 32.15 -4.05
C THR A 324 13.48 30.75 -4.19
N VAL A 325 13.30 30.07 -3.06
CA VAL A 325 12.77 28.71 -3.06
C VAL A 325 11.65 28.63 -2.02
N GLY A 326 10.60 27.90 -2.39
CA GLY A 326 9.49 27.66 -1.49
C GLY A 326 9.30 26.17 -1.25
N ASN A 327 8.15 25.64 -1.66
CA ASN A 327 7.90 24.20 -1.61
C ASN A 327 8.52 23.53 -2.85
N TYR A 328 9.84 23.64 -2.94
CA TYR A 328 10.63 23.15 -4.07
C TYR A 328 10.17 23.77 -5.39
N HIS A 329 9.49 24.91 -5.34
CA HIS A 329 9.07 25.65 -6.52
C HIS A 329 9.71 27.03 -6.45
N TRP A 330 10.51 27.37 -7.46
CA TRP A 330 11.39 28.53 -7.39
C TRP A 330 10.65 29.78 -7.83
N TYR A 331 10.31 30.65 -6.87
CA TYR A 331 9.72 31.94 -7.18
C TYR A 331 10.76 32.87 -7.79
N LEU A 332 10.27 33.85 -8.54
CA LEU A 332 11.12 34.94 -9.06
C LEU A 332 10.61 36.23 -8.44
N LYS A 333 11.40 36.81 -7.53
CA LYS A 333 10.93 37.92 -6.71
C LYS A 333 11.39 39.29 -7.21
N GLN A 334 12.59 39.40 -7.79
CA GLN A 334 13.08 40.70 -8.22
C GLN A 334 13.77 40.58 -9.56
N SER A 335 13.69 41.66 -10.35
CA SER A 335 14.39 41.75 -11.62
C SER A 335 14.84 43.18 -11.84
N LEU A 336 16.13 43.37 -12.08
CA LEU A 336 16.73 44.69 -12.23
C LEU A 336 17.37 44.78 -13.61
N SER A 337 17.15 45.92 -14.27
CA SER A 337 17.60 46.10 -15.66
C SER A 337 18.53 47.30 -15.74
N PHE A 338 19.78 47.06 -16.09
CA PHE A 338 20.74 48.12 -16.35
C PHE A 338 20.72 48.47 -17.84
N SER A 339 21.69 49.26 -18.28
CA SER A 339 22.02 49.42 -19.68
C SER A 339 23.26 48.60 -19.98
N THR A 340 23.24 47.92 -21.13
CA THR A 340 24.32 46.98 -21.43
C THR A 340 25.64 47.70 -21.74
N CYS A 341 25.66 48.51 -22.79
CA CYS A 341 26.87 49.16 -23.25
C CYS A 341 26.78 50.66 -23.01
N GLY A 342 27.94 51.30 -22.87
CA GLY A 342 28.02 52.71 -22.54
C GLY A 342 28.59 52.92 -21.16
N LYS A 343 28.10 53.92 -20.44
CA LYS A 343 28.52 54.14 -19.06
C LYS A 343 27.60 53.38 -18.10
N SER A 344 27.36 52.11 -18.41
CA SER A 344 26.59 51.23 -17.53
C SER A 344 27.10 49.80 -17.48
N LYS A 345 28.22 49.48 -18.14
CA LYS A 345 28.77 48.13 -18.14
C LYS A 345 28.93 47.62 -16.71
N ILE A 346 28.18 46.59 -16.36
CA ILE A 346 28.27 46.02 -15.02
C ILE A 346 29.54 45.18 -14.94
N VAL A 347 30.48 45.58 -14.09
CA VAL A 347 31.75 44.90 -13.99
C VAL A 347 31.70 43.76 -12.99
N SER A 348 31.17 43.99 -11.79
CA SER A 348 31.14 42.89 -10.84
C SER A 348 30.06 43.10 -9.79
N LEU A 349 29.66 41.99 -9.16
CA LEU A 349 28.67 41.97 -8.10
C LEU A 349 29.25 41.22 -6.90
N MET A 350 28.88 41.65 -5.70
CA MET A 350 29.31 40.99 -4.47
C MET A 350 28.18 40.99 -3.45
N TRP A 351 27.75 39.80 -3.04
CA TRP A 351 26.90 39.69 -1.87
C TRP A 351 27.71 39.99 -0.62
N ASP A 352 27.09 40.64 0.35
CA ASP A 352 27.80 41.00 1.57
C ASP A 352 28.08 39.74 2.38
N PRO A 353 29.35 39.44 2.69
CA PRO A 353 29.63 38.22 3.46
C PRO A 353 29.14 38.26 4.90
N VAL A 354 28.84 39.45 5.43
CA VAL A 354 28.41 39.57 6.82
C VAL A 354 26.95 39.98 6.88
N THR A 355 26.62 41.12 6.28
CA THR A 355 25.24 41.59 6.27
C THR A 355 24.38 40.62 5.46
N PRO A 356 23.23 40.20 5.98
CA PRO A 356 22.44 39.16 5.28
C PRO A 356 22.01 39.54 3.88
N TYR A 357 21.29 40.65 3.72
CA TYR A 357 20.72 41.05 2.43
C TYR A 357 21.31 42.39 2.03
N ARG A 358 22.46 42.35 1.34
CA ARG A 358 23.10 43.55 0.83
C ARG A 358 23.94 43.16 -0.36
N LEU A 359 23.75 43.86 -1.47
CA LEU A 359 24.44 43.55 -2.72
C LEU A 359 25.18 44.78 -3.21
N HIS A 360 26.46 44.61 -3.55
CA HIS A 360 27.30 45.69 -4.05
C HIS A 360 27.56 45.50 -5.53
N VAL A 361 27.44 46.57 -6.29
CA VAL A 361 27.57 46.57 -7.74
C VAL A 361 28.69 47.53 -8.12
N LEU A 362 29.62 47.07 -8.94
CA LEU A 362 30.67 47.92 -9.51
C LEU A 362 30.48 47.94 -11.02
N CYS A 363 30.21 49.13 -11.55
CA CYS A 363 30.05 49.37 -12.97
C CYS A 363 31.42 49.66 -13.59
N GLN A 364 31.42 50.13 -14.84
CA GLN A 364 32.66 50.36 -15.56
C GLN A 364 33.16 51.80 -15.45
N GLY A 365 32.25 52.77 -15.43
CA GLY A 365 32.65 54.15 -15.38
C GLY A 365 32.92 54.67 -13.98
N TRP A 366 33.61 53.87 -13.17
CA TRP A 366 33.90 54.20 -11.77
C TRP A 366 32.61 54.55 -11.02
N HIS A 367 31.75 53.55 -10.92
CA HIS A 367 30.42 53.71 -10.35
C HIS A 367 30.17 52.65 -9.30
N TYR A 368 29.60 53.07 -8.17
CA TYR A 368 29.40 52.20 -7.01
C TYR A 368 27.92 52.19 -6.64
N LEU A 369 27.35 50.99 -6.49
CA LEU A 369 25.95 50.81 -6.13
C LEU A 369 25.84 49.86 -4.95
N ALA A 370 24.87 50.10 -4.07
CA ALA A 370 24.62 49.23 -2.93
C ALA A 370 23.13 49.13 -2.70
N TYR A 371 22.63 47.89 -2.61
CA TYR A 371 21.21 47.62 -2.48
C TYR A 371 20.95 46.81 -1.21
N ASP A 372 19.88 47.16 -0.48
CA ASP A 372 19.52 46.49 0.76
C ASP A 372 18.07 46.03 0.69
N TRP A 373 17.80 44.83 1.19
CA TRP A 373 16.49 44.20 1.11
C TRP A 373 16.09 43.62 2.46
N HIS A 374 14.80 43.34 2.61
CA HIS A 374 14.27 42.70 3.80
C HIS A 374 12.93 42.05 3.47
N TRP A 375 12.66 40.92 4.12
CA TRP A 375 11.46 40.16 3.85
C TRP A 375 10.23 40.84 4.45
N THR A 376 9.07 40.55 3.85
CA THR A 376 7.78 41.01 4.35
C THR A 376 6.69 40.28 3.58
N THR A 377 5.44 40.46 4.05
CA THR A 377 4.27 39.92 3.37
C THR A 377 3.24 41.03 3.22
N ASP A 378 2.43 40.91 2.17
CA ASP A 378 1.45 41.94 1.81
C ASP A 378 0.05 41.42 2.16
N ARG A 379 -0.61 42.10 3.09
CA ARG A 379 -1.92 41.70 3.57
C ARG A 379 -2.81 42.93 3.70
N SER A 380 -4.12 42.68 3.65
CA SER A 380 -5.13 43.74 3.63
C SER A 380 -5.82 43.83 4.98
N VAL A 381 -6.00 45.06 5.46
CA VAL A 381 -6.67 45.32 6.73
C VAL A 381 -7.77 46.33 6.48
N GLY A 382 -8.96 46.04 6.98
CA GLY A 382 -10.09 46.93 6.78
C GLY A 382 -11.16 46.72 7.83
N ASP A 383 -12.34 47.27 7.53
CA ASP A 383 -13.47 47.13 8.45
C ASP A 383 -13.82 45.65 8.59
N ASN A 384 -14.14 45.24 9.82
CA ASN A 384 -14.33 43.82 10.11
C ASN A 384 -15.52 43.24 9.38
N SER A 385 -16.53 44.05 9.09
CA SER A 385 -17.75 43.53 8.47
C SER A 385 -17.56 43.22 6.98
N SER A 386 -16.63 43.89 6.31
CA SER A 386 -16.47 43.74 4.87
C SER A 386 -15.11 43.24 4.42
N ASP A 387 -14.06 43.50 5.20
CA ASP A 387 -12.72 43.11 4.78
C ASP A 387 -12.58 41.59 4.74
N LEU A 388 -11.96 41.10 3.67
CA LEU A 388 -11.52 39.71 3.56
C LEU A 388 -10.01 39.72 3.57
N SER A 389 -9.41 39.04 4.56
CA SER A 389 -7.95 39.02 4.68
C SER A 389 -7.34 38.39 3.44
N ASN A 390 -6.35 39.06 2.86
CA ASN A 390 -5.75 38.65 1.61
C ASN A 390 -4.24 38.51 1.75
N VAL A 391 -3.66 37.71 0.85
CA VAL A 391 -2.21 37.59 0.73
C VAL A 391 -1.86 37.63 -0.75
N ALA A 392 -0.92 38.50 -1.11
CA ALA A 392 -0.45 38.62 -2.48
C ALA A 392 1.01 38.20 -2.55
N VAL A 393 1.31 37.24 -3.42
CA VAL A 393 2.63 36.65 -3.52
C VAL A 393 3.12 36.79 -4.96
N ILE A 394 4.36 37.23 -5.12
CA ILE A 394 4.94 37.49 -6.43
C ILE A 394 5.65 36.24 -6.93
N ASP A 395 5.48 35.92 -8.21
CA ASP A 395 6.20 34.83 -8.87
C ASP A 395 6.69 35.29 -10.24
N GLY A 396 7.25 36.49 -10.29
CA GLY A 396 7.76 37.03 -11.55
C GLY A 396 6.72 37.82 -12.32
N ASN A 397 6.14 37.19 -13.34
CA ASN A 397 5.11 37.83 -14.14
C ASN A 397 3.69 37.48 -13.70
N ARG A 398 3.53 36.75 -12.62
CA ARG A 398 2.21 36.44 -12.06
C ARG A 398 2.13 36.89 -10.61
N VAL A 399 0.90 37.02 -10.13
CA VAL A 399 0.61 37.33 -8.74
C VAL A 399 -0.40 36.29 -8.27
N LEU A 400 -0.05 35.55 -7.22
CA LEU A 400 -0.88 34.42 -6.75
C LEU A 400 -1.68 34.88 -5.54
N VAL A 401 -2.84 35.48 -5.77
CA VAL A 401 -3.61 36.03 -4.67
C VAL A 401 -4.31 34.90 -3.92
N THR A 402 -4.44 35.07 -2.60
CA THR A 402 -5.14 34.09 -1.77
C THR A 402 -6.04 34.85 -0.80
N VAL A 403 -7.32 34.51 -0.81
CA VAL A 403 -8.29 35.11 0.12
C VAL A 403 -8.46 34.13 1.27
N PHE A 404 -7.96 34.51 2.45
CA PHE A 404 -7.95 33.60 3.59
C PHE A 404 -9.24 33.64 4.40
N ARG A 405 -10.17 34.54 4.08
CA ARG A 405 -11.44 34.55 4.79
C ARG A 405 -12.30 33.35 4.44
N GLN A 406 -12.22 32.87 3.19
CA GLN A 406 -13.05 31.77 2.72
C GLN A 406 -12.24 30.51 2.48
N THR A 407 -11.19 30.58 1.66
CA THR A 407 -10.42 29.41 1.26
C THR A 407 -9.02 29.51 1.85
N VAL A 408 -8.79 28.75 2.92
CA VAL A 408 -7.44 28.65 3.50
C VAL A 408 -6.63 27.72 2.60
N VAL A 409 -5.71 28.28 1.83
CA VAL A 409 -5.07 27.56 0.73
C VAL A 409 -3.56 27.47 0.97
N PRO A 410 -2.93 26.32 0.70
CA PRO A 410 -1.48 26.20 0.88
C PRO A 410 -0.72 27.15 -0.03
N PRO A 411 0.56 27.36 0.21
CA PRO A 411 1.32 28.39 -0.54
C PRO A 411 1.36 28.14 -2.03
N PRO A 412 1.80 26.97 -2.52
CA PRO A 412 1.98 26.82 -3.97
C PRO A 412 0.70 26.98 -4.76
N MET A 413 -0.46 26.76 -4.16
CA MET A 413 -1.74 26.99 -4.79
C MET A 413 -2.27 28.37 -4.40
N CYS A 414 -3.36 28.77 -5.04
CA CYS A 414 -3.89 30.11 -4.81
C CYS A 414 -5.37 30.12 -5.15
N THR A 415 -6.06 31.16 -4.66
CA THR A 415 -7.46 31.34 -4.98
C THR A 415 -7.63 31.81 -6.42
N TYR A 416 -7.02 32.94 -6.77
CA TYR A 416 -6.98 33.41 -8.15
C TYR A 416 -5.59 33.95 -8.47
N GLN A 417 -5.38 34.20 -9.75
CA GLN A 417 -4.04 34.44 -10.30
C GLN A 417 -4.15 35.62 -11.28
N LEU A 418 -3.26 36.59 -11.12
CA LEU A 418 -3.21 37.72 -12.04
C LEU A 418 -1.97 37.63 -12.91
N LEU A 419 -2.14 37.82 -14.21
CA LEU A 419 -1.07 37.67 -15.19
C LEU A 419 -0.68 39.04 -15.74
N PHE A 420 0.62 39.22 -15.94
CA PHE A 420 1.17 40.47 -16.42
C PHE A 420 2.22 40.20 -17.49
N PRO A 421 2.41 41.12 -18.43
CA PRO A 421 3.33 40.83 -19.55
C PRO A 421 4.79 40.77 -19.14
N HIS A 422 5.23 41.64 -18.23
CA HIS A 422 6.62 41.72 -17.82
C HIS A 422 6.75 41.68 -16.31
N PRO A 423 7.89 41.17 -15.78
CA PRO A 423 8.00 40.87 -14.34
C PRO A 423 7.51 41.95 -13.39
N VAL A 424 7.04 41.50 -12.23
CA VAL A 424 6.47 42.36 -11.19
C VAL A 424 7.52 42.63 -10.12
N ASN A 425 7.50 43.84 -9.58
CA ASN A 425 8.45 44.20 -8.54
C ASN A 425 7.79 44.53 -7.20
N GLN A 426 6.76 45.38 -7.19
CA GLN A 426 6.11 45.79 -5.95
C GLN A 426 4.62 45.55 -6.04
N VAL A 427 4.03 45.12 -4.93
CA VAL A 427 2.60 44.83 -4.84
C VAL A 427 2.07 45.41 -3.53
N THR A 428 0.91 46.06 -3.59
CA THR A 428 0.34 46.67 -2.40
C THR A 428 -1.18 46.70 -2.52
N PHE A 429 -1.84 46.78 -1.36
CA PHE A 429 -3.29 46.82 -1.26
C PHE A 429 -3.76 48.22 -0.87
N LEU A 430 -5.01 48.51 -1.21
CA LEU A 430 -5.62 49.78 -0.83
C LEU A 430 -5.79 49.85 0.68
N ALA A 431 -5.68 51.05 1.22
CA ALA A 431 -5.78 51.27 2.66
C ALA A 431 -7.14 51.84 3.08
N HIS A 432 -8.10 51.92 2.18
CA HIS A 432 -9.42 52.44 2.55
C HIS A 432 -10.13 51.45 3.47
N PRO A 433 -10.78 51.92 4.54
CA PRO A 433 -11.40 50.98 5.49
C PRO A 433 -12.48 50.11 4.88
N GLN A 434 -13.27 50.64 3.94
CA GLN A 434 -14.38 49.90 3.37
C GLN A 434 -14.07 49.31 2.00
N LYS A 435 -12.83 49.47 1.50
CA LYS A 435 -12.45 48.97 0.18
C LYS A 435 -11.12 48.26 0.23
N SER A 436 -10.77 47.64 1.36
CA SER A 436 -9.46 47.03 1.53
C SER A 436 -9.40 45.65 0.84
N ASN A 437 -9.72 45.67 -0.45
CA ASN A 437 -9.58 44.48 -1.28
C ASN A 437 -9.13 44.79 -2.70
N ASP A 438 -8.86 46.05 -3.03
CA ASP A 438 -8.48 46.45 -4.38
C ASP A 438 -6.96 46.46 -4.47
N LEU A 439 -6.42 45.56 -5.29
CA LEU A 439 -4.98 45.42 -5.44
C LEU A 439 -4.42 46.49 -6.37
N ALA A 440 -3.11 46.74 -6.25
CA ALA A 440 -2.40 47.68 -7.12
C ALA A 440 -1.01 47.10 -7.36
N VAL A 441 -0.75 46.68 -8.60
CA VAL A 441 0.47 45.96 -8.93
C VAL A 441 1.36 46.84 -9.79
N LEU A 442 2.62 47.00 -9.37
CA LEU A 442 3.64 47.70 -10.13
C LEU A 442 4.59 46.70 -10.76
N ASP A 443 5.09 47.02 -11.95
CA ASP A 443 5.95 46.11 -12.69
C ASP A 443 7.23 46.83 -13.11
N ALA A 444 8.13 46.08 -13.75
CA ALA A 444 9.46 46.60 -14.07
C ALA A 444 9.38 47.78 -15.02
N SER A 445 8.52 47.69 -16.04
CA SER A 445 8.40 48.75 -17.05
C SER A 445 7.48 49.88 -16.60
N ASN A 446 7.24 50.02 -15.30
CA ASN A 446 6.52 51.16 -14.73
C ASN A 446 5.12 51.30 -15.32
N GLN A 447 4.29 50.29 -15.04
CA GLN A 447 2.88 50.27 -15.45
C GLN A 447 2.05 49.92 -14.23
N ILE A 448 1.56 50.95 -13.53
CA ILE A 448 0.77 50.74 -12.31
C ILE A 448 -0.63 50.31 -12.72
N SER A 449 -0.90 49.02 -12.63
CA SER A 449 -2.24 48.51 -12.85
C SER A 449 -3.08 48.67 -11.59
N VAL A 450 -4.40 48.75 -11.77
CA VAL A 450 -5.34 48.87 -10.66
C VAL A 450 -6.39 47.78 -10.84
N TYR A 451 -6.17 46.63 -10.18
CA TYR A 451 -7.14 45.54 -10.20
C TYR A 451 -8.14 45.76 -9.07
N LYS A 452 -9.42 45.72 -9.42
CA LYS A 452 -10.48 46.05 -8.48
C LYS A 452 -11.59 45.01 -8.55
N CYS A 453 -12.17 44.70 -7.40
CA CYS A 453 -13.28 43.76 -7.33
C CYS A 453 -14.61 44.49 -7.53
N GLY A 454 -15.49 43.88 -8.31
CA GLY A 454 -16.76 44.49 -8.63
C GLY A 454 -17.88 43.47 -8.66
N ASP A 455 -19.09 43.97 -8.91
CA ASP A 455 -20.27 43.10 -8.98
C ASP A 455 -20.13 42.09 -10.11
N CYS A 456 -20.05 42.57 -11.35
CA CYS A 456 -19.82 41.69 -12.48
C CYS A 456 -18.33 41.39 -12.60
N PRO A 457 -17.93 40.12 -12.67
CA PRO A 457 -16.50 39.80 -12.81
C PRO A 457 -15.87 40.34 -14.07
N SER A 458 -16.66 40.66 -15.10
CA SER A 458 -16.26 41.22 -16.38
C SER A 458 -15.49 40.23 -17.24
N ALA A 459 -15.18 39.04 -16.73
CA ALA A 459 -14.59 37.95 -17.51
C ALA A 459 -13.31 38.37 -18.22
N ASP A 460 -12.56 39.29 -17.65
CA ASP A 460 -11.29 39.68 -18.24
C ASP A 460 -10.27 38.56 -18.08
N PRO A 461 -9.52 38.22 -19.12
CA PRO A 461 -8.62 37.05 -19.04
C PRO A 461 -7.46 37.22 -18.06
N THR A 462 -7.18 38.43 -17.61
CA THR A 462 -6.05 38.66 -16.71
C THR A 462 -6.26 38.03 -15.34
N VAL A 463 -7.48 37.58 -15.02
CA VAL A 463 -7.77 36.95 -13.73
C VAL A 463 -8.14 35.51 -14.04
N LYS A 464 -7.31 34.57 -13.58
CA LYS A 464 -7.50 33.15 -13.83
C LYS A 464 -7.76 32.43 -12.52
N LEU A 465 -8.71 31.51 -12.53
CA LEU A 465 -9.05 30.76 -11.33
C LEU A 465 -7.90 29.83 -10.94
N GLY A 466 -7.73 29.67 -9.63
CA GLY A 466 -6.65 28.86 -9.11
C GLY A 466 -7.04 27.43 -8.83
N ALA A 467 -7.00 27.02 -7.56
CA ALA A 467 -7.34 25.66 -7.17
C ALA A 467 -8.79 25.50 -6.75
N VAL A 468 -9.58 26.57 -6.78
CA VAL A 468 -10.98 26.52 -6.37
C VAL A 468 -11.91 26.54 -7.57
N GLY A 469 -11.39 26.32 -8.77
CA GLY A 469 -12.21 26.35 -9.96
C GLY A 469 -11.99 25.10 -10.80
N GLY A 470 -12.92 24.88 -11.73
CA GLY A 470 -12.86 23.74 -12.61
C GLY A 470 -14.25 23.22 -12.90
N SER A 471 -14.29 22.11 -13.62
CA SER A 471 -15.56 21.47 -13.95
C SER A 471 -16.23 20.96 -12.68
N GLY A 472 -17.46 21.40 -12.45
CA GLY A 472 -18.18 21.02 -11.24
C GLY A 472 -17.70 21.74 -10.00
N PHE A 473 -16.40 21.75 -9.75
CA PHE A 473 -15.84 22.46 -8.61
C PHE A 473 -16.11 23.95 -8.76
N LYS A 474 -16.84 24.52 -7.80
CA LYS A 474 -17.17 25.94 -7.87
C LYS A 474 -17.48 26.44 -6.47
N VAL A 475 -16.85 27.55 -6.09
CA VAL A 475 -17.10 28.23 -4.82
C VAL A 475 -17.58 29.64 -5.13
N CYS A 476 -18.56 30.11 -4.36
CA CYS A 476 -19.18 31.41 -4.62
C CYS A 476 -18.30 32.52 -4.06
N LEU A 477 -17.55 33.17 -4.94
CA LEU A 477 -16.77 34.35 -4.57
C LEU A 477 -16.70 35.27 -5.78
N ARG A 478 -16.25 36.50 -5.54
CA ARG A 478 -16.12 37.51 -6.58
C ARG A 478 -14.64 37.81 -6.80
N THR A 479 -14.21 37.70 -8.05
CA THR A 479 -12.83 37.98 -8.39
C THR A 479 -12.68 39.42 -8.88
N PRO A 480 -11.53 40.04 -8.64
CA PRO A 480 -11.31 41.39 -9.16
C PRO A 480 -11.25 41.41 -10.67
N HIS A 481 -11.54 42.58 -11.24
CA HIS A 481 -11.41 42.79 -12.67
C HIS A 481 -10.60 44.05 -12.90
N LEU A 482 -9.80 44.04 -13.98
CA LEU A 482 -8.91 45.16 -14.26
C LEU A 482 -9.71 46.42 -14.54
N GLU A 483 -9.21 47.55 -14.01
CA GLU A 483 -9.87 48.83 -14.19
C GLU A 483 -9.01 49.82 -14.97
N LYS A 484 -7.76 50.01 -14.56
CA LYS A 484 -6.89 50.98 -15.23
C LYS A 484 -5.46 50.47 -15.28
N ARG A 485 -4.70 51.01 -16.21
CA ARG A 485 -3.30 50.68 -16.47
C ARG A 485 -2.46 51.93 -16.45
N TYR A 486 -2.59 52.72 -15.38
CA TYR A 486 -1.92 54.01 -15.25
C TYR A 486 -0.44 53.92 -15.62
N LYS A 487 0.04 54.95 -16.32
CA LYS A 487 1.43 55.06 -16.74
C LYS A 487 2.08 56.21 -15.99
N ILE A 488 3.21 55.94 -15.34
CA ILE A 488 3.89 56.94 -14.52
C ILE A 488 4.62 57.92 -15.44
N GLN A 489 4.48 59.21 -15.17
CA GLN A 489 5.26 60.21 -15.87
C GLN A 489 6.22 60.88 -14.89
N PHE A 490 7.42 61.18 -15.37
CA PHE A 490 8.45 61.82 -14.56
C PHE A 490 8.79 63.20 -15.13
N GLU A 491 9.49 63.99 -14.32
CA GLU A 491 9.85 65.35 -14.73
C GLU A 491 10.69 65.34 -15.99
N ASN A 492 10.39 66.28 -16.89
CA ASN A 492 11.09 66.42 -18.16
C ASN A 492 11.12 65.10 -18.93
N ASN A 493 12.22 64.84 -19.64
CA ASN A 493 12.42 63.59 -20.36
C ASN A 493 13.85 63.09 -20.16
N GLU A 494 14.31 63.16 -18.92
CA GLU A 494 15.65 62.69 -18.60
C GLU A 494 15.73 61.18 -18.80
N ASP A 495 16.95 60.64 -18.72
CA ASP A 495 17.20 59.23 -18.93
C ASP A 495 16.99 58.42 -17.67
N GLN A 496 16.13 58.89 -16.77
CA GLN A 496 15.92 58.29 -15.45
C GLN A 496 17.25 58.26 -14.70
N ASP A 497 17.93 57.12 -14.75
CA ASP A 497 19.26 56.94 -14.19
C ASP A 497 19.70 55.54 -14.60
N VAL A 498 21.00 55.27 -14.45
CA VAL A 498 21.50 53.91 -14.61
C VAL A 498 20.92 52.98 -13.56
N ASN A 499 20.35 53.55 -12.50
CA ASN A 499 19.64 52.77 -11.50
C ASN A 499 18.35 52.21 -12.11
N PRO A 500 18.16 50.89 -12.14
CA PRO A 500 16.90 50.36 -12.68
C PRO A 500 15.66 50.81 -11.94
N LEU A 501 15.75 51.03 -10.63
CA LEU A 501 14.60 51.42 -9.83
C LEU A 501 14.72 52.87 -9.40
N LYS A 502 13.65 53.63 -9.63
CA LYS A 502 13.57 55.02 -9.19
C LYS A 502 12.55 55.26 -8.09
N LEU A 503 11.64 54.32 -7.84
CA LEU A 503 10.60 54.47 -6.83
C LEU A 503 10.59 53.23 -5.94
N GLY A 504 10.44 53.45 -4.63
CA GLY A 504 10.35 52.36 -3.70
C GLY A 504 9.34 52.69 -2.61
N LEU A 505 8.82 51.63 -1.98
CA LEU A 505 7.83 51.74 -0.91
C LEU A 505 6.60 52.52 -1.37
N LEU A 506 5.92 51.97 -2.38
CA LEU A 506 4.72 52.59 -2.91
C LEU A 506 3.56 52.35 -1.95
N THR A 507 2.83 53.42 -1.63
CA THR A 507 1.73 53.36 -0.68
C THR A 507 0.49 53.96 -1.31
N TRP A 508 -0.60 53.19 -1.30
CA TRP A 508 -1.86 53.59 -1.94
C TRP A 508 -2.80 54.17 -0.89
N ILE A 509 -2.42 55.33 -0.35
CA ILE A 509 -3.14 55.92 0.77
C ILE A 509 -4.58 56.29 0.41
N GLU A 510 -4.86 56.58 -0.86
CA GLU A 510 -6.22 56.88 -1.28
C GLU A 510 -6.35 56.48 -2.74
N GLU A 511 -7.60 56.27 -3.17
CA GLU A 511 -7.89 55.69 -4.48
C GLU A 511 -7.21 56.46 -5.60
N ASP A 512 -7.06 57.76 -5.45
CA ASP A 512 -6.41 58.61 -6.44
C ASP A 512 -4.97 58.95 -6.09
N VAL A 513 -4.67 59.16 -4.82
CA VAL A 513 -3.37 59.67 -4.39
C VAL A 513 -2.48 58.51 -3.94
N PHE A 514 -1.28 58.45 -4.48
CA PHE A 514 -0.27 57.47 -4.11
C PHE A 514 0.87 58.17 -3.36
N LEU A 515 1.87 57.39 -2.96
CA LEU A 515 3.03 57.93 -2.28
C LEU A 515 4.25 57.08 -2.61
N ALA A 516 5.37 57.76 -2.87
CA ALA A 516 6.63 57.08 -3.12
C ALA A 516 7.76 57.99 -2.63
N VAL A 517 8.93 57.38 -2.42
CA VAL A 517 10.08 58.08 -1.84
C VAL A 517 11.31 57.76 -2.67
N SER A 518 12.17 58.75 -2.82
CA SER A 518 13.44 58.60 -3.54
C SER A 518 14.56 59.26 -2.76
N HIS A 519 15.78 58.77 -2.98
CA HIS A 519 16.97 59.27 -2.30
C HIS A 519 17.82 60.07 -3.27
N SER A 520 18.08 61.33 -2.93
CA SER A 520 18.98 62.15 -3.72
C SER A 520 20.43 61.72 -3.47
N GLU A 521 21.20 61.65 -4.55
CA GLU A 521 22.56 61.12 -4.47
C GLU A 521 23.49 61.96 -3.62
N PHE A 522 23.51 63.28 -3.81
CA PHE A 522 24.51 64.13 -3.16
C PHE A 522 24.14 64.45 -1.71
N SER A 523 23.03 65.11 -1.51
CA SER A 523 22.65 65.40 -0.13
C SER A 523 21.81 64.28 0.44
N PRO A 524 21.80 64.12 1.77
CA PRO A 524 20.86 63.15 2.38
C PRO A 524 19.41 63.53 2.24
N ARG A 525 19.10 64.63 1.54
CA ARG A 525 17.73 65.04 1.31
C ARG A 525 16.96 63.96 0.57
N SER A 526 15.99 63.37 1.25
CA SER A 526 15.06 62.43 0.64
C SER A 526 13.84 63.18 0.14
N VAL A 527 13.23 62.67 -0.91
CA VAL A 527 12.10 63.33 -1.58
C VAL A 527 10.90 62.41 -1.56
N ILE A 528 9.75 62.97 -1.21
CA ILE A 528 8.47 62.27 -1.21
C ILE A 528 7.64 62.83 -2.36
N HIS A 529 7.22 61.95 -3.25
CA HIS A 529 6.46 62.36 -4.42
C HIS A 529 4.95 62.19 -4.17
N HIS A 530 4.16 62.72 -5.09
CA HIS A 530 2.71 62.59 -5.09
C HIS A 530 2.27 62.22 -6.50
N LEU A 531 2.21 60.92 -6.78
CA LEU A 531 1.78 60.43 -8.10
C LEU A 531 0.25 60.54 -8.20
N THR A 532 -0.21 61.77 -8.37
CA THR A 532 -1.64 62.00 -8.46
C THR A 532 -2.19 61.49 -9.78
N ALA A 533 -3.51 61.32 -9.83
CA ALA A 533 -4.19 60.81 -11.01
C ALA A 533 -4.52 61.98 -11.92
N ALA A 534 -3.67 62.21 -12.93
CA ALA A 534 -3.96 63.22 -13.93
C ALA A 534 -5.21 62.88 -14.72
N SER A 535 -5.37 61.60 -15.07
CA SER A 535 -6.59 61.15 -15.73
C SER A 535 -7.75 61.22 -14.74
N SER A 536 -8.80 61.94 -15.13
CA SER A 536 -9.92 62.17 -14.21
C SER A 536 -10.69 60.88 -13.95
N GLU A 537 -11.02 60.14 -14.99
CA GLU A 537 -11.86 58.95 -14.85
C GLU A 537 -11.47 57.96 -15.94
N MET A 538 -12.35 57.01 -16.22
CA MET A 538 -12.08 55.96 -17.20
C MET A 538 -12.26 56.53 -18.61
N ASP A 539 -11.44 57.53 -18.95
CA ASP A 539 -11.51 58.11 -20.28
C ASP A 539 -10.89 57.21 -21.34
N GLU A 540 -9.74 56.63 -21.03
CA GLU A 540 -8.99 55.81 -21.97
C GLU A 540 -7.99 54.97 -21.19
N GLU A 541 -7.74 53.76 -21.66
CA GLU A 541 -6.69 52.94 -21.06
C GLU A 541 -5.34 53.64 -21.21
N HIS A 542 -4.37 53.19 -20.42
CA HIS A 542 -3.04 53.79 -20.36
C HIS A 542 -3.13 55.22 -19.81
N GLY A 543 -3.73 55.35 -18.64
CA GLY A 543 -3.84 56.63 -17.99
C GLY A 543 -2.48 57.13 -17.50
N GLN A 544 -2.48 58.38 -17.06
CA GLN A 544 -1.25 59.06 -16.68
C GLN A 544 -1.27 59.39 -15.20
N LEU A 545 -0.19 59.05 -14.51
CA LEU A 545 0.03 59.43 -13.13
C LEU A 545 1.13 60.49 -13.10
N ASN A 546 0.80 61.67 -12.57
CA ASN A 546 1.68 62.83 -12.65
C ASN A 546 2.20 63.20 -11.26
N VAL A 547 3.47 63.55 -11.19
CA VAL A 547 4.08 63.96 -9.93
C VAL A 547 3.62 65.39 -9.64
N SER A 548 2.60 65.54 -8.80
CA SER A 548 2.03 66.83 -8.49
C SER A 548 2.72 67.52 -7.32
N SER A 549 3.64 66.85 -6.64
CA SER A 549 4.36 67.45 -5.53
C SER A 549 5.65 66.68 -5.30
N SER A 550 6.58 67.33 -4.62
CA SER A 550 7.84 66.69 -4.23
C SER A 550 8.34 67.41 -2.98
N ALA A 551 8.10 66.80 -1.82
CA ALA A 551 8.56 67.36 -0.57
C ALA A 551 9.96 66.85 -0.25
N ALA A 552 10.77 67.71 0.38
CA ALA A 552 12.15 67.39 0.71
C ALA A 552 12.30 67.34 2.23
N VAL A 553 12.79 66.22 2.73
CA VAL A 553 13.08 66.06 4.15
C VAL A 553 14.48 65.46 4.31
N ASP A 554 15.27 66.05 5.20
CA ASP A 554 16.66 65.65 5.34
C ASP A 554 16.78 64.25 5.92
N GLY A 555 17.77 63.51 5.47
CA GLY A 555 18.08 62.21 6.02
C GLY A 555 17.52 61.08 5.16
N VAL A 556 18.14 59.91 5.28
CA VAL A 556 17.67 58.73 4.58
C VAL A 556 16.37 58.26 5.21
N ILE A 557 15.40 57.87 4.40
CA ILE A 557 14.15 57.29 4.86
C ILE A 557 14.21 55.79 4.62
N ILE A 558 13.94 55.00 5.65
CA ILE A 558 14.02 53.55 5.53
C ILE A 558 12.65 52.88 5.51
N SER A 559 11.62 53.51 6.06
CA SER A 559 10.29 52.92 6.03
C SER A 559 9.24 54.01 6.21
N LEU A 560 8.09 53.77 5.60
CA LEU A 560 6.94 54.67 5.68
C LEU A 560 5.69 53.83 5.89
N CYS A 561 4.77 54.35 6.70
CA CYS A 561 3.50 53.68 6.93
C CYS A 561 2.41 54.73 7.10
N CYS A 562 1.16 54.27 7.14
CA CYS A 562 0.03 55.17 7.27
C CYS A 562 -1.05 54.52 8.13
N ASN A 563 -1.80 55.37 8.82
CA ASN A 563 -2.95 54.91 9.57
C ASN A 563 -4.10 54.56 8.63
N SER A 564 -5.00 53.70 9.10
CA SER A 564 -6.16 53.30 8.31
C SER A 564 -7.40 54.14 8.57
N LYS A 565 -7.62 54.56 9.82
CA LYS A 565 -8.77 55.38 10.15
C LYS A 565 -8.49 56.87 10.05
N THR A 566 -7.52 57.38 10.81
CA THR A 566 -7.11 58.77 10.69
C THR A 566 -6.27 59.05 9.46
N LYS A 567 -5.64 58.02 8.90
CA LYS A 567 -4.77 58.14 7.73
C LYS A 567 -3.67 59.17 7.97
N SER A 568 -2.91 58.93 9.04
CA SER A 568 -1.73 59.73 9.35
C SER A 568 -0.50 58.92 8.99
N VAL A 569 0.50 59.59 8.43
CA VAL A 569 1.67 58.94 7.84
C VAL A 569 2.86 59.09 8.77
N VAL A 570 3.60 58.00 8.96
CA VAL A 570 4.76 57.95 9.85
C VAL A 570 5.97 57.53 9.04
N LEU A 571 7.07 58.26 9.18
CA LEU A 571 8.33 57.99 8.51
C LEU A 571 9.39 57.61 9.54
N GLN A 572 10.28 56.71 9.15
CA GLN A 572 11.45 56.38 9.97
C GLN A 572 12.69 56.86 9.23
N LEU A 573 13.33 57.90 9.76
CA LEU A 573 14.61 58.37 9.16
C LEU A 573 15.66 57.26 9.36
N ALA A 574 16.84 57.38 8.73
CA ALA A 574 17.86 56.33 8.84
C ALA A 574 18.17 56.03 10.31
N ASP A 575 18.28 57.08 11.13
CA ASP A 575 18.63 56.90 12.56
C ASP A 575 17.54 56.08 13.27
N GLY A 576 16.33 56.05 12.70
CA GLY A 576 15.22 55.33 13.35
C GLY A 576 14.24 56.31 13.99
N GLN A 577 14.53 57.61 13.88
CA GLN A 577 13.62 58.65 14.44
C GLN A 577 12.27 58.55 13.73
N ILE A 578 11.18 58.90 14.43
CA ILE A 578 9.82 58.79 13.84
C ILE A 578 9.26 60.18 13.55
N PHE A 579 9.11 60.54 12.28
CA PHE A 579 8.52 61.84 11.94
C PHE A 579 7.11 61.65 11.42
N LYS A 580 6.19 62.48 11.90
CA LYS A 580 4.84 62.52 11.35
C LYS A 580 4.83 63.34 10.07
N TYR A 581 4.02 62.90 9.11
CA TYR A 581 3.92 63.55 7.80
C TYR A 581 2.46 63.85 7.52
N LEU A 582 2.22 64.99 6.86
CA LEU A 582 0.86 65.45 6.58
C LEU A 582 0.74 65.73 5.09
N TRP A 583 0.28 64.73 4.34
CA TRP A 583 0.01 64.93 2.92
C TRP A 583 -1.20 65.82 2.70
N GLU A 584 -2.21 65.72 3.58
CA GLU A 584 -3.38 66.60 3.47
C GLU A 584 -3.02 68.05 3.72
N SER A 585 -1.95 68.32 4.46
CA SER A 585 -1.54 69.70 4.70
C SER A 585 -0.98 70.30 3.42
N PRO A 586 -1.45 71.47 2.99
CA PRO A 586 -0.87 72.10 1.80
C PRO A 586 0.61 72.42 1.95
N SER A 587 1.06 72.78 3.16
CA SER A 587 2.46 73.09 3.38
C SER A 587 3.34 71.86 3.36
N LEU A 588 2.76 70.66 3.47
CA LEU A 588 3.52 69.41 3.53
C LEU A 588 4.54 69.45 4.68
N ALA A 589 4.13 70.03 5.80
CA ALA A 589 5.01 70.14 6.95
C ALA A 589 5.25 68.78 7.59
N ILE A 590 6.47 68.55 8.03
CA ILE A 590 6.87 67.29 8.66
C ILE A 590 7.22 67.64 10.10
N LYS A 591 6.50 67.03 11.06
CA LYS A 591 6.79 67.33 12.45
C LYS A 591 7.23 66.07 13.18
N PRO A 592 8.12 66.19 14.16
CA PRO A 592 8.51 65.00 14.94
C PRO A 592 7.34 64.46 15.74
N TRP A 593 7.30 63.14 15.88
CA TRP A 593 6.21 62.49 16.60
C TRP A 593 6.38 62.70 18.09
N LYS A 594 5.30 63.13 18.75
CA LYS A 594 5.34 63.42 20.17
C LYS A 594 4.77 62.26 20.98
N ASN A 595 5.48 61.90 22.05
CA ASN A 595 5.05 60.84 22.94
C ASN A 595 3.99 61.36 23.90
N SER A 596 3.71 60.60 24.95
CA SER A 596 2.68 60.99 25.92
C SER A 596 2.98 62.34 26.55
N GLY A 597 4.26 62.59 26.87
CA GLY A 597 4.66 63.83 27.49
C GLY A 597 5.03 64.92 26.52
N GLY A 598 4.66 64.75 25.25
CA GLY A 598 4.99 65.74 24.24
C GLY A 598 6.48 65.88 23.99
N PHE A 599 7.16 64.74 23.85
CA PHE A 599 8.59 64.71 23.59
C PHE A 599 8.88 63.88 22.35
N PRO A 600 9.99 64.14 21.65
CA PRO A 600 10.29 63.38 20.44
C PRO A 600 10.53 61.91 20.76
N VAL A 601 10.22 61.06 19.78
CA VAL A 601 10.36 59.63 19.91
C VAL A 601 11.51 59.16 19.02
N ARG A 602 12.40 58.35 19.58
CA ARG A 602 13.54 57.83 18.83
C ARG A 602 13.70 56.35 19.16
N PHE A 603 13.67 55.51 18.14
CA PHE A 603 13.96 54.09 18.33
C PHE A 603 15.42 53.93 18.72
N PRO A 604 15.73 53.10 19.71
CA PRO A 604 17.14 52.84 20.03
C PRO A 604 17.92 52.20 18.89
N TYR A 605 17.24 51.52 17.97
CA TYR A 605 17.86 50.86 16.84
C TYR A 605 16.99 51.02 15.61
N PRO A 606 17.56 50.87 14.41
CA PRO A 606 16.74 50.92 13.20
C PRO A 606 15.67 49.83 13.23
N CYS A 607 14.48 50.19 12.77
CA CYS A 607 13.31 49.33 12.84
C CYS A 607 12.85 49.00 11.42
N THR A 608 12.75 47.70 11.12
CA THR A 608 12.36 47.27 9.78
C THR A 608 10.85 47.32 9.59
N GLN A 609 10.11 46.54 10.39
CA GLN A 609 8.67 46.44 10.25
C GLN A 609 7.98 47.38 11.24
N THR A 610 7.08 48.22 10.73
CA THR A 610 6.41 49.21 11.54
C THR A 610 4.91 49.20 11.25
N GLU A 611 4.12 49.30 12.33
CA GLU A 611 2.68 49.48 12.23
C GLU A 611 2.23 50.44 13.32
N LEU A 612 1.02 50.95 13.18
CA LEU A 612 0.45 51.90 14.12
C LEU A 612 -0.79 51.31 14.78
N ALA A 613 -0.91 51.52 16.09
CA ALA A 613 -2.02 50.96 16.86
C ALA A 613 -2.72 52.06 17.63
N MET A 614 -3.99 51.81 17.96
CA MET A 614 -4.81 52.75 18.73
C MET A 614 -4.99 52.18 20.13
N ILE A 615 -4.04 52.48 21.00
CA ILE A 615 -3.97 51.87 22.32
C ILE A 615 -4.81 52.75 23.26
N GLY A 616 -6.11 52.46 23.31
CA GLY A 616 -6.98 53.10 24.27
C GLY A 616 -7.35 54.51 23.89
N GLU A 617 -6.41 55.44 24.05
CA GLU A 617 -6.62 56.83 23.69
C GLU A 617 -5.35 57.44 23.08
N GLU A 618 -4.31 56.64 22.93
CA GLU A 618 -3.06 57.13 22.37
C GLU A 618 -2.67 56.25 21.19
N GLU A 619 -2.01 56.87 20.22
CA GLU A 619 -1.50 56.18 19.04
C GLU A 619 -0.01 55.92 19.22
N CYS A 620 0.40 54.68 18.95
CA CYS A 620 1.77 54.25 19.18
C CYS A 620 2.39 53.71 17.91
N VAL A 621 3.67 53.97 17.72
CA VAL A 621 4.43 53.46 16.58
C VAL A 621 5.01 52.12 17.02
N LEU A 622 4.22 51.06 16.87
CA LEU A 622 4.72 49.71 17.15
C LEU A 622 5.78 49.35 16.13
N GLY A 623 6.82 48.66 16.58
CA GLY A 623 7.92 48.32 15.70
C GLY A 623 8.69 47.10 16.17
N LEU A 624 9.48 46.55 15.25
CA LEU A 624 10.27 45.36 15.51
C LEU A 624 11.60 45.47 14.78
N THR A 625 12.62 44.84 15.33
CA THR A 625 13.95 44.86 14.76
C THR A 625 14.34 43.48 14.24
N ASP A 626 15.53 43.41 13.64
CA ASP A 626 16.02 42.13 13.14
C ASP A 626 16.48 41.23 14.28
N ARG A 627 16.79 41.82 15.44
CA ARG A 627 17.30 41.07 16.59
C ARG A 627 16.23 40.82 17.65
N CYS A 628 14.98 40.62 17.24
CA CYS A 628 13.90 40.15 18.12
C CYS A 628 13.70 41.10 19.30
N ARG A 629 13.27 42.32 18.98
CA ARG A 629 13.03 43.34 19.99
C ARG A 629 11.72 44.06 19.66
N PHE A 630 10.92 44.32 20.69
CA PHE A 630 9.69 45.08 20.56
C PHE A 630 9.90 46.48 21.15
N PHE A 631 9.41 47.50 20.44
CA PHE A 631 9.80 48.87 20.71
C PHE A 631 8.59 49.80 20.74
N ILE A 632 7.58 49.45 21.54
CA ILE A 632 6.45 50.34 21.80
C ILE A 632 6.97 51.72 22.13
N ASN A 633 6.55 52.72 21.34
CA ASN A 633 7.09 54.07 21.41
C ASN A 633 8.62 54.04 21.32
N ASP A 634 9.30 54.10 22.47
CA ASP A 634 10.75 54.02 22.48
C ASP A 634 11.28 53.09 23.58
N ILE A 635 10.41 52.35 24.26
CA ILE A 635 10.79 51.52 25.40
C ILE A 635 10.69 50.07 24.99
N GLU A 636 11.78 49.33 25.21
CA GLU A 636 11.79 47.90 24.91
C GLU A 636 10.90 47.16 25.89
N VAL A 637 10.02 46.29 25.37
CA VAL A 637 9.10 45.52 26.20
C VAL A 637 9.25 44.03 26.00
N ALA A 638 10.21 43.57 25.20
CA ALA A 638 10.46 42.16 25.00
C ALA A 638 11.82 42.00 24.32
N SER A 639 12.33 40.77 24.33
CA SER A 639 13.62 40.49 23.71
C SER A 639 13.64 39.17 22.95
N ASN A 640 12.49 38.51 22.77
CA ASN A 640 12.46 37.21 22.11
C ASN A 640 11.30 37.07 21.12
N ILE A 641 10.96 38.11 20.37
CA ILE A 641 9.84 38.04 19.44
C ILE A 641 10.33 37.72 18.04
N THR A 642 9.66 36.77 17.38
CA THR A 642 10.00 36.39 16.01
C THR A 642 9.10 37.01 14.96
N SER A 643 7.82 37.21 15.24
CA SER A 643 6.89 37.79 14.28
C SER A 643 5.60 38.17 15.00
N PHE A 644 5.03 39.31 14.62
CA PHE A 644 3.83 39.80 15.25
C PHE A 644 2.91 40.41 14.19
N ALA A 645 1.69 40.74 14.63
CA ALA A 645 0.73 41.38 13.75
C ALA A 645 -0.34 42.07 14.59
N VAL A 646 -0.78 43.24 14.12
CA VAL A 646 -1.80 44.02 14.79
C VAL A 646 -3.03 44.09 13.89
N TYR A 647 -4.19 43.78 14.46
CA TYR A 647 -5.47 43.89 13.78
C TYR A 647 -6.41 44.66 14.72
N ASP A 648 -7.68 44.73 14.32
CA ASP A 648 -8.66 45.55 15.01
C ASP A 648 -8.72 45.21 16.50
N GLU A 649 -8.15 46.09 17.31
CA GLU A 649 -7.92 45.89 18.75
C GLU A 649 -7.50 44.46 19.08
N PHE A 650 -6.43 44.02 18.44
CA PHE A 650 -5.87 42.69 18.73
C PHE A 650 -4.39 42.70 18.34
N LEU A 651 -3.51 42.57 19.33
CA LEU A 651 -2.09 42.47 19.06
C LEU A 651 -1.62 41.04 19.32
N LEU A 652 -1.05 40.42 18.29
CA LEU A 652 -0.66 39.02 18.38
C LEU A 652 0.84 38.91 18.16
N LEU A 653 1.48 38.05 18.94
CA LEU A 653 2.94 37.96 18.96
C LEU A 653 3.34 36.49 18.96
N THR A 654 4.53 36.21 18.43
CA THR A 654 5.10 34.87 18.45
C THR A 654 6.46 34.94 19.12
N THR A 655 6.53 34.54 20.39
CA THR A 655 7.77 34.56 21.13
C THR A 655 8.73 33.50 20.61
N HIS A 656 10.02 33.70 20.91
CA HIS A 656 11.04 32.75 20.51
C HIS A 656 11.05 31.50 21.38
N SER A 657 10.27 31.48 22.45
CA SER A 657 10.12 30.30 23.31
C SER A 657 9.02 29.37 22.82
N HIS A 658 8.70 29.40 21.53
CA HIS A 658 7.71 28.51 20.92
C HIS A 658 6.33 28.69 21.57
N THR A 659 5.98 29.93 21.89
CA THR A 659 4.73 30.23 22.59
C THR A 659 4.15 31.51 22.02
N CYS A 660 2.99 31.41 21.36
CA CYS A 660 2.32 32.58 20.85
C CYS A 660 1.51 33.25 21.94
N GLN A 661 1.16 34.52 21.72
CA GLN A 661 0.40 35.29 22.68
C GLN A 661 -0.52 36.26 21.95
N CYS A 662 -1.61 36.65 22.62
CA CYS A 662 -2.58 37.55 22.02
C CYS A 662 -3.12 38.48 23.11
N PHE A 663 -2.98 39.78 22.91
CA PHE A 663 -3.45 40.79 23.85
C PHE A 663 -4.53 41.64 23.20
N CYS A 664 -5.44 42.15 24.02
CA CYS A 664 -6.49 43.03 23.56
C CYS A 664 -6.05 44.49 23.67
N LEU A 665 -6.75 45.35 22.92
CA LEU A 665 -6.46 46.78 22.91
C LEU A 665 -7.71 47.63 23.08
N ARG A 666 -8.87 47.00 23.32
CA ARG A 666 -10.10 47.77 23.45
C ARG A 666 -10.07 48.69 24.66
N ASP A 667 -9.56 48.20 25.79
CA ASP A 667 -9.58 48.99 27.02
C ASP A 667 -8.26 48.91 27.78
N ALA A 668 -7.25 48.25 27.24
CA ALA A 668 -5.96 48.14 27.90
C ALA A 668 -5.21 49.46 27.85
N SER A 669 -4.21 49.59 28.72
CA SER A 669 -3.40 50.79 28.80
C SER A 669 -1.94 50.42 28.60
N PHE A 670 -1.11 51.45 28.37
CA PHE A 670 0.31 51.24 28.15
C PHE A 670 0.95 50.50 29.32
N LYS A 671 0.63 50.90 30.55
CA LYS A 671 1.14 50.20 31.71
C LYS A 671 0.62 48.76 31.77
N THR A 672 -0.64 48.55 31.40
CA THR A 672 -1.20 47.20 31.41
C THR A 672 -0.48 46.30 30.42
N LEU A 673 -0.22 46.80 29.20
CA LEU A 673 0.52 46.01 28.24
C LEU A 673 1.95 45.76 28.70
N GLN A 674 2.59 46.77 29.30
CA GLN A 674 3.95 46.60 29.80
C GLN A 674 4.02 45.52 30.88
N ALA A 675 3.06 45.55 31.80
CA ALA A 675 3.05 44.55 32.88
C ALA A 675 2.71 43.17 32.35
N GLY A 676 1.71 43.08 31.45
CA GLY A 676 1.35 41.79 30.90
C GLY A 676 2.47 41.17 30.08
N LEU A 677 3.15 41.98 29.28
CA LEU A 677 4.27 41.53 28.48
C LEU A 677 5.60 41.72 29.20
N SER A 678 5.59 41.86 30.52
CA SER A 678 6.83 42.00 31.27
C SER A 678 7.66 40.71 31.25
N SER A 679 7.08 39.61 30.82
CA SER A 679 7.70 38.28 30.69
C SER A 679 8.05 37.65 32.02
N ASN A 680 7.81 38.34 33.14
CA ASN A 680 7.99 37.76 34.46
C ASN A 680 6.68 37.49 35.17
N HIS A 681 5.60 38.17 34.76
CA HIS A 681 4.27 37.83 35.25
C HIS A 681 3.91 36.41 34.81
N VAL A 682 3.28 35.66 35.71
CA VAL A 682 3.08 34.23 35.49
C VAL A 682 2.20 34.01 34.26
N SER A 683 2.64 33.10 33.40
CA SER A 683 1.91 32.75 32.18
C SER A 683 0.85 31.71 32.49
N HIS A 684 -0.33 31.91 31.93
CA HIS A 684 -1.49 31.05 32.15
C HIS A 684 -2.03 30.54 30.83
N GLY A 685 -3.12 29.76 30.90
CA GLY A 685 -3.71 29.17 29.72
C GLY A 685 -4.65 30.05 28.94
N GLU A 686 -5.07 31.18 29.50
CA GLU A 686 -5.99 32.07 28.81
C GLU A 686 -5.31 32.88 27.70
N VAL A 687 -4.01 33.16 27.82
CA VAL A 687 -3.26 33.91 26.83
C VAL A 687 -2.27 33.01 26.09
N LEU A 688 -1.44 32.29 26.83
CA LEU A 688 -0.40 31.47 26.21
C LEU A 688 -1.02 30.28 25.47
N ARG A 689 -0.34 29.86 24.40
CA ARG A 689 -0.76 28.69 23.63
C ARG A 689 0.46 28.21 22.86
N LYS A 690 0.93 27.01 23.17
CA LYS A 690 2.17 26.52 22.58
C LYS A 690 1.99 26.24 21.09
N VAL A 691 3.09 26.36 20.34
CA VAL A 691 3.14 26.10 18.92
C VAL A 691 4.37 25.26 18.63
N GLU A 692 4.60 24.97 17.35
CA GLU A 692 5.75 24.17 16.95
C GLU A 692 6.94 25.08 16.69
N ARG A 693 8.05 24.50 16.25
CA ARG A 693 9.35 25.18 16.21
C ARG A 693 9.42 26.05 14.96
N GLY A 694 9.43 27.36 15.16
CA GLY A 694 9.61 28.30 14.08
C GLY A 694 8.36 28.83 13.41
N SER A 695 7.20 28.69 14.04
CA SER A 695 5.95 29.15 13.43
C SER A 695 5.96 30.66 13.24
N ARG A 696 5.56 31.12 12.06
CA ARG A 696 5.49 32.53 11.73
C ARG A 696 4.05 32.88 11.38
N ILE A 697 3.53 33.95 12.00
CA ILE A 697 2.16 34.36 11.75
C ILE A 697 2.03 34.90 10.34
N VAL A 698 0.94 34.54 9.66
CA VAL A 698 0.71 34.97 8.29
C VAL A 698 -0.35 36.06 8.25
N THR A 699 -1.52 35.78 8.82
CA THR A 699 -2.62 36.73 8.82
C THR A 699 -3.56 36.38 9.96
N VAL A 700 -4.55 37.25 10.16
CA VAL A 700 -5.51 37.12 11.26
C VAL A 700 -6.92 37.18 10.69
N VAL A 701 -7.79 36.30 11.17
CA VAL A 701 -9.18 36.26 10.75
C VAL A 701 -10.07 36.55 11.97
N PRO A 702 -10.51 37.79 12.16
CA PRO A 702 -11.21 38.15 13.40
C PRO A 702 -12.59 37.53 13.57
N GLN A 703 -13.46 37.66 12.55
CA GLN A 703 -14.82 37.17 12.68
C GLN A 703 -14.89 35.68 12.98
N ASP A 704 -13.95 34.89 12.46
CA ASP A 704 -13.86 33.48 12.80
C ASP A 704 -12.98 33.23 14.01
N THR A 705 -12.30 34.24 14.52
CA THR A 705 -11.34 34.10 15.62
C THR A 705 -10.34 32.99 15.33
N LYS A 706 -9.69 33.12 14.16
CA LYS A 706 -8.76 32.12 13.68
C LYS A 706 -7.43 32.79 13.35
N LEU A 707 -6.36 32.03 13.48
CA LEU A 707 -5.01 32.54 13.22
C LEU A 707 -4.31 31.57 12.29
N VAL A 708 -3.53 32.11 11.36
CA VAL A 708 -2.83 31.28 10.37
C VAL A 708 -1.34 31.33 10.64
N LEU A 709 -0.73 30.15 10.77
CA LEU A 709 0.70 30.03 11.07
C LEU A 709 1.37 29.20 9.98
N GLN A 710 2.54 29.64 9.55
CA GLN A 710 3.34 28.91 8.57
C GLN A 710 4.65 28.46 9.21
N MET A 711 4.96 27.20 9.04
CA MET A 711 6.19 26.63 9.57
C MET A 711 7.29 26.69 8.53
N PRO A 712 8.55 26.52 8.94
CA PRO A 712 9.65 26.54 7.95
C PRO A 712 9.53 25.44 6.91
N ARG A 713 8.83 24.34 7.21
CA ARG A 713 8.62 23.30 6.22
C ARG A 713 7.83 23.84 5.03
N GLY A 714 6.78 24.61 5.29
CA GLY A 714 6.06 25.25 4.22
C GLY A 714 4.55 25.24 4.36
N ASN A 715 4.04 24.35 5.21
CA ASN A 715 2.59 24.15 5.30
C ASN A 715 1.96 25.26 6.14
N LEU A 716 0.68 25.09 6.46
CA LEU A 716 -0.09 26.04 7.24
C LEU A 716 -0.73 25.33 8.43
N GLU A 717 -1.12 26.13 9.43
CA GLU A 717 -1.83 25.64 10.60
C GLU A 717 -2.79 26.72 11.04
N VAL A 718 -3.94 26.31 11.59
CA VAL A 718 -4.96 27.23 12.07
C VAL A 718 -5.27 26.89 13.52
N VAL A 719 -5.29 27.91 14.38
CA VAL A 719 -5.53 27.75 15.80
C VAL A 719 -6.57 28.79 16.23
N HIS A 720 -6.90 28.77 17.52
CA HIS A 720 -7.81 29.74 18.09
C HIS A 720 -7.17 30.44 19.29
N MET B 1 -23.08 -59.97 -24.42
CA MET B 1 -23.81 -60.12 -25.68
C MET B 1 -22.95 -59.70 -26.86
N VAL B 2 -23.58 -59.56 -28.04
CA VAL B 2 -22.85 -59.11 -29.21
C VAL B 2 -22.30 -57.71 -29.00
N ALA B 3 -23.10 -56.81 -28.44
CA ALA B 3 -22.65 -55.49 -28.05
C ALA B 3 -22.28 -55.53 -26.57
N PRO B 4 -21.01 -55.36 -26.21
CA PRO B 4 -20.62 -55.46 -24.80
C PRO B 4 -21.21 -54.34 -23.97
N VAL B 5 -21.35 -54.61 -22.67
CA VAL B 5 -21.97 -53.66 -21.75
C VAL B 5 -20.88 -52.90 -21.01
N LEU B 6 -21.24 -51.70 -20.55
CA LEU B 6 -20.38 -50.87 -19.71
C LEU B 6 -21.07 -50.68 -18.37
N GLU B 7 -20.32 -50.91 -17.29
CA GLU B 7 -20.85 -50.74 -15.93
C GLU B 7 -19.80 -50.06 -15.07
N THR B 8 -20.27 -49.20 -14.16
CA THR B 8 -19.39 -48.51 -13.22
C THR B 8 -19.31 -49.34 -11.94
N SER B 9 -18.09 -49.63 -11.51
CA SER B 9 -17.92 -50.51 -10.36
C SER B 9 -17.83 -49.73 -9.06
N HIS B 10 -16.88 -48.80 -8.95
CA HIS B 10 -16.59 -48.15 -7.68
C HIS B 10 -16.58 -46.63 -7.82
N VAL B 11 -16.97 -45.96 -6.75
CA VAL B 11 -16.97 -44.50 -6.66
C VAL B 11 -16.40 -44.09 -5.30
N PHE B 12 -15.50 -43.12 -5.31
CA PHE B 12 -14.95 -42.54 -4.09
C PHE B 12 -15.16 -41.03 -4.13
N CYS B 13 -15.64 -40.46 -3.02
CA CYS B 13 -15.95 -39.03 -2.96
C CYS B 13 -16.19 -38.66 -1.51
N CYS B 14 -16.49 -37.38 -1.28
CA CYS B 14 -16.73 -36.84 0.04
C CYS B 14 -17.48 -35.52 -0.10
N PRO B 15 -18.16 -35.06 0.95
CA PRO B 15 -18.87 -33.79 0.87
C PRO B 15 -17.92 -32.64 0.57
N ASN B 16 -18.48 -31.54 0.06
CA ASN B 16 -17.60 -30.59 -0.62
C ASN B 16 -16.87 -29.66 0.35
N ARG B 17 -17.53 -28.61 0.82
CA ARG B 17 -17.03 -27.77 1.90
C ARG B 17 -18.17 -27.20 2.72
N VAL B 18 -19.40 -27.43 2.29
CA VAL B 18 -20.50 -26.53 2.63
C VAL B 18 -21.35 -27.13 3.74
N ARG B 19 -22.00 -26.25 4.49
CA ARG B 19 -22.80 -26.62 5.65
C ARG B 19 -24.21 -27.00 5.23
N GLY B 20 -24.69 -28.13 5.74
CA GLY B 20 -26.04 -28.59 5.50
C GLY B 20 -26.19 -29.67 4.45
N VAL B 21 -25.11 -30.09 3.81
CA VAL B 21 -25.20 -31.11 2.74
C VAL B 21 -25.00 -32.46 3.41
N LEU B 22 -26.08 -32.98 4.00
CA LEU B 22 -26.09 -34.30 4.61
C LEU B 22 -27.52 -34.59 5.07
N ASN B 23 -27.93 -35.86 4.99
CA ASN B 23 -29.24 -36.26 5.49
C ASN B 23 -29.39 -37.78 5.46
N TRP B 24 -30.13 -38.31 6.42
CA TRP B 24 -30.65 -39.69 6.38
C TRP B 24 -32.16 -39.65 6.36
N SER B 25 -32.76 -40.43 5.47
CA SER B 25 -34.21 -40.61 5.48
C SER B 25 -34.64 -41.39 6.72
N SER B 26 -35.88 -41.17 7.12
CA SER B 26 -36.46 -41.86 8.27
C SER B 26 -37.16 -43.11 7.79
N GLY B 27 -36.46 -44.23 7.81
CA GLY B 27 -37.02 -45.50 7.42
C GLY B 27 -35.98 -46.60 7.37
N PRO B 28 -36.43 -47.85 7.39
CA PRO B 28 -35.48 -48.97 7.32
C PRO B 28 -34.68 -48.93 6.03
N ARG B 29 -33.41 -49.29 6.14
CA ARG B 29 -32.46 -49.23 5.02
C ARG B 29 -32.44 -47.83 4.40
N GLY B 30 -32.46 -46.82 5.27
CA GLY B 30 -32.41 -45.45 4.79
C GLY B 30 -31.09 -45.16 4.09
N LEU B 31 -31.16 -44.28 3.09
CA LEU B 31 -30.03 -44.01 2.21
C LEU B 31 -29.42 -42.66 2.57
N LEU B 32 -28.12 -42.65 2.84
CA LEU B 32 -27.39 -41.40 3.01
C LEU B 32 -27.29 -40.67 1.69
N ALA B 33 -27.43 -39.36 1.74
CA ALA B 33 -27.40 -38.50 0.55
C ALA B 33 -26.53 -37.30 0.84
N PHE B 34 -25.44 -37.15 0.09
CA PHE B 34 -24.64 -35.93 0.21
C PHE B 34 -24.30 -35.39 -1.16
N GLY B 35 -23.41 -34.40 -1.23
CA GLY B 35 -23.13 -33.74 -2.48
C GLY B 35 -21.66 -33.52 -2.78
N THR B 36 -21.20 -34.04 -3.91
CA THR B 36 -19.81 -33.90 -4.33
C THR B 36 -19.76 -33.06 -5.59
N SER B 37 -19.02 -31.95 -5.53
CA SER B 37 -18.85 -31.04 -6.66
C SER B 37 -20.17 -30.55 -7.20
N CYS B 38 -20.63 -31.15 -8.30
CA CYS B 38 -21.85 -30.73 -8.99
C CYS B 38 -22.78 -31.91 -9.19
N SER B 39 -22.97 -32.71 -8.14
CA SER B 39 -23.83 -33.87 -8.22
C SER B 39 -24.28 -34.26 -6.82
N VAL B 40 -25.32 -35.10 -6.76
CA VAL B 40 -25.84 -35.64 -5.52
C VAL B 40 -25.54 -37.13 -5.51
N VAL B 41 -25.03 -37.63 -4.39
CA VAL B 41 -24.60 -39.02 -4.28
C VAL B 41 -25.42 -39.70 -3.19
N LEU B 42 -25.95 -40.87 -3.52
CA LEU B 42 -26.68 -41.72 -2.60
C LEU B 42 -25.84 -42.94 -2.27
N TYR B 43 -25.67 -43.19 -0.97
CA TYR B 43 -24.78 -44.23 -0.46
C TYR B 43 -25.38 -44.82 0.80
N ASP B 44 -25.33 -46.15 0.92
CA ASP B 44 -25.87 -46.85 2.07
C ASP B 44 -24.74 -47.19 3.04
N PRO B 45 -24.76 -46.68 4.27
CA PRO B 45 -23.68 -47.03 5.21
C PRO B 45 -23.56 -48.51 5.50
N LEU B 46 -24.68 -49.23 5.56
CA LEU B 46 -24.63 -50.65 5.87
C LEU B 46 -23.96 -51.44 4.74
N LYS B 47 -24.29 -51.12 3.49
CA LYS B 47 -23.67 -51.81 2.37
C LYS B 47 -22.20 -51.44 2.23
N ARG B 48 -21.81 -50.25 2.69
CA ARG B 48 -20.45 -49.72 2.56
C ARG B 48 -20.02 -49.61 1.10
N VAL B 49 -21.01 -49.52 0.20
CA VAL B 49 -20.78 -49.30 -1.22
C VAL B 49 -21.75 -48.25 -1.70
N VAL B 50 -21.25 -47.32 -2.53
CA VAL B 50 -22.10 -46.24 -3.03
C VAL B 50 -23.28 -46.82 -3.80
N VAL B 51 -24.46 -46.25 -3.58
CA VAL B 51 -25.66 -46.74 -4.27
C VAL B 51 -25.71 -46.18 -5.69
N THR B 52 -25.76 -44.86 -5.83
CA THR B 52 -25.89 -44.26 -7.16
C THR B 52 -25.60 -42.76 -7.08
N ASN B 53 -25.73 -42.10 -8.23
CA ASN B 53 -25.57 -40.67 -8.37
C ASN B 53 -26.75 -40.10 -9.13
N LEU B 54 -27.10 -38.85 -8.84
CA LEU B 54 -28.21 -38.15 -9.45
C LEU B 54 -27.70 -36.84 -10.03
N ASN B 55 -27.23 -36.90 -11.27
CA ASN B 55 -26.70 -35.72 -11.94
C ASN B 55 -27.84 -34.83 -12.45
N GLY B 56 -27.48 -33.60 -12.82
CA GLY B 56 -28.46 -32.64 -13.28
C GLY B 56 -28.18 -31.22 -12.85
N HIS B 57 -27.46 -31.05 -11.74
CA HIS B 57 -27.00 -29.72 -11.38
C HIS B 57 -25.78 -29.34 -12.21
N THR B 58 -25.41 -28.06 -12.14
CA THR B 58 -24.24 -27.57 -12.85
C THR B 58 -23.20 -26.92 -11.95
N ALA B 59 -23.62 -26.14 -10.97
CA ALA B 59 -22.70 -25.49 -10.04
C ALA B 59 -22.52 -26.36 -8.80
N ARG B 60 -21.90 -25.78 -7.77
CA ARG B 60 -21.69 -26.49 -6.52
C ARG B 60 -23.01 -26.76 -5.81
N VAL B 61 -23.13 -27.96 -5.26
CA VAL B 61 -24.33 -28.33 -4.50
C VAL B 61 -24.17 -27.79 -3.07
N ASN B 62 -25.28 -27.29 -2.52
CA ASN B 62 -25.24 -26.61 -1.23
C ASN B 62 -26.00 -27.36 -0.15
N CYS B 63 -27.28 -27.68 -0.36
CA CYS B 63 -28.13 -28.25 0.67
C CYS B 63 -28.99 -29.35 0.10
N ILE B 64 -29.17 -30.42 0.87
CA ILE B 64 -29.95 -31.60 0.47
C ILE B 64 -30.85 -32.00 1.61
N GLN B 65 -32.14 -32.25 1.30
CA GLN B 65 -33.08 -32.71 2.30
C GLN B 65 -33.99 -33.79 1.72
N TRP B 66 -34.18 -34.87 2.47
CA TRP B 66 -35.12 -35.92 2.12
C TRP B 66 -36.55 -35.46 2.32
N ILE B 67 -37.49 -36.33 1.97
CA ILE B 67 -38.91 -36.17 2.30
C ILE B 67 -39.36 -37.50 2.88
N CYS B 68 -39.47 -37.56 4.21
CA CYS B 68 -39.76 -38.81 4.88
C CYS B 68 -41.17 -39.29 4.59
N LYS B 69 -41.33 -40.60 4.58
CA LYS B 69 -42.66 -41.20 4.45
C LYS B 69 -43.36 -41.16 5.80
N GLN B 70 -44.64 -40.77 5.78
CA GLN B 70 -45.38 -40.62 7.04
C GLN B 70 -45.50 -41.95 7.77
N ASP B 71 -45.77 -43.03 7.04
CA ASP B 71 -45.88 -44.35 7.68
C ASP B 71 -44.56 -44.77 8.30
N GLY B 72 -43.46 -44.55 7.60
CA GLY B 72 -42.16 -44.98 8.08
C GLY B 72 -41.39 -45.78 7.05
N SER B 73 -41.94 -45.87 5.84
CA SER B 73 -41.30 -46.56 4.74
C SER B 73 -40.09 -45.77 4.25
N PRO B 74 -39.18 -46.41 3.52
CA PRO B 74 -38.06 -45.66 2.93
C PRO B 74 -38.57 -44.56 2.01
N SER B 75 -37.88 -43.42 2.05
CA SER B 75 -38.38 -42.24 1.38
C SER B 75 -38.30 -42.38 -0.13
N THR B 76 -39.08 -41.56 -0.83
CA THR B 76 -39.15 -41.56 -2.28
C THR B 76 -38.60 -40.29 -2.89
N GLU B 77 -39.10 -39.13 -2.48
CA GLU B 77 -38.67 -37.85 -3.02
C GLU B 77 -37.40 -37.37 -2.33
N LEU B 78 -36.70 -36.45 -3.00
CA LEU B 78 -35.44 -35.92 -2.48
C LEU B 78 -35.27 -34.51 -3.03
N VAL B 79 -35.61 -33.51 -2.22
CA VAL B 79 -35.45 -32.11 -2.62
C VAL B 79 -33.98 -31.73 -2.53
N SER B 80 -33.49 -30.97 -3.51
CA SER B 80 -32.09 -30.58 -3.53
C SER B 80 -31.93 -29.08 -3.70
N GLY B 81 -30.70 -28.64 -3.90
CA GLY B 81 -30.38 -27.24 -4.14
C GLY B 81 -29.05 -27.14 -4.85
N GLY B 82 -28.62 -25.91 -5.09
CA GLY B 82 -27.35 -25.69 -5.75
C GLY B 82 -27.02 -24.23 -5.86
N SER B 83 -25.80 -23.96 -6.32
CA SER B 83 -25.31 -22.61 -6.49
C SER B 83 -25.54 -22.07 -7.90
N ASP B 84 -26.17 -22.84 -8.78
CA ASP B 84 -26.52 -22.38 -10.12
C ASP B 84 -27.90 -21.76 -10.19
N ASN B 85 -28.40 -21.25 -9.06
CA ASN B 85 -29.60 -20.41 -9.01
C ASN B 85 -30.86 -21.20 -9.33
N GLN B 86 -30.79 -22.53 -9.20
CA GLN B 86 -31.94 -23.37 -9.51
C GLN B 86 -32.09 -24.45 -8.44
N VAL B 87 -33.34 -24.78 -8.12
CA VAL B 87 -33.67 -25.82 -7.16
C VAL B 87 -34.28 -26.99 -7.94
N ILE B 88 -33.72 -28.18 -7.74
CA ILE B 88 -34.14 -29.37 -8.48
C ILE B 88 -34.87 -30.31 -7.53
N HIS B 89 -36.09 -30.68 -7.90
CA HIS B 89 -36.85 -31.71 -7.19
C HIS B 89 -36.56 -33.05 -7.83
N TRP B 90 -36.41 -34.09 -7.01
CA TRP B 90 -36.05 -35.40 -7.50
C TRP B 90 -37.07 -36.43 -7.02
N GLU B 91 -37.20 -37.51 -7.82
CA GLU B 91 -38.07 -38.62 -7.49
C GLU B 91 -37.36 -39.91 -7.86
N ILE B 92 -37.12 -40.76 -6.86
CA ILE B 92 -36.31 -41.96 -7.00
C ILE B 92 -37.21 -43.18 -6.86
N GLU B 93 -36.76 -44.29 -7.42
CA GLU B 93 -37.46 -45.57 -7.28
C GLU B 93 -36.53 -46.69 -7.73
N ASP B 94 -36.41 -47.71 -6.88
CA ASP B 94 -35.56 -48.88 -7.17
C ASP B 94 -34.12 -48.45 -7.48
N ASN B 95 -33.63 -47.47 -6.73
CA ASN B 95 -32.25 -46.98 -6.85
C ASN B 95 -31.96 -46.45 -8.25
N GLN B 96 -32.99 -45.96 -8.94
CA GLN B 96 -32.85 -45.42 -10.28
C GLN B 96 -33.57 -44.08 -10.36
N LEU B 97 -32.96 -43.12 -11.05
CA LEU B 97 -33.56 -41.80 -11.19
C LEU B 97 -34.86 -41.90 -11.97
N LEU B 98 -35.98 -41.69 -11.31
CA LEU B 98 -37.28 -41.74 -11.97
C LEU B 98 -37.63 -40.39 -12.61
N LYS B 99 -37.69 -39.33 -11.79
CA LYS B 99 -38.12 -38.04 -12.29
C LYS B 99 -37.24 -36.93 -11.72
N ALA B 100 -37.13 -35.84 -12.47
CA ALA B 100 -36.34 -34.69 -12.04
C ALA B 100 -37.01 -33.43 -12.60
N VAL B 101 -37.46 -32.55 -11.71
CA VAL B 101 -38.14 -31.32 -12.10
C VAL B 101 -37.24 -30.14 -11.78
N HIS B 102 -37.01 -29.28 -12.77
CA HIS B 102 -36.09 -28.15 -12.65
C HIS B 102 -36.88 -26.89 -12.33
N LEU B 103 -37.10 -26.67 -11.04
CA LEU B 103 -37.71 -25.43 -10.59
C LEU B 103 -36.68 -24.30 -10.66
N GLN B 104 -37.09 -23.17 -11.24
CA GLN B 104 -36.16 -22.08 -11.50
C GLN B 104 -36.85 -20.74 -11.25
N GLY B 105 -36.04 -19.70 -11.09
CA GLY B 105 -36.56 -18.39 -10.79
C GLY B 105 -35.82 -17.67 -9.68
N HIS B 106 -34.67 -18.21 -9.28
CA HIS B 106 -33.86 -17.62 -8.21
C HIS B 106 -32.75 -16.78 -8.83
N GLU B 107 -32.66 -15.52 -8.39
CA GLU B 107 -31.57 -14.63 -8.79
C GLU B 107 -30.50 -14.62 -7.70
N GLY B 108 -29.90 -15.79 -7.49
CA GLY B 108 -28.92 -15.97 -6.45
C GLY B 108 -28.88 -17.40 -5.95
N PRO B 109 -27.69 -17.89 -5.61
CA PRO B 109 -27.56 -19.28 -5.17
C PRO B 109 -28.40 -19.56 -3.94
N VAL B 110 -29.01 -20.75 -3.90
CA VAL B 110 -29.89 -21.13 -2.80
C VAL B 110 -29.05 -21.78 -1.70
N TYR B 111 -29.52 -21.64 -0.47
CA TYR B 111 -28.79 -22.18 0.67
C TYR B 111 -29.67 -23.05 1.57
N ALA B 112 -30.97 -22.76 1.62
CA ALA B 112 -31.88 -23.51 2.49
C ALA B 112 -33.03 -24.06 1.67
N VAL B 113 -33.36 -25.32 1.88
CA VAL B 113 -34.54 -25.95 1.28
C VAL B 113 -35.27 -26.74 2.35
N HIS B 114 -36.59 -26.76 2.27
CA HIS B 114 -37.37 -27.60 3.17
C HIS B 114 -38.72 -27.90 2.55
N ALA B 115 -39.18 -29.13 2.72
CA ALA B 115 -40.45 -29.54 2.12
C ALA B 115 -41.05 -30.68 2.93
N VAL B 116 -42.36 -30.85 2.79
CA VAL B 116 -43.09 -31.90 3.48
C VAL B 116 -44.38 -32.16 2.71
N TYR B 117 -44.81 -33.43 2.70
CA TYR B 117 -46.08 -33.77 2.08
C TYR B 117 -47.23 -33.03 2.76
N GLN B 118 -47.86 -32.11 2.04
CA GLN B 118 -49.02 -31.41 2.58
C GLN B 118 -50.21 -32.36 2.65
N ARG B 119 -51.08 -32.12 3.64
CA ARG B 119 -52.14 -33.06 3.94
C ARG B 119 -53.53 -32.45 3.78
N ARG B 120 -53.76 -31.76 2.68
CA ARG B 120 -55.09 -31.25 2.36
C ARG B 120 -56.06 -32.40 2.12
N THR B 121 -57.34 -32.15 2.34
CA THR B 121 -58.38 -33.18 2.25
C THR B 121 -59.06 -33.25 0.89
N SER B 122 -58.69 -32.38 -0.05
CA SER B 122 -59.34 -32.39 -1.37
C SER B 122 -58.60 -33.27 -2.36
N ASP B 123 -58.30 -34.50 -1.94
CA ASP B 123 -57.52 -35.48 -2.68
C ASP B 123 -56.35 -34.85 -3.45
N PRO B 124 -55.47 -34.10 -2.77
CA PRO B 124 -54.34 -33.47 -3.48
C PRO B 124 -53.18 -34.46 -3.63
N ALA B 125 -53.26 -35.28 -4.68
CA ALA B 125 -52.32 -36.37 -4.89
C ALA B 125 -50.87 -35.90 -4.87
N LEU B 126 -50.11 -36.33 -3.87
CA LEU B 126 -48.70 -36.01 -3.73
C LEU B 126 -48.46 -34.50 -3.70
N CYS B 127 -49.34 -33.79 -3.01
CA CYS B 127 -49.21 -32.33 -2.89
C CYS B 127 -48.14 -31.99 -1.86
N THR B 128 -47.05 -31.39 -2.32
CA THR B 128 -45.93 -31.00 -1.48
C THR B 128 -45.91 -29.49 -1.33
N LEU B 129 -44.90 -29.01 -0.60
CA LEU B 129 -44.73 -27.58 -0.36
C LEU B 129 -43.24 -27.33 -0.12
N ILE B 130 -42.57 -26.77 -1.12
CA ILE B 130 -41.13 -26.53 -1.06
C ILE B 130 -40.89 -25.07 -0.70
N VAL B 131 -39.91 -24.83 0.17
CA VAL B 131 -39.45 -23.49 0.51
C VAL B 131 -37.95 -23.45 0.24
N SER B 132 -37.49 -22.35 -0.38
CA SER B 132 -36.09 -22.18 -0.70
C SER B 132 -35.65 -20.78 -0.33
N ALA B 133 -34.57 -20.69 0.44
CA ALA B 133 -33.93 -19.44 0.81
C ALA B 133 -32.59 -19.36 0.10
N ALA B 134 -32.35 -18.24 -0.58
CA ALA B 134 -31.20 -18.07 -1.45
C ALA B 134 -30.41 -16.81 -1.11
N ALA B 135 -29.39 -16.52 -1.91
CA ALA B 135 -28.60 -15.30 -1.77
C ALA B 135 -29.23 -14.11 -2.49
N ASP B 136 -30.50 -14.19 -2.83
CA ASP B 136 -31.21 -13.11 -3.51
C ASP B 136 -31.92 -12.18 -2.54
N SER B 137 -31.58 -12.25 -1.25
CA SER B 137 -32.24 -11.47 -0.21
C SER B 137 -33.75 -11.75 -0.19
N ALA B 138 -34.12 -13.00 -0.48
CA ALA B 138 -35.52 -13.37 -0.60
C ALA B 138 -35.66 -14.87 -0.44
N VAL B 139 -36.90 -15.30 -0.25
CA VAL B 139 -37.26 -16.70 -0.05
C VAL B 139 -38.50 -16.98 -0.90
N ARG B 140 -38.52 -18.16 -1.53
CA ARG B 140 -39.60 -18.54 -2.43
C ARG B 140 -40.30 -19.80 -1.95
N LEU B 141 -41.62 -19.82 -2.14
CA LEU B 141 -42.49 -20.92 -1.77
C LEU B 141 -43.08 -21.51 -3.04
N TRP B 142 -42.96 -22.84 -3.18
CA TRP B 142 -43.26 -23.60 -4.39
C TRP B 142 -44.39 -24.59 -4.10
N SER B 143 -44.70 -25.44 -5.09
CA SER B 143 -45.57 -26.59 -4.90
C SER B 143 -45.48 -27.50 -6.11
N LYS B 144 -45.20 -28.78 -5.88
CA LYS B 144 -45.25 -29.79 -6.93
C LYS B 144 -46.57 -30.55 -6.87
N LYS B 145 -47.63 -29.88 -7.30
CA LYS B 145 -48.97 -30.48 -7.32
C LYS B 145 -49.03 -31.47 -8.48
N GLY B 146 -48.46 -32.64 -8.26
CA GLY B 146 -48.33 -33.63 -9.31
C GLY B 146 -47.23 -33.26 -10.27
N PRO B 147 -47.33 -33.71 -11.53
CA PRO B 147 -46.30 -33.41 -12.53
C PRO B 147 -46.42 -31.98 -13.07
N GLU B 148 -46.46 -31.01 -12.15
CA GLU B 148 -46.48 -29.60 -12.52
C GLU B 148 -45.96 -28.81 -11.32
N VAL B 149 -45.29 -27.70 -11.60
CA VAL B 149 -44.70 -26.85 -10.56
C VAL B 149 -45.01 -25.39 -10.88
N MET B 150 -45.32 -24.62 -9.85
CA MET B 150 -45.55 -23.19 -9.98
C MET B 150 -45.08 -22.51 -8.71
N CYS B 151 -44.56 -21.29 -8.84
CA CYS B 151 -44.07 -20.54 -7.68
C CYS B 151 -45.26 -19.95 -6.92
N LEU B 152 -45.33 -20.23 -5.63
CA LEU B 152 -46.45 -19.72 -4.83
C LEU B 152 -46.17 -18.31 -4.32
N GLN B 153 -45.04 -18.12 -3.64
CA GLN B 153 -44.86 -16.82 -2.99
C GLN B 153 -43.39 -16.44 -2.97
N THR B 154 -43.14 -15.14 -2.82
CA THR B 154 -41.78 -14.62 -2.68
C THR B 154 -41.79 -13.54 -1.61
N LEU B 155 -40.91 -13.68 -0.61
CA LEU B 155 -40.77 -12.71 0.47
C LEU B 155 -39.33 -12.24 0.51
N ASN B 156 -39.13 -10.92 0.45
CA ASN B 156 -37.79 -10.35 0.46
C ASN B 156 -37.48 -9.74 1.83
N PHE B 157 -36.35 -10.13 2.39
CA PHE B 157 -35.92 -9.62 3.69
C PHE B 157 -35.03 -8.39 3.54
N GLY B 158 -35.53 -7.43 2.76
CA GLY B 158 -34.79 -6.20 2.53
C GLY B 158 -33.40 -6.49 1.97
N ASN B 159 -32.41 -5.85 2.57
CA ASN B 159 -31.01 -6.10 2.23
C ASN B 159 -30.38 -7.17 3.12
N GLY B 160 -31.16 -7.81 3.97
CA GLY B 160 -30.68 -8.87 4.85
C GLY B 160 -30.55 -10.19 4.13
N PHE B 161 -30.72 -11.28 4.89
CA PHE B 161 -30.57 -12.62 4.34
C PHE B 161 -31.46 -13.58 5.11
N ALA B 162 -31.50 -14.82 4.63
CA ALA B 162 -32.19 -15.91 5.30
C ALA B 162 -31.20 -17.04 5.52
N LEU B 163 -31.28 -17.70 6.67
CA LEU B 163 -30.26 -18.66 7.07
C LEU B 163 -30.80 -20.02 7.46
N ALA B 164 -32.06 -20.13 7.89
CA ALA B 164 -32.61 -21.42 8.31
C ALA B 164 -34.12 -21.41 8.11
N LEU B 165 -34.67 -22.57 7.72
CA LEU B 165 -36.10 -22.70 7.47
C LEU B 165 -36.56 -24.10 7.83
N CYS B 166 -37.81 -24.20 8.27
CA CYS B 166 -38.48 -25.48 8.49
C CYS B 166 -39.98 -25.27 8.36
N LEU B 167 -40.67 -26.29 7.86
CA LEU B 167 -42.12 -26.30 7.73
C LEU B 167 -42.71 -27.37 8.64
N SER B 168 -43.86 -27.05 9.24
CA SER B 168 -44.64 -28.01 10.00
C SER B 168 -46.08 -27.51 10.04
N PHE B 169 -46.92 -28.18 10.82
CA PHE B 169 -48.34 -27.88 10.87
C PHE B 169 -48.76 -27.62 12.32
N LEU B 170 -49.62 -26.62 12.50
CA LEU B 170 -50.08 -26.26 13.82
C LEU B 170 -50.89 -27.40 14.43
N PRO B 171 -50.90 -27.52 15.76
CA PRO B 171 -51.62 -28.63 16.40
C PRO B 171 -53.12 -28.53 16.16
N ASN B 172 -53.76 -29.71 16.15
CA ASN B 172 -55.20 -29.85 15.99
C ASN B 172 -55.70 -29.32 14.65
N THR B 173 -54.81 -29.13 13.68
CA THR B 173 -55.16 -28.64 12.36
C THR B 173 -53.99 -28.94 11.42
N ASP B 174 -54.07 -28.43 10.20
CA ASP B 174 -53.05 -28.65 9.17
C ASP B 174 -52.58 -27.33 8.59
N VAL B 175 -52.66 -26.26 9.38
CA VAL B 175 -52.23 -24.94 8.93
C VAL B 175 -50.71 -24.93 8.89
N PRO B 176 -50.10 -24.54 7.77
CA PRO B 176 -48.63 -24.57 7.68
C PRO B 176 -47.98 -23.59 8.63
N ILE B 177 -46.80 -23.96 9.11
CA ILE B 177 -45.98 -23.09 9.97
C ILE B 177 -44.58 -23.04 9.37
N LEU B 178 -43.88 -21.94 9.62
CA LEU B 178 -42.57 -21.69 9.03
C LEU B 178 -41.71 -20.90 10.01
N ALA B 179 -40.57 -21.48 10.38
CA ALA B 179 -39.60 -20.81 11.26
C ALA B 179 -38.43 -20.36 10.40
N CYS B 180 -38.31 -19.04 10.22
CA CYS B 180 -37.28 -18.46 9.36
C CYS B 180 -36.40 -17.54 10.19
N GLY B 181 -35.18 -17.99 10.49
CA GLY B 181 -34.21 -17.13 11.11
C GLY B 181 -33.50 -16.26 10.09
N ASN B 182 -32.61 -15.40 10.60
CA ASN B 182 -31.86 -14.52 9.73
C ASN B 182 -30.66 -13.98 10.49
N ASP B 183 -29.82 -13.23 9.77
CA ASP B 183 -28.65 -12.59 10.36
C ASP B 183 -29.01 -11.47 11.33
N ASP B 184 -30.30 -11.18 11.50
CA ASP B 184 -30.76 -10.14 12.41
C ASP B 184 -30.82 -10.58 13.86
N CYS B 185 -30.16 -11.69 14.20
CA CYS B 185 -30.14 -12.22 15.56
C CYS B 185 -31.57 -12.47 16.05
N ARG B 186 -32.35 -13.12 15.20
CA ARG B 186 -33.79 -13.14 15.40
C ARG B 186 -34.40 -14.20 14.50
N ILE B 187 -35.53 -14.76 14.92
CA ILE B 187 -36.28 -15.74 14.13
C ILE B 187 -37.73 -15.29 14.03
N HIS B 188 -38.33 -15.52 12.87
CA HIS B 188 -39.73 -15.16 12.62
C HIS B 188 -40.55 -16.43 12.37
N ILE B 189 -41.83 -16.35 12.69
CA ILE B 189 -42.76 -17.45 12.49
C ILE B 189 -43.84 -16.96 11.53
N PHE B 190 -43.98 -17.65 10.41
CA PHE B 190 -44.98 -17.32 9.40
C PHE B 190 -45.95 -18.49 9.28
N ALA B 191 -47.24 -18.22 9.43
CA ALA B 191 -48.29 -19.23 9.32
C ALA B 191 -49.20 -18.90 8.14
N GLN B 192 -49.51 -19.90 7.34
CA GLN B 192 -50.34 -19.68 6.16
C GLN B 192 -51.81 -19.60 6.57
N GLN B 193 -52.38 -18.40 6.46
CA GLN B 193 -53.80 -18.20 6.69
C GLN B 193 -54.40 -17.64 5.42
N ASN B 194 -55.73 -17.72 5.33
CA ASN B 194 -56.44 -17.43 4.08
C ASN B 194 -55.85 -18.24 2.95
N ASP B 195 -55.06 -17.59 2.08
CA ASP B 195 -54.31 -18.31 1.06
C ASP B 195 -52.91 -17.75 0.85
N GLN B 196 -52.40 -16.98 1.81
CA GLN B 196 -51.08 -16.38 1.69
C GLN B 196 -50.37 -16.42 3.04
N PHE B 197 -49.08 -16.71 3.02
CA PHE B 197 -48.29 -16.67 4.24
C PHE B 197 -48.23 -15.24 4.77
N GLN B 198 -48.39 -15.09 6.09
CA GLN B 198 -48.46 -13.79 6.73
C GLN B 198 -47.43 -13.71 7.84
N LYS B 199 -47.33 -12.54 8.46
CA LYS B 199 -46.44 -12.31 9.59
C LYS B 199 -47.22 -12.52 10.88
N VAL B 200 -46.65 -13.33 11.79
CA VAL B 200 -47.36 -13.71 13.00
C VAL B 200 -46.68 -13.10 14.23
N LEU B 201 -45.38 -13.35 14.38
CA LEU B 201 -44.66 -12.92 15.58
C LEU B 201 -43.19 -12.78 15.21
N SER B 202 -42.44 -12.12 16.10
CA SER B 202 -41.02 -11.86 15.86
C SER B 202 -40.29 -12.07 17.19
N LEU B 203 -39.60 -13.21 17.31
CA LEU B 203 -38.91 -13.57 18.54
C LEU B 203 -37.62 -12.76 18.69
N CYS B 204 -37.27 -12.45 19.94
CA CYS B 204 -36.01 -11.79 20.26
C CYS B 204 -35.15 -12.78 21.03
N GLY B 205 -34.25 -13.46 20.32
CA GLY B 205 -33.48 -14.55 20.90
C GLY B 205 -32.03 -14.25 21.16
N HIS B 206 -31.16 -14.77 20.30
CA HIS B 206 -29.72 -14.76 20.54
C HIS B 206 -29.12 -13.42 20.13
N GLU B 207 -27.79 -13.36 20.12
CA GLU B 207 -27.04 -12.17 19.69
C GLU B 207 -25.98 -12.55 18.65
N ASP B 208 -26.33 -13.44 17.73
CA ASP B 208 -25.47 -13.83 16.62
C ASP B 208 -26.34 -14.37 15.50
N TRP B 209 -25.70 -14.80 14.41
CA TRP B 209 -26.44 -15.43 13.33
C TRP B 209 -27.02 -16.76 13.79
N ILE B 210 -28.22 -17.07 13.35
CA ILE B 210 -28.81 -18.38 13.61
C ILE B 210 -28.42 -19.31 12.47
N ARG B 211 -27.76 -20.41 12.81
CA ARG B 211 -27.26 -21.35 11.81
C ARG B 211 -28.12 -22.61 11.76
N GLY B 212 -29.37 -22.52 12.19
CA GLY B 212 -30.27 -23.66 12.12
C GLY B 212 -31.46 -23.58 13.05
N VAL B 213 -32.61 -24.05 12.57
CA VAL B 213 -33.82 -24.18 13.36
C VAL B 213 -34.43 -25.54 13.07
N GLU B 214 -35.30 -26.00 13.95
CA GLU B 214 -35.92 -27.31 13.77
C GLU B 214 -37.18 -27.42 14.61
N TRP B 215 -38.23 -27.98 14.03
CA TRP B 215 -39.49 -28.21 14.72
C TRP B 215 -39.55 -29.63 15.26
N ALA B 216 -40.36 -29.82 16.30
CA ALA B 216 -40.60 -31.17 16.83
C ALA B 216 -41.98 -31.19 17.45
N ALA B 217 -42.86 -32.04 16.94
CA ALA B 217 -44.23 -32.16 17.44
C ALA B 217 -44.32 -33.38 18.35
N PHE B 218 -44.33 -33.14 19.66
CA PHE B 218 -44.47 -34.20 20.64
C PHE B 218 -45.86 -34.15 21.24
N GLY B 219 -46.62 -35.24 21.08
CA GLY B 219 -47.98 -35.30 21.58
C GLY B 219 -48.86 -34.23 20.95
N ARG B 220 -49.21 -33.22 21.76
CA ARG B 220 -50.00 -32.09 21.29
C ARG B 220 -49.25 -30.78 21.47
N ASP B 221 -47.91 -30.81 21.47
CA ASP B 221 -47.10 -29.65 21.75
C ASP B 221 -45.97 -29.54 20.73
N LEU B 222 -45.49 -28.32 20.56
CA LEU B 222 -44.45 -27.98 19.58
C LEU B 222 -43.21 -27.47 20.30
N PHE B 223 -42.06 -28.06 19.97
CA PHE B 223 -40.78 -27.66 20.54
C PHE B 223 -39.86 -27.23 19.40
N LEU B 224 -39.22 -26.07 19.57
CA LEU B 224 -38.42 -25.47 18.51
C LEU B 224 -36.97 -25.40 18.94
N ALA B 225 -36.13 -26.23 18.34
CA ALA B 225 -34.69 -26.10 18.52
C ALA B 225 -34.19 -24.92 17.70
N SER B 226 -33.43 -24.05 18.35
CA SER B 226 -33.08 -22.74 17.81
C SER B 226 -31.58 -22.48 17.95
N CYS B 227 -30.77 -23.44 17.49
CA CYS B 227 -29.33 -23.33 17.55
C CYS B 227 -28.85 -21.97 17.07
N SER B 228 -27.80 -21.46 17.72
CA SER B 228 -27.26 -20.15 17.39
C SER B 228 -25.76 -20.24 17.10
N GLN B 229 -25.13 -19.08 16.93
CA GLN B 229 -23.70 -19.01 16.69
C GLN B 229 -22.91 -18.56 17.91
N ASP B 230 -23.56 -17.84 18.83
CA ASP B 230 -22.90 -17.42 20.07
C ASP B 230 -23.06 -18.47 21.17
N CYS B 231 -22.75 -19.72 20.82
CA CYS B 231 -22.60 -20.81 21.80
C CYS B 231 -23.82 -20.96 22.70
N LEU B 232 -25.02 -20.81 22.11
CA LEU B 232 -26.25 -20.82 22.90
C LEU B 232 -27.35 -21.53 22.14
N ILE B 233 -27.71 -22.74 22.58
CA ILE B 233 -28.93 -23.39 22.12
C ILE B 233 -30.10 -22.91 22.97
N ARG B 234 -31.27 -22.75 22.34
CA ARG B 234 -32.43 -22.22 23.04
C ARG B 234 -33.65 -23.02 22.63
N ILE B 235 -34.23 -23.77 23.58
CA ILE B 235 -35.43 -24.55 23.33
C ILE B 235 -36.64 -23.71 23.69
N TRP B 236 -37.59 -23.62 22.77
CA TRP B 236 -38.83 -22.90 22.99
C TRP B 236 -39.99 -23.90 23.08
N LYS B 237 -41.20 -23.38 23.29
CA LYS B 237 -42.38 -24.24 23.23
C LYS B 237 -43.54 -23.44 22.67
N LEU B 238 -44.50 -24.15 22.07
CA LEU B 238 -45.68 -23.54 21.47
C LEU B 238 -46.90 -24.39 21.85
N TYR B 239 -47.81 -23.80 22.62
CA TYR B 239 -48.98 -24.49 23.11
C TYR B 239 -50.23 -23.65 22.87
N ILE B 240 -51.35 -24.32 22.70
CA ILE B 240 -52.62 -23.64 22.47
C ILE B 240 -53.09 -22.92 23.73
N PHE B 271 -51.98 -20.30 20.95
CA PHE B 271 -50.86 -20.76 20.13
C PHE B 271 -49.58 -20.00 20.49
N ALA B 272 -49.64 -19.30 21.63
CA ALA B 272 -48.53 -18.44 22.03
C ALA B 272 -47.27 -19.26 22.28
N VAL B 273 -46.13 -18.63 22.03
CA VAL B 273 -44.82 -19.25 22.18
C VAL B 273 -44.21 -18.78 23.50
N THR B 274 -43.50 -19.69 24.16
CA THR B 274 -42.87 -19.39 25.44
C THR B 274 -41.41 -19.86 25.39
N LEU B 275 -40.56 -19.17 26.14
CA LEU B 275 -39.14 -19.49 26.23
C LEU B 275 -38.91 -20.51 27.34
N GLU B 276 -37.92 -21.37 27.10
CA GLU B 276 -37.59 -22.46 28.02
C GLU B 276 -36.08 -22.58 28.10
N THR B 277 -35.61 -23.74 28.59
CA THR B 277 -34.22 -23.98 28.91
C THR B 277 -33.27 -23.39 27.89
N VAL B 278 -32.21 -22.75 28.38
CA VAL B 278 -31.26 -22.02 27.57
C VAL B 278 -29.92 -22.76 27.68
N LEU B 279 -30.00 -24.09 27.72
CA LEU B 279 -28.84 -24.95 27.86
C LEU B 279 -27.67 -24.52 26.98
N ALA B 280 -26.46 -24.62 27.53
CA ALA B 280 -25.24 -24.23 26.83
C ALA B 280 -24.10 -25.10 27.33
N GLY B 281 -22.89 -24.82 26.84
CA GLY B 281 -21.75 -25.65 27.16
C GLY B 281 -20.74 -25.77 26.03
N HIS B 282 -21.09 -25.27 24.85
CA HIS B 282 -20.12 -25.14 23.77
C HIS B 282 -19.37 -23.82 23.91
N GLU B 283 -18.18 -23.77 23.31
CA GLU B 283 -17.35 -22.58 23.37
C GLU B 283 -17.09 -21.95 22.00
N ASN B 284 -17.55 -22.56 20.92
CA ASN B 284 -17.43 -22.00 19.59
C ASN B 284 -18.79 -21.98 18.89
N TRP B 285 -18.78 -21.62 17.62
CA TRP B 285 -20.00 -21.60 16.82
C TRP B 285 -20.62 -22.99 16.79
N VAL B 286 -21.93 -23.06 17.04
CA VAL B 286 -22.65 -24.32 16.96
C VAL B 286 -23.39 -24.34 15.62
N ASN B 287 -23.18 -25.39 14.84
CA ASN B 287 -23.58 -25.40 13.44
C ASN B 287 -24.84 -26.19 13.14
N ALA B 288 -25.17 -27.20 13.93
CA ALA B 288 -26.31 -28.04 13.60
C ALA B 288 -27.05 -28.44 14.87
N VAL B 289 -28.32 -28.78 14.70
CA VAL B 289 -29.17 -29.30 15.77
C VAL B 289 -30.29 -30.09 15.13
N HIS B 290 -30.55 -31.30 15.65
CA HIS B 290 -31.55 -32.18 15.05
C HIS B 290 -32.12 -33.09 16.13
N TRP B 291 -33.43 -33.05 16.31
CA TRP B 291 -34.09 -33.98 17.21
C TRP B 291 -33.94 -35.40 16.68
N GLN B 292 -33.79 -36.36 17.58
CA GLN B 292 -33.81 -37.75 17.19
C GLN B 292 -35.21 -38.11 16.69
N PRO B 293 -35.34 -38.73 15.53
CA PRO B 293 -36.66 -38.90 14.92
C PRO B 293 -37.40 -40.10 15.49
N VAL B 294 -38.72 -40.08 15.33
CA VAL B 294 -39.55 -41.19 15.78
C VAL B 294 -39.28 -42.42 14.92
N PHE B 295 -39.60 -43.58 15.47
CA PHE B 295 -39.40 -44.84 14.76
C PHE B 295 -40.42 -45.86 15.24
N TYR B 296 -40.64 -46.88 14.42
CA TYR B 296 -41.62 -47.92 14.70
C TYR B 296 -40.88 -49.20 15.09
N LYS B 297 -41.00 -49.59 16.35
CA LYS B 297 -40.42 -50.82 16.86
C LYS B 297 -41.55 -51.78 17.19
N ASP B 298 -41.68 -52.83 16.38
CA ASP B 298 -42.72 -53.85 16.55
C ASP B 298 -44.11 -53.23 16.54
N GLY B 299 -44.41 -52.53 15.45
CA GLY B 299 -45.72 -51.89 15.29
C GLY B 299 -45.92 -50.63 16.08
N VAL B 300 -45.64 -50.66 17.39
CA VAL B 300 -45.80 -49.47 18.22
C VAL B 300 -44.70 -48.47 17.89
N LEU B 301 -45.10 -47.25 17.57
CA LEU B 301 -44.15 -46.18 17.32
C LEU B 301 -43.52 -45.72 18.63
N GLN B 302 -42.27 -45.29 18.55
CA GLN B 302 -41.55 -44.77 19.70
C GLN B 302 -41.26 -43.29 19.49
N GLN B 303 -41.30 -42.54 20.59
CA GLN B 303 -41.25 -41.07 20.56
C GLN B 303 -40.13 -40.59 21.49
N PRO B 304 -38.87 -40.74 21.07
CA PRO B 304 -37.75 -40.33 21.92
C PRO B 304 -37.68 -38.81 22.04
N VAL B 305 -37.12 -38.36 23.16
CA VAL B 305 -36.89 -36.95 23.41
C VAL B 305 -35.40 -36.78 23.68
N ARG B 306 -34.63 -36.46 22.65
CA ARG B 306 -33.20 -36.22 22.77
C ARG B 306 -32.82 -35.12 21.79
N LEU B 307 -31.51 -34.89 21.62
CA LEU B 307 -31.03 -33.77 20.82
C LEU B 307 -29.54 -33.95 20.56
N LEU B 308 -29.13 -33.74 19.31
CA LEU B 308 -27.73 -33.87 18.91
C LEU B 308 -27.29 -32.58 18.25
N SER B 309 -26.04 -32.18 18.49
CA SER B 309 -25.51 -30.94 17.94
C SER B 309 -24.01 -31.08 17.74
N ALA B 310 -23.47 -30.21 16.89
CA ALA B 310 -22.04 -30.17 16.61
C ALA B 310 -21.60 -28.71 16.52
N SER B 311 -20.30 -28.48 16.75
CA SER B 311 -19.78 -27.13 16.80
C SER B 311 -18.33 -27.13 16.30
N MET B 312 -17.77 -25.94 16.19
CA MET B 312 -16.37 -25.76 15.77
C MET B 312 -15.38 -26.26 16.81
N ASP B 313 -15.80 -26.42 18.06
CA ASP B 313 -14.92 -26.80 19.16
C ASP B 313 -14.47 -28.26 19.08
N LYS B 314 -14.73 -28.96 17.98
CA LYS B 314 -14.28 -30.34 17.77
C LYS B 314 -14.93 -31.30 18.75
N THR B 315 -16.20 -31.09 19.04
CA THR B 315 -16.90 -31.96 19.98
C THR B 315 -18.38 -32.00 19.64
N MET B 316 -19.03 -33.08 20.07
CA MET B 316 -20.46 -33.29 19.91
C MET B 316 -21.07 -33.52 21.28
N ILE B 317 -22.22 -32.91 21.54
CA ILE B 317 -22.90 -33.04 22.82
C ILE B 317 -24.31 -33.56 22.56
N LEU B 318 -24.66 -34.64 23.24
CA LEU B 318 -25.98 -35.28 23.10
C LEU B 318 -26.80 -34.93 24.32
N TRP B 319 -27.72 -33.98 24.16
CA TRP B 319 -28.45 -33.47 25.32
C TRP B 319 -29.74 -34.23 25.52
N ALA B 320 -29.96 -34.73 26.74
CA ALA B 320 -31.19 -35.41 27.08
C ALA B 320 -31.67 -34.92 28.43
N PRO B 321 -32.98 -34.88 28.65
CA PRO B 321 -33.49 -34.46 29.96
C PRO B 321 -33.24 -35.52 31.02
N ASP B 322 -33.19 -35.06 32.28
CA ASP B 322 -32.98 -35.95 33.41
C ASP B 322 -34.21 -36.81 33.64
N GLU B 323 -34.00 -37.97 34.27
CA GLU B 323 -35.08 -38.91 34.50
C GLU B 323 -36.15 -38.32 35.42
N GLU B 324 -35.72 -37.70 36.52
CA GLU B 324 -36.68 -37.14 37.47
C GLU B 324 -37.01 -35.70 37.13
N SER B 325 -36.00 -34.84 37.09
CA SER B 325 -36.19 -33.42 36.79
C SER B 325 -36.22 -33.22 35.27
N GLY B 326 -37.01 -32.25 34.82
CA GLY B 326 -37.12 -31.98 33.40
C GLY B 326 -35.99 -31.16 32.82
N VAL B 327 -35.08 -30.65 33.65
CA VAL B 327 -33.99 -29.84 33.16
C VAL B 327 -33.06 -30.69 32.30
N TRP B 328 -32.53 -30.08 31.23
CA TRP B 328 -31.70 -30.78 30.27
C TRP B 328 -30.25 -30.82 30.73
N LEU B 329 -29.61 -31.98 30.55
CA LEU B 329 -28.22 -32.17 30.95
C LEU B 329 -27.48 -32.90 29.84
N GLU B 330 -26.17 -32.75 29.84
CA GLU B 330 -25.31 -33.47 28.90
C GLU B 330 -25.30 -34.96 29.23
N GLN B 331 -25.15 -35.78 28.19
CA GLN B 331 -25.00 -37.22 28.36
C GLN B 331 -23.64 -37.74 27.92
N VAL B 332 -23.21 -37.41 26.69
CA VAL B 332 -21.93 -37.85 26.17
C VAL B 332 -21.21 -36.68 25.52
N ARG B 333 -19.91 -36.85 25.32
CA ARG B 333 -19.03 -35.83 24.75
C ARG B 333 -18.15 -36.46 23.68
N VAL B 334 -18.77 -37.16 22.74
CA VAL B 334 -18.01 -37.79 21.66
C VAL B 334 -17.35 -36.71 20.80
N GLY B 335 -16.08 -36.91 20.51
CA GLY B 335 -15.32 -35.93 19.75
C GLY B 335 -14.14 -36.57 19.05
N GLU B 336 -13.54 -35.80 18.15
CA GLU B 336 -12.42 -36.27 17.35
C GLU B 336 -11.15 -35.51 17.70
N VAL B 337 -10.04 -36.25 17.79
CA VAL B 337 -8.73 -35.67 18.11
C VAL B 337 -7.78 -36.12 17.01
N GLY B 338 -7.64 -35.30 15.96
CA GLY B 338 -6.68 -35.59 14.91
C GLY B 338 -5.99 -34.34 14.40
N GLY B 339 -4.66 -34.32 14.47
CA GLY B 339 -3.92 -33.15 14.02
C GLY B 339 -4.33 -31.91 14.79
N ASN B 340 -4.59 -30.83 14.06
CA ASN B 340 -5.09 -29.59 14.63
C ASN B 340 -6.21 -29.01 13.78
N THR B 341 -7.04 -29.87 13.20
CA THR B 341 -8.12 -29.42 12.34
C THR B 341 -9.21 -28.74 13.15
N LEU B 342 -10.22 -28.24 12.46
CA LEU B 342 -11.33 -27.54 13.08
C LEU B 342 -12.45 -28.52 13.41
N GLY B 343 -13.63 -28.00 13.76
CA GLY B 343 -14.73 -28.84 14.19
C GLY B 343 -15.54 -29.44 13.06
N PHE B 344 -16.86 -29.35 13.16
CA PHE B 344 -17.76 -29.97 12.20
C PHE B 344 -18.80 -28.95 11.76
N TYR B 345 -19.30 -29.13 10.54
CA TYR B 345 -20.40 -28.32 10.04
C TYR B 345 -21.76 -28.97 10.18
N ASP B 346 -21.84 -30.30 10.18
CA ASP B 346 -23.12 -30.98 10.22
C ASP B 346 -22.97 -32.34 10.88
N CYS B 347 -24.10 -32.84 11.38
CA CYS B 347 -24.15 -34.16 11.99
C CYS B 347 -25.58 -34.70 11.87
N GLN B 348 -25.69 -36.01 11.65
CA GLN B 348 -26.98 -36.65 11.52
C GLN B 348 -27.06 -37.85 12.46
N PHE B 349 -28.23 -38.02 13.08
CA PHE B 349 -28.33 -38.95 14.20
C PHE B 349 -28.53 -40.38 13.73
N ASN B 350 -29.74 -40.75 13.32
CA ASN B 350 -30.06 -42.08 12.78
C ASN B 350 -31.54 -42.21 12.51
N GLU B 351 -31.95 -43.37 11.97
CA GLU B 351 -33.36 -43.73 11.95
C GLU B 351 -33.91 -43.71 13.38
N ASP B 352 -33.43 -44.61 14.24
CA ASP B 352 -33.90 -44.56 15.62
C ASP B 352 -32.87 -44.03 16.61
N GLY B 353 -31.82 -44.80 16.89
CA GLY B 353 -30.79 -44.36 17.81
C GLY B 353 -29.42 -44.99 17.63
N SER B 354 -29.26 -45.80 16.58
CA SER B 354 -28.16 -46.75 16.54
C SER B 354 -26.80 -46.06 16.40
N MET B 355 -26.62 -45.33 15.31
CA MET B 355 -25.34 -44.72 14.97
C MET B 355 -25.45 -43.20 15.05
N ILE B 356 -24.37 -42.54 14.66
CA ILE B 356 -24.26 -41.08 14.61
C ILE B 356 -23.14 -40.76 13.62
N ILE B 357 -23.37 -39.77 12.74
CA ILE B 357 -22.35 -39.36 11.78
C ILE B 357 -22.13 -37.86 11.89
N ALA B 358 -20.89 -37.43 11.65
CA ALA B 358 -20.50 -36.03 11.65
C ALA B 358 -19.61 -35.78 10.45
N HIS B 359 -19.83 -34.64 9.79
CA HIS B 359 -19.05 -34.20 8.64
C HIS B 359 -18.05 -33.17 9.12
N ALA B 360 -16.77 -33.46 8.93
CA ALA B 360 -15.70 -32.63 9.49
C ALA B 360 -15.53 -31.37 8.64
N PHE B 361 -14.48 -30.61 8.91
CA PHE B 361 -14.14 -29.42 8.15
C PHE B 361 -13.44 -29.73 6.83
N HIS B 362 -12.25 -30.31 6.88
CA HIS B 362 -11.45 -30.51 5.68
C HIS B 362 -12.10 -31.48 4.71
N GLY B 363 -13.12 -32.21 5.15
CA GLY B 363 -13.78 -33.21 4.35
C GLY B 363 -13.50 -34.59 4.90
N ALA B 364 -14.44 -35.11 5.68
CA ALA B 364 -14.28 -36.37 6.38
C ALA B 364 -15.62 -36.74 7.00
N LEU B 365 -15.81 -38.03 7.21
CA LEU B 365 -17.03 -38.56 7.82
C LEU B 365 -16.63 -39.40 9.01
N HIS B 366 -17.06 -39.01 10.21
CA HIS B 366 -16.80 -39.78 11.42
C HIS B 366 -18.11 -40.32 11.96
N LEU B 367 -18.18 -41.64 12.17
CA LEU B 367 -19.40 -42.29 12.59
C LEU B 367 -19.14 -43.13 13.84
N TRP B 368 -20.18 -43.26 14.67
CA TRP B 368 -20.07 -43.96 15.94
C TRP B 368 -21.40 -44.63 16.25
N LYS B 369 -21.36 -45.92 16.58
CA LYS B 369 -22.53 -46.66 17.01
C LYS B 369 -22.54 -46.76 18.53
N GLN B 370 -23.74 -46.87 19.10
CA GLN B 370 -23.88 -46.94 20.58
C GLN B 370 -23.50 -48.35 21.06
N ASN B 371 -22.54 -48.44 21.98
CA ASN B 371 -22.15 -49.76 22.55
C ASN B 371 -23.34 -50.32 23.32
N THR B 372 -23.69 -51.60 23.07
CA THR B 372 -24.82 -52.23 23.78
C THR B 372 -24.50 -52.29 25.28
N VAL B 373 -23.26 -52.64 25.62
CA VAL B 373 -22.84 -52.74 27.05
C VAL B 373 -22.99 -51.36 27.70
N ASN B 374 -22.50 -50.31 27.04
CA ASN B 374 -22.59 -48.94 27.59
C ASN B 374 -23.12 -47.99 26.51
N PRO B 375 -24.32 -47.39 26.68
CA PRO B 375 -24.85 -46.43 25.71
C PRO B 375 -23.91 -45.23 25.61
N ARG B 376 -23.33 -44.81 26.74
CA ARG B 376 -22.38 -43.67 26.76
C ARG B 376 -21.12 -44.05 25.98
N GLU B 377 -20.92 -45.35 25.73
CA GLU B 377 -19.71 -45.82 25.00
C GLU B 377 -20.04 -45.87 23.50
N TRP B 378 -19.13 -45.36 22.66
CA TRP B 378 -19.33 -45.39 21.22
C TRP B 378 -18.03 -45.76 20.51
N THR B 379 -18.15 -46.61 19.49
CA THR B 379 -17.01 -47.13 18.75
C THR B 379 -17.05 -46.65 17.30
N PRO B 380 -15.89 -46.42 16.68
CA PRO B 380 -15.85 -45.98 15.29
C PRO B 380 -16.18 -47.13 14.34
N GLU B 381 -16.28 -46.81 13.06
CA GLU B 381 -16.59 -47.79 12.03
C GLU B 381 -15.85 -47.36 10.76
N ILE B 382 -16.25 -47.93 9.62
CA ILE B 382 -15.56 -47.73 8.35
C ILE B 382 -16.50 -47.00 7.40
N VAL B 383 -15.98 -45.93 6.77
CA VAL B 383 -16.73 -45.13 5.81
C VAL B 383 -15.85 -44.88 4.59
N ILE B 384 -16.39 -44.08 3.67
CA ILE B 384 -15.71 -43.75 2.44
C ILE B 384 -15.03 -42.40 2.57
N SER B 385 -14.14 -42.08 1.64
CA SER B 385 -13.39 -40.84 1.67
C SER B 385 -12.96 -40.50 0.24
N GLY B 386 -12.06 -39.54 0.12
CA GLY B 386 -11.58 -39.12 -1.19
C GLY B 386 -11.02 -37.73 -1.12
N HIS B 387 -10.38 -37.33 -2.23
CA HIS B 387 -9.82 -35.99 -2.31
C HIS B 387 -10.93 -34.95 -2.30
N PHE B 388 -10.68 -33.84 -1.62
CA PHE B 388 -11.61 -32.71 -1.58
C PHE B 388 -11.32 -31.67 -2.65
N ASP B 389 -10.47 -32.01 -3.63
CA ASP B 389 -10.24 -31.18 -4.79
C ASP B 389 -9.94 -32.11 -5.95
N GLY B 390 -9.96 -31.55 -7.16
CA GLY B 390 -9.81 -32.34 -8.37
C GLY B 390 -8.59 -33.24 -8.40
N VAL B 391 -8.80 -34.52 -8.68
CA VAL B 391 -7.71 -35.49 -8.67
C VAL B 391 -6.97 -35.40 -9.99
N GLN B 392 -5.73 -34.91 -9.94
CA GLN B 392 -4.97 -34.62 -11.16
C GLN B 392 -4.46 -35.86 -11.87
N ASP B 393 -3.92 -36.84 -11.15
CA ASP B 393 -3.31 -37.97 -11.80
C ASP B 393 -3.57 -39.25 -11.00
N LEU B 394 -3.48 -40.38 -11.71
CA LEU B 394 -3.77 -41.70 -11.17
C LEU B 394 -2.80 -42.70 -11.76
N VAL B 395 -2.36 -43.66 -10.94
CA VAL B 395 -1.50 -44.74 -11.40
C VAL B 395 -2.02 -46.06 -10.85
N TRP B 396 -2.18 -47.04 -11.73
CA TRP B 396 -2.53 -48.40 -11.36
C TRP B 396 -1.29 -49.14 -10.87
N ASP B 397 -1.50 -50.07 -9.94
CA ASP B 397 -0.39 -50.89 -9.46
C ASP B 397 0.10 -51.82 -10.57
N PRO B 398 1.41 -52.01 -10.71
CA PRO B 398 1.90 -52.97 -11.71
C PRO B 398 1.33 -54.37 -11.56
N GLU B 399 1.20 -54.86 -10.33
CA GLU B 399 0.53 -56.14 -10.13
C GLU B 399 -0.99 -55.99 -10.23
N GLY B 400 -1.51 -54.82 -9.86
CA GLY B 400 -2.92 -54.53 -10.05
C GLY B 400 -3.81 -54.78 -8.86
N GLU B 401 -3.41 -54.29 -7.69
CA GLU B 401 -4.23 -54.42 -6.49
C GLU B 401 -4.43 -53.11 -5.73
N PHE B 402 -3.84 -52.01 -6.17
CA PHE B 402 -4.12 -50.72 -5.56
C PHE B 402 -3.85 -49.62 -6.56
N ILE B 403 -4.48 -48.47 -6.34
CA ILE B 403 -4.33 -47.32 -7.22
C ILE B 403 -3.89 -46.12 -6.38
N ILE B 404 -2.97 -45.33 -6.91
CA ILE B 404 -2.49 -44.13 -6.23
C ILE B 404 -3.01 -42.91 -6.97
N THR B 405 -3.64 -42.00 -6.22
CA THR B 405 -4.28 -40.82 -6.80
C THR B 405 -3.72 -39.57 -6.16
N VAL B 406 -3.48 -38.56 -6.99
CA VAL B 406 -2.89 -37.31 -6.55
C VAL B 406 -3.69 -36.15 -7.14
N GLY B 407 -3.96 -35.15 -6.31
CA GLY B 407 -4.78 -34.04 -6.75
C GLY B 407 -4.34 -32.73 -6.13
N THR B 408 -5.14 -31.69 -6.40
CA THR B 408 -4.84 -30.35 -5.92
C THR B 408 -4.98 -30.24 -4.39
N ASP B 409 -5.57 -31.24 -3.75
CA ASP B 409 -5.78 -31.20 -2.30
C ASP B 409 -4.48 -31.35 -1.52
N GLN B 410 -3.33 -31.31 -2.19
CA GLN B 410 -2.03 -31.41 -1.53
C GLN B 410 -1.92 -32.72 -0.74
N THR B 411 -2.42 -33.80 -1.33
CA THR B 411 -2.46 -35.08 -0.65
C THR B 411 -2.33 -36.19 -1.70
N THR B 412 -1.81 -37.33 -1.27
CA THR B 412 -1.74 -38.53 -2.09
C THR B 412 -2.52 -39.63 -1.38
N ARG B 413 -3.41 -40.31 -2.09
CA ARG B 413 -4.26 -41.32 -1.48
C ARG B 413 -4.12 -42.65 -2.23
N LEU B 414 -4.00 -43.72 -1.47
CA LEU B 414 -3.86 -45.07 -2.01
C LEU B 414 -5.12 -45.86 -1.71
N PHE B 415 -5.72 -46.43 -2.75
CA PHE B 415 -6.97 -47.18 -2.63
C PHE B 415 -6.70 -48.65 -2.92
N ALA B 416 -7.16 -49.50 -2.02
CA ALA B 416 -6.91 -50.94 -2.05
C ALA B 416 -8.17 -51.67 -1.61
N PRO B 417 -8.32 -52.94 -2.00
CA PRO B 417 -9.54 -53.68 -1.63
C PRO B 417 -9.49 -54.23 -0.22
N TRP B 418 -10.52 -55.00 0.14
CA TRP B 418 -10.58 -55.66 1.44
C TRP B 418 -11.48 -56.88 1.32
N LYS B 419 -11.27 -57.85 2.21
CA LYS B 419 -12.12 -59.03 2.31
C LYS B 419 -13.01 -58.85 3.53
N ARG B 420 -14.32 -58.98 3.33
CA ARG B 420 -15.27 -58.92 4.43
C ARG B 420 -15.55 -60.33 4.96
N LYS B 421 -14.46 -61.01 5.32
CA LYS B 421 -14.52 -62.40 5.78
C LYS B 421 -15.21 -63.27 4.75
N ASP B 422 -15.90 -64.32 5.20
CA ASP B 422 -16.61 -65.21 4.30
C ASP B 422 -17.90 -64.53 3.87
N GLN B 423 -17.80 -63.59 2.95
CA GLN B 423 -18.94 -62.80 2.49
C GLN B 423 -18.58 -62.21 1.13
N SER B 424 -19.60 -61.82 0.37
CA SER B 424 -19.45 -61.36 -1.01
C SER B 424 -19.33 -59.84 -1.05
N GLN B 425 -19.35 -59.30 -2.27
CA GLN B 425 -19.30 -57.86 -2.51
C GLN B 425 -18.04 -57.24 -1.86
N VAL B 426 -16.89 -57.67 -2.39
CA VAL B 426 -15.62 -57.16 -1.89
C VAL B 426 -15.55 -55.65 -2.12
N THR B 427 -14.98 -54.95 -1.16
CA THR B 427 -15.02 -53.49 -1.11
C THR B 427 -13.62 -52.90 -1.21
N TRP B 428 -13.48 -51.90 -2.08
CA TRP B 428 -12.24 -51.14 -2.23
C TRP B 428 -12.41 -49.82 -1.50
N HIS B 429 -11.44 -49.47 -0.66
CA HIS B 429 -11.50 -48.22 0.09
C HIS B 429 -10.11 -47.87 0.60
N GLU B 430 -9.98 -46.64 1.09
CA GLU B 430 -8.69 -46.07 1.43
C GLU B 430 -8.04 -46.83 2.58
N ILE B 431 -6.73 -47.08 2.45
CA ILE B 431 -5.96 -47.76 3.48
C ILE B 431 -4.68 -47.03 3.85
N ALA B 432 -4.30 -45.98 3.11
CA ALA B 432 -3.04 -45.31 3.37
C ALA B 432 -3.12 -43.86 2.93
N ARG B 433 -2.04 -43.13 3.17
CA ARG B 433 -1.89 -41.72 2.83
C ARG B 433 -0.41 -41.37 2.80
N PRO B 434 0.32 -41.78 1.76
CA PRO B 434 1.79 -41.63 1.79
C PRO B 434 2.28 -40.21 1.99
N GLN B 435 1.59 -39.21 1.44
CA GLN B 435 2.09 -37.85 1.47
C GLN B 435 0.97 -36.89 1.88
N ILE B 436 1.30 -35.98 2.79
CA ILE B 436 0.43 -34.87 3.14
C ILE B 436 1.20 -33.59 2.85
N HIS B 437 2.04 -33.65 1.80
CA HIS B 437 2.91 -32.54 1.44
C HIS B 437 2.11 -31.25 1.23
N GLY B 438 2.78 -30.12 1.47
CA GLY B 438 2.12 -28.84 1.47
C GLY B 438 2.06 -28.08 0.16
N TYR B 439 2.65 -28.62 -0.90
CA TYR B 439 2.58 -27.98 -2.21
C TYR B 439 1.46 -28.59 -3.04
N ASP B 440 1.20 -27.96 -4.19
CA ASP B 440 0.14 -28.44 -5.07
C ASP B 440 0.72 -29.46 -6.04
N LEU B 441 0.50 -30.74 -5.76
CA LEU B 441 1.04 -31.81 -6.57
C LEU B 441 0.26 -31.95 -7.87
N LYS B 442 0.95 -32.37 -8.92
CA LYS B 442 0.33 -32.44 -10.25
C LYS B 442 0.61 -33.70 -11.05
N CYS B 443 1.54 -34.57 -10.64
CA CYS B 443 1.92 -35.70 -11.47
C CYS B 443 2.17 -36.92 -10.59
N LEU B 444 2.61 -38.01 -11.23
CA LEU B 444 2.77 -39.29 -10.56
C LEU B 444 3.54 -40.24 -11.46
N ALA B 445 4.20 -41.22 -10.83
CA ALA B 445 4.98 -42.21 -11.56
C ALA B 445 5.38 -43.34 -10.62
N MET B 446 5.31 -44.58 -11.11
CA MET B 446 5.79 -45.76 -10.41
C MET B 446 7.22 -46.07 -10.86
N ILE B 447 8.04 -46.55 -9.94
CA ILE B 447 9.36 -47.07 -10.27
C ILE B 447 9.45 -48.57 -10.01
N ASN B 448 8.88 -49.04 -8.92
CA ASN B 448 8.98 -50.46 -8.55
C ASN B 448 7.71 -50.83 -7.78
N ARG B 449 7.77 -51.94 -7.04
CA ARG B 449 6.62 -52.42 -6.30
C ARG B 449 6.13 -51.38 -5.29
N PHE B 450 7.06 -50.82 -4.51
CA PHE B 450 6.75 -49.76 -3.56
C PHE B 450 7.77 -48.64 -3.76
N GLN B 451 7.50 -47.76 -4.73
CA GLN B 451 8.26 -46.54 -4.94
C GLN B 451 7.32 -45.50 -5.55
N PHE B 452 7.71 -44.23 -5.43
CA PHE B 452 6.74 -43.16 -5.57
C PHE B 452 7.46 -41.88 -5.95
N VAL B 453 7.01 -41.24 -7.03
CA VAL B 453 7.54 -39.95 -7.47
C VAL B 453 6.37 -38.99 -7.68
N SER B 454 6.49 -37.79 -7.14
CA SER B 454 5.43 -36.80 -7.17
C SER B 454 5.96 -35.48 -7.71
N GLY B 455 5.28 -34.93 -8.72
CA GLY B 455 5.64 -33.64 -9.25
C GLY B 455 4.82 -32.52 -8.63
N ALA B 456 5.40 -31.84 -7.63
CA ALA B 456 4.70 -30.78 -6.92
C ALA B 456 4.83 -29.46 -7.69
N ASP B 457 4.42 -28.36 -7.06
CA ASP B 457 4.50 -27.04 -7.67
C ASP B 457 5.83 -26.34 -7.35
N GLU B 458 6.89 -27.11 -7.15
CA GLU B 458 8.24 -26.60 -6.93
C GLU B 458 9.15 -27.09 -8.05
N LYS B 459 10.44 -26.83 -7.90
CA LYS B 459 11.44 -27.17 -8.90
C LYS B 459 12.11 -28.52 -8.63
N VAL B 460 11.64 -29.28 -7.65
CA VAL B 460 12.33 -30.48 -7.20
C VAL B 460 11.43 -31.68 -7.36
N LEU B 461 12.02 -32.79 -7.79
CA LEU B 461 11.32 -34.08 -7.88
C LEU B 461 11.59 -34.82 -6.58
N ARG B 462 10.52 -35.25 -5.92
CA ARG B 462 10.66 -35.95 -4.65
C ARG B 462 10.24 -37.41 -4.79
N VAL B 463 11.13 -38.32 -4.39
CA VAL B 463 10.93 -39.75 -4.54
C VAL B 463 10.75 -40.37 -3.16
N PHE B 464 9.89 -41.39 -3.08
CA PHE B 464 9.50 -41.99 -1.82
C PHE B 464 9.65 -43.50 -1.87
N SER B 465 9.83 -44.10 -0.70
CA SER B 465 9.82 -45.55 -0.51
C SER B 465 8.77 -45.91 0.53
N ALA B 466 8.71 -47.19 0.89
CA ALA B 466 7.65 -47.64 1.78
C ALA B 466 8.23 -48.25 3.06
N PRO B 467 7.57 -48.04 4.20
CA PRO B 467 7.99 -48.69 5.44
C PRO B 467 7.40 -50.09 5.57
N ARG B 468 7.89 -50.81 6.57
CA ARG B 468 7.45 -52.19 6.77
C ARG B 468 6.03 -52.27 7.33
N ASN B 469 5.59 -51.22 8.04
CA ASN B 469 4.24 -51.20 8.56
C ASN B 469 3.22 -51.26 7.41
N PHE B 470 3.48 -50.53 6.32
CA PHE B 470 2.54 -50.54 5.20
C PHE B 470 2.39 -51.93 4.60
N VAL B 471 3.51 -52.61 4.32
CA VAL B 471 3.43 -53.92 3.68
C VAL B 471 2.81 -54.94 4.66
N GLU B 472 3.11 -54.81 5.95
CA GLU B 472 2.51 -55.69 6.93
C GLU B 472 0.99 -55.52 6.97
N ASN B 473 0.52 -54.26 6.97
CA ASN B 473 -0.91 -54.01 6.99
C ASN B 473 -1.56 -54.44 5.68
N PHE B 474 -0.86 -54.28 4.56
CA PHE B 474 -1.38 -54.73 3.27
C PHE B 474 -1.56 -56.23 3.25
N CYS B 475 -0.59 -56.97 3.81
CA CYS B 475 -0.77 -58.41 4.01
C CYS B 475 -1.97 -58.71 4.89
N ALA B 476 -2.10 -57.99 6.00
CA ALA B 476 -3.18 -58.26 6.94
C ALA B 476 -4.54 -57.99 6.32
N ILE B 477 -4.61 -57.06 5.37
CA ILE B 477 -5.89 -56.64 4.81
C ILE B 477 -6.26 -57.47 3.57
N THR B 478 -5.42 -57.41 2.53
CA THR B 478 -5.80 -58.01 1.26
C THR B 478 -5.78 -59.53 1.30
N GLY B 479 -5.13 -60.14 2.29
CA GLY B 479 -5.06 -61.58 2.40
C GLY B 479 -3.90 -62.22 1.68
N GLN B 480 -3.18 -61.48 0.84
CA GLN B 480 -1.99 -62.02 0.19
C GLN B 480 -0.90 -62.27 1.22
N SER B 481 -0.23 -63.41 1.11
CA SER B 481 0.73 -63.83 2.12
C SER B 481 1.90 -62.86 2.23
N LEU B 482 2.41 -62.70 3.45
CA LEU B 482 3.52 -61.77 3.69
C LEU B 482 4.78 -62.21 2.97
N ASN B 483 5.08 -63.52 2.99
CA ASN B 483 6.25 -64.01 2.28
C ASN B 483 6.10 -63.83 0.78
N HIS B 484 4.87 -63.93 0.27
CA HIS B 484 4.64 -63.75 -1.16
C HIS B 484 4.72 -62.27 -1.57
N VAL B 485 4.18 -61.38 -0.75
CA VAL B 485 4.18 -59.96 -1.12
C VAL B 485 5.60 -59.39 -1.10
N LEU B 486 6.46 -59.91 -0.23
CA LEU B 486 7.86 -59.50 -0.18
C LEU B 486 8.76 -60.39 -1.03
N CYS B 487 8.18 -61.29 -1.83
CA CYS B 487 8.93 -62.21 -2.68
C CYS B 487 9.91 -63.04 -1.86
N ASN B 488 9.48 -63.46 -0.67
CA ASN B 488 10.28 -64.31 0.21
C ASN B 488 11.64 -63.70 0.51
N GLU B 544 -8.90 -54.99 10.43
CA GLU B 544 -9.77 -54.14 9.65
C GLU B 544 -8.97 -53.02 8.98
N PRO B 545 -9.49 -52.48 7.88
CA PRO B 545 -8.82 -51.34 7.25
C PRO B 545 -8.83 -50.14 8.18
N PRO B 546 -7.83 -49.26 8.08
CA PRO B 546 -7.69 -48.19 9.07
C PRO B 546 -8.79 -47.15 9.00
N THR B 547 -8.81 -46.25 9.99
CA THR B 547 -9.77 -45.16 10.09
C THR B 547 -9.00 -43.85 9.99
N GLU B 548 -9.69 -42.73 10.23
CA GLU B 548 -9.09 -41.39 10.10
C GLU B 548 -7.88 -41.18 11.00
N ASP B 549 -7.77 -41.83 12.16
CA ASP B 549 -6.63 -41.67 13.04
C ASP B 549 -5.35 -42.29 12.49
N HIS B 550 -5.44 -43.45 11.85
CA HIS B 550 -4.21 -44.15 11.40
C HIS B 550 -3.63 -43.51 10.13
N LEU B 551 -4.42 -42.74 9.39
CA LEU B 551 -3.99 -42.19 8.11
C LEU B 551 -3.48 -40.76 8.23
N LEU B 552 -4.27 -39.88 8.86
CA LEU B 552 -3.88 -38.47 8.95
C LEU B 552 -2.63 -38.29 9.81
N GLN B 553 -2.52 -39.06 10.89
CA GLN B 553 -1.44 -38.88 11.85
C GLN B 553 -0.41 -40.00 11.83
N ASN B 554 -0.81 -41.25 11.61
CA ASN B 554 0.08 -42.40 11.71
C ASN B 554 0.35 -43.04 10.34
N THR B 555 0.51 -42.23 9.31
CA THR B 555 0.81 -42.76 7.98
C THR B 555 1.56 -41.72 7.18
N LEU B 556 2.81 -42.01 6.83
CA LEU B 556 3.60 -41.13 5.98
C LEU B 556 4.75 -41.94 5.40
N TRP B 557 4.77 -42.08 4.08
CA TRP B 557 5.86 -42.80 3.43
C TRP B 557 7.14 -41.96 3.48
N PRO B 558 8.23 -42.51 3.99
CA PRO B 558 9.46 -41.72 4.13
C PRO B 558 10.03 -41.31 2.78
N GLU B 559 10.66 -40.14 2.76
CA GLU B 559 11.35 -39.66 1.57
C GLU B 559 12.80 -40.13 1.58
N VAL B 560 13.27 -40.57 0.42
CA VAL B 560 14.60 -41.15 0.32
C VAL B 560 15.61 -40.24 -0.35
N GLN B 561 15.20 -39.47 -1.37
CA GLN B 561 16.13 -38.60 -2.08
C GLN B 561 15.44 -37.30 -2.44
N LYS B 562 16.08 -36.53 -3.32
CA LYS B 562 15.57 -35.24 -3.78
C LYS B 562 16.32 -34.91 -5.06
N LEU B 563 15.59 -34.59 -6.12
CA LEU B 563 16.18 -34.37 -7.44
C LEU B 563 16.03 -32.92 -7.84
N TYR B 564 17.15 -32.23 -8.00
CA TYR B 564 17.20 -30.86 -8.50
C TYR B 564 17.62 -30.86 -9.96
N GLY B 565 17.47 -29.70 -10.60
CA GLY B 565 17.95 -29.55 -11.96
C GLY B 565 17.03 -28.78 -12.88
N HIS B 566 15.72 -28.85 -12.64
CA HIS B 566 14.77 -28.11 -13.46
C HIS B 566 14.56 -26.73 -12.88
N GLY B 567 14.63 -25.71 -13.74
CA GLY B 567 14.52 -24.34 -13.29
C GLY B 567 13.12 -23.85 -13.02
N TYR B 568 12.10 -24.64 -13.32
CA TYR B 568 10.72 -24.24 -13.12
C TYR B 568 9.90 -25.44 -12.68
N GLU B 569 8.64 -25.20 -12.38
CA GLU B 569 7.79 -26.23 -11.79
C GLU B 569 7.55 -27.38 -12.77
N ILE B 570 7.48 -28.60 -12.23
CA ILE B 570 7.28 -29.78 -13.04
C ILE B 570 5.85 -29.83 -13.54
N PHE B 571 5.67 -30.24 -14.80
CA PHE B 571 4.35 -30.33 -15.39
C PHE B 571 3.99 -31.71 -15.94
N CYS B 572 4.97 -32.53 -16.32
CA CYS B 572 4.67 -33.84 -16.86
C CYS B 572 5.77 -34.82 -16.44
N VAL B 573 5.35 -35.93 -15.83
CA VAL B 573 6.25 -36.98 -15.38
C VAL B 573 5.81 -38.30 -15.99
N THR B 574 6.76 -39.06 -16.52
CA THR B 574 6.47 -40.38 -17.06
C THR B 574 7.74 -41.20 -17.09
N CYS B 575 7.62 -42.47 -16.70
CA CYS B 575 8.71 -43.43 -16.70
C CYS B 575 8.55 -44.37 -17.88
N ASN B 576 9.43 -45.38 -17.92
CA ASN B 576 9.40 -46.41 -18.95
C ASN B 576 9.02 -47.75 -18.31
N SER B 577 8.66 -48.70 -19.17
CA SER B 577 8.17 -49.98 -18.68
C SER B 577 9.29 -50.85 -18.09
N SER B 578 10.54 -50.52 -18.40
CA SER B 578 11.66 -51.29 -17.86
C SER B 578 12.13 -50.79 -16.51
N LYS B 579 11.53 -49.72 -15.99
CA LYS B 579 11.90 -49.12 -14.71
C LYS B 579 13.39 -48.78 -14.67
N THR B 580 13.89 -48.24 -15.77
CA THR B 580 15.28 -47.82 -15.87
C THR B 580 15.45 -46.34 -16.12
N LEU B 581 14.76 -45.78 -17.10
CA LEU B 581 14.88 -44.37 -17.43
C LEU B 581 13.61 -43.62 -17.03
N LEU B 582 13.80 -42.45 -16.44
CA LEU B 582 12.70 -41.56 -16.09
C LEU B 582 12.84 -40.28 -16.90
N ALA B 583 11.70 -39.68 -17.24
CA ALA B 583 11.69 -38.47 -18.05
C ALA B 583 10.80 -37.43 -17.39
N SER B 584 11.24 -36.17 -17.46
CA SER B 584 10.51 -35.09 -16.81
C SER B 584 10.51 -33.85 -17.70
N ALA B 585 9.45 -33.06 -17.55
CA ALA B 585 9.30 -31.80 -18.26
C ALA B 585 8.72 -30.76 -17.31
N CYS B 586 9.06 -29.50 -17.55
CA CYS B 586 8.70 -28.41 -16.65
C CYS B 586 8.01 -27.30 -17.43
N LYS B 587 7.25 -26.48 -16.70
CA LYS B 587 6.59 -25.32 -17.28
C LYS B 587 7.64 -24.39 -17.89
N ALA B 588 7.33 -23.83 -19.05
CA ALA B 588 8.31 -23.06 -19.79
C ALA B 588 7.62 -22.05 -20.68
N ALA B 589 8.41 -21.06 -21.10
CA ALA B 589 7.97 -20.06 -22.08
C ALA B 589 8.96 -19.85 -23.21
N LYS B 590 10.14 -20.45 -23.17
CA LYS B 590 11.13 -20.32 -24.23
C LYS B 590 11.58 -21.70 -24.69
N LYS B 591 12.54 -21.75 -25.63
CA LYS B 591 13.04 -23.03 -26.10
C LYS B 591 13.98 -23.68 -25.08
N GLU B 592 14.83 -22.88 -24.42
CA GLU B 592 15.78 -23.43 -23.47
C GLU B 592 15.10 -24.04 -22.25
N HIS B 593 14.05 -23.41 -21.73
CA HIS B 593 13.34 -23.95 -20.57
C HIS B 593 12.43 -25.12 -20.93
N ALA B 594 12.00 -25.23 -22.19
CA ALA B 594 11.13 -26.32 -22.62
C ALA B 594 11.94 -27.52 -23.12
N ALA B 595 12.88 -27.97 -22.28
CA ALA B 595 13.73 -29.10 -22.59
C ALA B 595 13.44 -30.22 -21.59
N ILE B 596 13.27 -31.43 -22.08
CA ILE B 596 12.98 -32.56 -21.21
C ILE B 596 14.28 -33.12 -20.66
N ILE B 597 14.21 -33.74 -19.49
CA ILE B 597 15.38 -34.26 -18.79
C ILE B 597 15.19 -35.74 -18.52
N LEU B 598 16.23 -36.53 -18.79
CA LEU B 598 16.21 -37.97 -18.57
C LEU B 598 17.12 -38.32 -17.40
N TRP B 599 16.64 -39.23 -16.55
CA TRP B 599 17.35 -39.64 -15.35
C TRP B 599 17.48 -41.16 -15.31
N ASN B 600 18.58 -41.62 -14.71
CA ASN B 600 18.78 -43.04 -14.48
C ASN B 600 18.19 -43.44 -13.14
N THR B 601 17.61 -44.65 -13.09
CA THR B 601 16.95 -45.10 -11.88
C THR B 601 17.97 -45.46 -10.79
N THR B 602 19.04 -46.16 -11.16
CA THR B 602 20.01 -46.60 -10.17
C THR B 602 20.83 -45.43 -9.63
N SER B 603 21.59 -44.78 -10.51
CA SER B 603 22.37 -43.61 -10.15
C SER B 603 21.59 -42.37 -10.57
N TRP B 604 20.98 -41.69 -9.60
CA TRP B 604 20.07 -40.60 -9.90
C TRP B 604 20.82 -39.34 -10.31
N LYS B 605 21.36 -39.34 -11.53
CA LYS B 605 21.98 -38.17 -12.12
C LYS B 605 21.46 -38.04 -13.54
N GLN B 606 21.42 -36.81 -14.05
CA GLN B 606 20.85 -36.53 -15.36
C GLN B 606 21.53 -37.35 -16.46
N VAL B 607 20.79 -38.28 -17.06
CA VAL B 607 21.34 -39.06 -18.17
C VAL B 607 21.58 -38.15 -19.37
N GLN B 608 20.60 -37.33 -19.71
CA GLN B 608 20.70 -36.47 -20.88
C GLN B 608 19.63 -35.39 -20.78
N ASN B 609 19.81 -34.34 -21.59
CA ASN B 609 18.86 -33.24 -21.68
C ASN B 609 18.50 -33.02 -23.13
N LEU B 610 17.24 -33.29 -23.48
CA LEU B 610 16.76 -33.18 -24.86
C LEU B 610 16.08 -31.84 -25.03
N VAL B 611 16.55 -31.04 -25.99
CA VAL B 611 16.04 -29.70 -26.23
C VAL B 611 15.29 -29.69 -27.56
N PHE B 612 14.05 -29.23 -27.53
CA PHE B 612 13.21 -29.09 -28.71
C PHE B 612 11.98 -28.30 -28.27
N HIS B 613 11.06 -28.07 -29.21
CA HIS B 613 9.81 -27.36 -28.95
C HIS B 613 10.08 -25.94 -28.46
N SER B 614 9.02 -25.23 -28.07
CA SER B 614 9.16 -23.91 -27.49
C SER B 614 8.29 -23.69 -26.26
N LEU B 615 7.37 -24.60 -25.95
CA LEU B 615 6.50 -24.47 -24.80
C LEU B 615 6.52 -25.76 -24.01
N THR B 616 5.76 -25.77 -22.91
CA THR B 616 5.76 -26.89 -21.99
C THR B 616 5.26 -28.16 -22.65
N VAL B 617 5.96 -29.28 -22.39
CA VAL B 617 5.51 -30.58 -22.89
C VAL B 617 4.36 -31.05 -22.01
N THR B 618 3.15 -31.10 -22.59
CA THR B 618 1.95 -31.41 -21.82
C THR B 618 1.81 -32.90 -21.52
N GLN B 619 2.24 -33.79 -22.41
CA GLN B 619 2.11 -35.21 -22.17
C GLN B 619 3.30 -35.94 -22.77
N MET B 620 3.64 -37.09 -22.18
CA MET B 620 4.80 -37.86 -22.59
C MET B 620 4.63 -39.28 -22.06
N ALA B 621 5.13 -40.25 -22.83
CA ALA B 621 5.15 -41.64 -22.40
C ALA B 621 6.16 -42.41 -23.24
N PHE B 622 6.59 -43.57 -22.76
CA PHE B 622 7.62 -44.35 -23.44
C PHE B 622 6.97 -45.48 -24.24
N SER B 623 7.69 -45.98 -25.24
CA SER B 623 7.15 -47.02 -26.11
C SER B 623 7.11 -48.36 -25.38
N PRO B 624 6.15 -49.23 -25.69
CA PRO B 624 6.13 -50.56 -25.06
C PRO B 624 7.38 -51.39 -25.36
N ASN B 625 7.94 -51.29 -26.56
CA ASN B 625 9.19 -51.97 -26.87
C ASN B 625 10.40 -51.20 -26.36
N GLU B 626 10.19 -50.05 -25.73
CA GLU B 626 11.21 -49.36 -24.94
C GLU B 626 12.35 -48.81 -25.82
N LYS B 627 11.97 -48.25 -26.98
CA LYS B 627 12.94 -47.55 -27.80
C LYS B 627 12.40 -46.31 -28.49
N PHE B 628 11.35 -45.67 -28.00
CA PHE B 628 10.81 -44.46 -28.61
C PHE B 628 10.38 -43.49 -27.53
N LEU B 629 9.86 -42.34 -27.96
CA LEU B 629 9.46 -41.28 -27.05
C LEU B 629 8.64 -40.26 -27.82
N LEU B 630 7.77 -39.55 -27.12
CA LEU B 630 6.94 -38.50 -27.72
C LEU B 630 6.74 -37.37 -26.73
N ALA B 631 6.64 -36.15 -27.26
CA ALA B 631 6.54 -34.95 -26.43
C ALA B 631 5.49 -34.00 -26.99
N VAL B 632 4.29 -34.48 -27.29
CA VAL B 632 3.21 -33.61 -27.74
C VAL B 632 3.03 -32.48 -26.72
N SER B 633 3.03 -31.25 -27.20
CA SER B 633 3.11 -30.07 -26.35
C SER B 633 2.17 -28.99 -26.84
N ARG B 634 2.14 -27.88 -26.10
CA ARG B 634 1.24 -26.79 -26.40
C ARG B 634 1.50 -26.18 -27.78
N ASP B 635 2.71 -26.35 -28.32
CA ASP B 635 3.06 -25.81 -29.63
C ASP B 635 2.44 -26.61 -30.78
N ARG B 636 1.52 -27.53 -30.49
CA ARG B 636 0.82 -28.32 -31.50
C ARG B 636 1.77 -29.18 -32.34
N THR B 637 2.93 -29.53 -31.79
CA THR B 637 3.89 -30.39 -32.45
C THR B 637 4.10 -31.64 -31.60
N TRP B 638 5.07 -32.46 -32.00
CA TRP B 638 5.42 -33.67 -31.27
C TRP B 638 6.92 -33.92 -31.43
N SER B 639 7.34 -35.13 -31.06
CA SER B 639 8.73 -35.53 -31.16
C SER B 639 8.79 -37.06 -31.22
N LEU B 640 9.84 -37.56 -31.86
CA LEU B 640 10.02 -38.99 -32.09
C LEU B 640 11.45 -39.40 -31.75
N TRP B 641 11.89 -39.08 -30.54
CA TRP B 641 13.28 -39.27 -30.15
C TRP B 641 13.58 -40.76 -30.08
N LYS B 642 14.10 -41.29 -31.19
CA LYS B 642 14.39 -42.71 -31.32
C LYS B 642 15.70 -43.06 -30.62
N LYS B 643 15.82 -44.32 -30.22
CA LYS B 643 16.99 -44.85 -29.53
C LYS B 643 18.13 -45.09 -30.52
N GLN B 644 19.34 -44.79 -30.08
CA GLN B 644 20.56 -45.05 -30.83
C GLN B 644 21.22 -46.32 -30.30
N ASP B 645 21.96 -46.99 -31.19
CA ASP B 645 22.61 -48.25 -30.83
C ASP B 645 23.65 -48.02 -29.73
N THR B 646 23.86 -49.05 -28.92
CA THR B 646 24.79 -49.00 -27.79
C THR B 646 25.97 -49.91 -28.10
N ILE B 647 27.18 -49.36 -27.97
CA ILE B 647 28.39 -50.13 -28.21
C ILE B 647 28.91 -50.69 -26.90
N SER B 648 29.23 -49.81 -25.96
CA SER B 648 29.69 -50.24 -24.64
C SER B 648 28.48 -50.57 -23.76
N PRO B 649 28.41 -51.77 -23.17
CA PRO B 649 27.22 -52.13 -22.40
C PRO B 649 26.94 -51.20 -21.22
N GLU B 650 27.98 -50.71 -20.55
CA GLU B 650 27.75 -49.90 -19.35
C GLU B 650 27.41 -48.44 -19.69
N PHE B 651 27.63 -48.03 -20.93
CA PHE B 651 27.36 -46.63 -21.30
C PHE B 651 25.86 -46.37 -21.31
N GLU B 652 25.47 -45.20 -20.80
CA GLU B 652 24.07 -44.83 -20.81
C GLU B 652 23.59 -44.61 -22.26
N PRO B 653 22.43 -45.15 -22.61
CA PRO B 653 21.94 -45.00 -23.99
C PRO B 653 21.68 -43.53 -24.33
N VAL B 654 21.85 -43.21 -25.61
CA VAL B 654 21.65 -41.85 -26.11
C VAL B 654 20.43 -41.84 -27.02
N PHE B 655 19.83 -40.66 -27.16
CA PHE B 655 18.64 -40.46 -27.98
C PHE B 655 18.93 -39.44 -29.07
N SER B 656 18.32 -39.65 -30.23
CA SER B 656 18.44 -38.74 -31.36
C SER B 656 17.05 -38.50 -31.94
N LEU B 657 16.84 -37.28 -32.44
CA LEU B 657 15.55 -36.89 -33.01
C LEU B 657 15.43 -37.53 -34.39
N PHE B 658 14.47 -38.44 -34.54
CA PHE B 658 14.25 -39.13 -35.80
C PHE B 658 13.20 -38.46 -36.67
N ALA B 659 12.13 -37.95 -36.07
CA ALA B 659 11.07 -37.28 -36.82
C ALA B 659 10.53 -36.13 -36.00
N PHE B 660 9.86 -35.21 -36.69
CA PHE B 660 9.31 -34.01 -36.07
C PHE B 660 8.15 -33.53 -36.93
N THR B 661 7.68 -32.31 -36.65
CA THR B 661 6.59 -31.72 -37.40
C THR B 661 6.53 -30.23 -37.15
N ASN B 662 6.42 -29.44 -38.21
CA ASN B 662 6.33 -28.00 -38.13
C ASN B 662 4.86 -27.57 -38.16
N LYS B 663 4.63 -26.26 -38.29
CA LYS B 663 3.26 -25.76 -38.40
C LYS B 663 2.61 -26.25 -39.69
N ILE B 664 3.37 -26.30 -40.79
CA ILE B 664 2.81 -26.70 -42.07
C ILE B 664 2.39 -28.16 -42.05
N THR B 665 3.29 -29.04 -41.57
CA THR B 665 3.01 -30.47 -41.57
C THR B 665 1.93 -30.86 -40.56
N SER B 666 1.72 -30.06 -39.51
CA SER B 666 0.77 -30.41 -38.47
C SER B 666 -0.65 -30.50 -39.02
N VAL B 667 -1.41 -31.45 -38.49
CA VAL B 667 -2.82 -31.59 -38.84
C VAL B 667 -3.74 -31.12 -37.72
N HIS B 668 -3.23 -30.96 -36.50
CA HIS B 668 -4.03 -30.49 -35.39
C HIS B 668 -4.23 -28.98 -35.47
N SER B 669 -5.42 -28.51 -35.10
CA SER B 669 -5.76 -27.11 -35.20
C SER B 669 -5.44 -26.31 -33.95
N ARG B 670 -5.36 -26.96 -32.79
CA ARG B 670 -5.17 -26.24 -31.54
C ARG B 670 -4.36 -27.11 -30.59
N ILE B 671 -4.39 -26.78 -29.30
CA ILE B 671 -3.52 -27.42 -28.32
C ILE B 671 -3.83 -28.90 -28.22
N ILE B 672 -2.77 -29.71 -28.10
CA ILE B 672 -2.88 -31.15 -27.90
C ILE B 672 -2.67 -31.46 -26.43
N TRP B 673 -3.41 -32.42 -25.90
CA TRP B 673 -3.44 -32.66 -24.46
C TRP B 673 -3.31 -34.13 -24.07
N SER B 674 -3.09 -35.04 -25.01
CA SER B 674 -3.10 -36.46 -24.67
C SER B 674 -2.35 -37.24 -25.74
N CYS B 675 -1.93 -38.46 -25.36
CA CYS B 675 -1.26 -39.38 -26.27
C CYS B 675 -1.28 -40.77 -25.66
N ASP B 676 -1.14 -41.77 -26.53
CA ASP B 676 -0.93 -43.16 -26.13
C ASP B 676 -0.54 -43.99 -27.34
N TRP B 677 0.29 -45.00 -27.10
CA TRP B 677 0.66 -46.00 -28.10
C TRP B 677 -0.23 -47.22 -28.01
N SER B 678 -0.62 -47.72 -29.17
CA SER B 678 -1.16 -49.08 -29.24
C SER B 678 -0.07 -50.07 -28.82
N PRO B 679 -0.40 -51.07 -28.03
CA PRO B 679 0.61 -52.07 -27.68
C PRO B 679 0.94 -52.98 -28.85
N ASP B 680 1.20 -52.37 -30.00
CA ASP B 680 1.66 -53.08 -31.19
C ASP B 680 3.02 -52.58 -31.65
N SER B 681 3.62 -51.62 -30.94
CA SER B 681 4.94 -51.06 -31.14
C SER B 681 5.06 -50.25 -32.44
N LYS B 682 3.98 -50.05 -33.18
CA LYS B 682 4.08 -49.32 -34.44
C LYS B 682 2.91 -48.39 -34.76
N TYR B 683 1.97 -48.16 -33.84
CA TYR B 683 0.89 -47.21 -34.07
C TYR B 683 0.57 -46.49 -32.76
N PHE B 684 0.09 -45.25 -32.86
CA PHE B 684 -0.23 -44.48 -31.67
C PHE B 684 -1.28 -43.43 -32.01
N PHE B 685 -1.89 -42.86 -30.97
CA PHE B 685 -3.01 -41.94 -31.09
C PHE B 685 -2.60 -40.56 -30.56
N THR B 686 -3.38 -39.55 -30.96
CA THR B 686 -3.22 -38.19 -30.43
C THR B 686 -4.59 -37.56 -30.23
N GLY B 687 -4.67 -36.68 -29.23
CA GLY B 687 -5.90 -35.98 -28.93
C GLY B 687 -5.69 -34.53 -28.57
N SER B 688 -6.37 -33.64 -29.28
CA SER B 688 -6.21 -32.19 -29.13
C SER B 688 -7.50 -31.58 -28.60
N ARG B 689 -7.50 -30.25 -28.50
CA ARG B 689 -8.69 -29.51 -28.11
C ARG B 689 -9.59 -29.15 -29.29
N ASP B 690 -9.20 -29.51 -30.51
CA ASP B 690 -10.00 -29.25 -31.70
C ASP B 690 -11.05 -30.33 -31.95
N LYS B 691 -11.38 -31.11 -30.92
CA LYS B 691 -12.41 -32.16 -31.01
C LYS B 691 -12.06 -33.20 -32.05
N LYS B 692 -10.77 -33.44 -32.26
CA LYS B 692 -10.31 -34.38 -33.27
C LYS B 692 -9.34 -35.38 -32.65
N VAL B 693 -9.50 -36.64 -33.01
CA VAL B 693 -8.62 -37.72 -32.56
C VAL B 693 -7.89 -38.23 -33.80
N VAL B 694 -6.60 -37.93 -33.91
CA VAL B 694 -5.79 -38.37 -35.03
C VAL B 694 -5.01 -39.60 -34.63
N VAL B 695 -5.03 -40.60 -35.51
CA VAL B 695 -4.45 -41.91 -35.20
C VAL B 695 -3.18 -42.08 -36.03
N TRP B 696 -2.52 -40.96 -36.34
CA TRP B 696 -1.30 -41.01 -37.13
C TRP B 696 -0.21 -41.81 -36.43
N GLY B 697 0.11 -42.98 -36.99
CA GLY B 697 1.17 -43.83 -36.47
C GLY B 697 2.22 -44.15 -37.51
N GLU B 698 2.17 -45.38 -38.03
CA GLU B 698 3.02 -45.84 -39.13
C GLU B 698 4.50 -45.90 -38.73
N CYS B 699 4.75 -46.16 -37.46
CA CYS B 699 6.12 -46.29 -36.95
C CYS B 699 6.57 -47.74 -36.99
N ASP B 700 6.56 -48.30 -38.19
CA ASP B 700 6.87 -49.70 -38.43
C ASP B 700 8.22 -49.83 -39.14
N SER B 701 8.56 -51.07 -39.52
CA SER B 701 9.84 -51.39 -40.15
C SER B 701 11.00 -50.92 -39.27
N THR B 702 10.95 -51.32 -37.99
CA THR B 702 11.87 -50.78 -36.99
C THR B 702 13.32 -51.12 -37.32
N ASP B 703 13.58 -52.36 -37.75
CA ASP B 703 14.95 -52.77 -38.03
C ASP B 703 15.54 -51.97 -39.18
N ASP B 704 14.74 -51.68 -40.20
CA ASP B 704 15.20 -50.98 -41.39
C ASP B 704 14.58 -49.59 -41.52
N CYS B 705 14.48 -48.88 -40.39
CA CYS B 705 14.03 -47.49 -40.40
C CYS B 705 15.18 -46.64 -40.96
N ILE B 706 15.13 -46.40 -42.27
CA ILE B 706 16.19 -45.64 -42.93
C ILE B 706 15.79 -44.18 -43.12
N GLU B 707 14.55 -43.91 -43.51
CA GLU B 707 14.07 -42.55 -43.74
C GLU B 707 12.80 -42.35 -42.94
N HIS B 708 12.16 -41.20 -43.15
CA HIS B 708 10.94 -40.82 -42.45
C HIS B 708 9.74 -41.09 -43.36
N ASN B 709 8.85 -41.97 -42.90
CA ASN B 709 7.61 -42.28 -43.59
C ASN B 709 6.46 -42.19 -42.59
N ILE B 710 6.44 -41.10 -41.83
CA ILE B 710 5.60 -40.97 -40.65
C ILE B 710 4.60 -39.84 -40.92
N GLY B 711 3.31 -40.17 -40.84
CA GLY B 711 2.27 -39.19 -41.08
C GLY B 711 0.89 -39.68 -40.73
N PRO B 712 -0.13 -38.97 -41.19
CA PRO B 712 -1.52 -39.39 -40.91
C PRO B 712 -1.79 -40.80 -41.43
N CYS B 713 -2.56 -41.55 -40.63
CA CYS B 713 -2.81 -42.95 -40.92
C CYS B 713 -4.20 -43.24 -41.46
N SER B 714 -5.23 -42.55 -40.98
CA SER B 714 -6.59 -42.78 -41.46
C SER B 714 -7.44 -41.55 -41.15
N SER B 715 -8.76 -41.69 -41.24
CA SER B 715 -9.66 -40.57 -41.07
C SER B 715 -9.58 -40.01 -39.65
N VAL B 716 -9.85 -38.71 -39.54
CA VAL B 716 -9.81 -38.00 -38.27
C VAL B 716 -11.21 -38.03 -37.69
N LEU B 717 -11.34 -38.58 -36.47
CA LEU B 717 -12.63 -38.67 -35.82
C LEU B 717 -12.98 -37.35 -35.14
N ASP B 718 -14.25 -36.97 -35.23
CA ASP B 718 -14.76 -35.75 -34.60
C ASP B 718 -15.83 -36.16 -33.58
N VAL B 719 -15.40 -36.34 -32.33
CA VAL B 719 -16.33 -36.78 -31.29
C VAL B 719 -17.33 -35.68 -30.95
N GLY B 720 -16.87 -34.42 -30.94
CA GLY B 720 -17.73 -33.30 -30.60
C GLY B 720 -17.33 -32.53 -29.36
N GLY B 721 -16.19 -32.83 -28.76
CA GLY B 721 -15.75 -32.12 -27.57
C GLY B 721 -14.25 -32.16 -27.45
N ALA B 722 -13.73 -31.30 -26.58
CA ALA B 722 -12.28 -31.21 -26.37
C ALA B 722 -11.79 -32.48 -25.69
N VAL B 723 -11.07 -33.30 -26.44
CA VAL B 723 -10.54 -34.56 -25.90
C VAL B 723 -9.39 -34.23 -24.95
N THR B 724 -9.43 -34.81 -23.75
CA THR B 724 -8.41 -34.57 -22.74
C THR B 724 -7.50 -35.76 -22.48
N ALA B 725 -7.99 -36.98 -22.67
CA ALA B 725 -7.18 -38.16 -22.41
C ALA B 725 -7.59 -39.28 -23.36
N VAL B 726 -6.58 -39.92 -23.96
CA VAL B 726 -6.78 -41.08 -24.83
C VAL B 726 -5.93 -42.21 -24.29
N SER B 727 -6.47 -43.43 -24.36
CA SER B 727 -5.75 -44.61 -23.89
C SER B 727 -6.15 -45.81 -24.72
N VAL B 728 -5.22 -46.75 -24.88
CA VAL B 728 -5.45 -47.95 -25.67
C VAL B 728 -5.39 -49.15 -24.73
N CYS B 729 -6.36 -50.04 -24.87
CA CYS B 729 -6.39 -51.25 -24.04
C CYS B 729 -5.15 -52.11 -24.34
N PRO B 730 -4.47 -52.60 -23.31
CA PRO B 730 -3.14 -53.18 -23.51
C PRO B 730 -3.13 -54.59 -24.12
N VAL B 731 -4.25 -55.06 -24.65
CA VAL B 731 -4.34 -56.39 -25.24
C VAL B 731 -4.81 -56.27 -26.68
N LEU B 732 -4.29 -57.14 -27.54
CA LEU B 732 -4.72 -57.19 -28.93
C LEU B 732 -5.98 -58.04 -29.07
N HIS B 733 -6.65 -57.88 -30.21
CA HIS B 733 -7.91 -58.57 -30.46
C HIS B 733 -7.93 -59.22 -31.84
N PRO B 734 -8.74 -60.28 -32.02
CA PRO B 734 -8.69 -61.07 -33.25
C PRO B 734 -8.73 -60.28 -34.56
N SER B 735 -9.78 -59.49 -34.76
CA SER B 735 -9.97 -58.80 -36.04
C SER B 735 -9.26 -57.45 -36.05
N GLN B 736 -7.97 -57.49 -35.65
CA GLN B 736 -7.09 -56.32 -35.67
C GLN B 736 -7.74 -55.12 -34.99
N ARG B 737 -8.53 -55.38 -33.95
CA ARG B 737 -9.27 -54.34 -33.27
C ARG B 737 -8.33 -53.48 -32.44
N TYR B 738 -8.53 -52.16 -32.51
CA TYR B 738 -7.82 -51.20 -31.66
C TYR B 738 -8.89 -50.44 -30.89
N VAL B 739 -9.11 -50.81 -29.63
CA VAL B 739 -10.13 -50.19 -28.81
C VAL B 739 -9.49 -49.10 -27.96
N VAL B 740 -10.12 -47.94 -27.91
CA VAL B 740 -9.60 -46.78 -27.19
C VAL B 740 -10.69 -46.18 -26.33
N ALA B 741 -10.32 -45.72 -25.14
CA ALA B 741 -11.23 -45.03 -24.23
C ALA B 741 -10.94 -43.54 -24.31
N VAL B 742 -11.80 -42.81 -25.03
CA VAL B 742 -11.59 -41.39 -25.26
C VAL B 742 -12.47 -40.60 -24.29
N GLY B 743 -11.85 -39.75 -23.48
CA GLY B 743 -12.57 -38.82 -22.64
C GLY B 743 -12.82 -37.50 -23.33
N LEU B 744 -13.46 -36.59 -22.61
CA LEU B 744 -13.79 -35.27 -23.13
C LEU B 744 -13.70 -34.26 -21.99
N GLU B 745 -14.23 -33.06 -22.24
CA GLU B 745 -14.29 -32.04 -21.20
C GLU B 745 -15.41 -32.35 -20.21
N CYS B 746 -16.65 -32.39 -20.68
CA CYS B 746 -17.73 -32.97 -19.89
C CYS B 746 -17.54 -34.48 -19.86
N GLY B 747 -17.81 -35.09 -18.70
CA GLY B 747 -17.59 -36.52 -18.58
C GLY B 747 -18.39 -37.30 -19.60
N LYS B 748 -17.72 -37.74 -20.66
CA LYS B 748 -18.37 -38.45 -21.76
C LYS B 748 -17.45 -39.57 -22.23
N ILE B 749 -16.97 -40.39 -21.28
CA ILE B 749 -16.09 -41.50 -21.59
C ILE B 749 -16.72 -42.36 -22.67
N CYS B 750 -16.06 -42.46 -23.82
CA CYS B 750 -16.59 -43.15 -24.98
C CYS B 750 -15.60 -44.21 -25.45
N LEU B 751 -16.10 -45.39 -25.80
CA LEU B 751 -15.24 -46.46 -26.30
C LEU B 751 -15.34 -46.50 -27.81
N TYR B 752 -14.21 -46.33 -28.49
CA TYR B 752 -14.13 -46.41 -29.93
C TYR B 752 -13.32 -47.63 -30.35
N THR B 753 -13.60 -48.14 -31.54
CA THR B 753 -12.88 -49.29 -32.08
C THR B 753 -12.43 -48.94 -33.49
N TRP B 754 -11.16 -49.19 -33.77
CA TRP B 754 -10.55 -48.79 -35.03
C TRP B 754 -9.81 -49.95 -35.68
N LYS B 755 -9.76 -49.92 -37.01
CA LYS B 755 -8.98 -50.86 -37.80
C LYS B 755 -8.67 -50.20 -39.13
N LYS B 756 -7.44 -50.35 -39.61
CA LYS B 756 -7.08 -49.83 -40.92
C LYS B 756 -7.85 -50.58 -42.00
N THR B 757 -8.43 -49.83 -42.95
CA THR B 757 -9.22 -50.44 -44.00
C THR B 757 -8.38 -51.16 -45.04
N ASP B 758 -7.07 -50.91 -45.08
CA ASP B 758 -6.17 -51.51 -46.05
C ASP B 758 -6.58 -51.17 -47.48
N GLN B 759 -7.14 -49.98 -47.67
CA GLN B 759 -7.61 -49.54 -48.97
C GLN B 759 -7.77 -48.02 -48.92
N VAL B 760 -7.87 -47.42 -50.10
CA VAL B 760 -8.00 -45.97 -50.21
C VAL B 760 -9.34 -45.48 -49.65
N PRO B 761 -10.43 -46.30 -49.61
CA PRO B 761 -11.56 -45.89 -48.77
C PRO B 761 -11.19 -45.84 -47.30
N GLU B 762 -11.17 -44.65 -46.72
CA GLU B 762 -10.80 -44.44 -45.32
C GLU B 762 -12.00 -44.04 -44.48
N ILE B 763 -13.15 -44.66 -44.75
CA ILE B 763 -14.38 -44.41 -44.02
C ILE B 763 -14.79 -45.69 -43.32
N ASN B 764 -15.53 -45.53 -42.22
CA ASN B 764 -16.03 -46.61 -41.37
C ASN B 764 -14.91 -47.37 -40.68
N ASP B 765 -13.67 -46.89 -40.77
CA ASP B 765 -12.57 -47.52 -40.04
C ASP B 765 -12.77 -47.42 -38.54
N TRP B 766 -13.25 -46.28 -38.04
CA TRP B 766 -13.66 -46.14 -36.66
C TRP B 766 -15.08 -46.67 -36.48
N THR B 767 -15.31 -47.37 -35.39
CA THR B 767 -16.65 -47.80 -35.00
C THR B 767 -16.89 -47.41 -33.55
N HIS B 768 -18.16 -47.15 -33.24
CA HIS B 768 -18.56 -46.69 -31.92
C HIS B 768 -19.16 -47.85 -31.14
N CYS B 769 -18.58 -48.16 -29.99
CA CYS B 769 -19.05 -49.30 -29.20
C CYS B 769 -20.05 -48.89 -28.12
N VAL B 770 -19.61 -48.09 -27.14
CA VAL B 770 -20.44 -47.78 -25.98
C VAL B 770 -20.12 -46.37 -25.50
N GLU B 771 -21.17 -45.61 -25.21
CA GLU B 771 -21.11 -44.29 -24.60
C GLU B 771 -21.30 -44.42 -23.08
N THR B 772 -21.45 -43.27 -22.42
CA THR B 772 -21.74 -43.23 -21.00
C THR B 772 -22.93 -42.32 -20.75
N SER B 773 -23.79 -42.72 -19.81
CA SER B 773 -25.00 -41.98 -19.50
C SER B 773 -24.72 -41.02 -18.35
N GLN B 774 -25.78 -40.42 -17.80
CA GLN B 774 -25.66 -39.50 -16.68
C GLN B 774 -25.52 -40.22 -15.34
N SER B 775 -25.28 -41.52 -15.37
CA SER B 775 -25.02 -42.30 -14.16
C SER B 775 -23.66 -42.97 -14.15
N GLN B 776 -22.98 -43.02 -15.29
CA GLN B 776 -21.65 -43.63 -15.40
C GLN B 776 -20.59 -42.62 -15.83
N SER B 777 -20.87 -41.32 -15.68
CA SER B 777 -20.01 -40.29 -16.22
C SER B 777 -19.80 -39.18 -15.20
N HIS B 778 -18.73 -38.43 -15.39
CA HIS B 778 -18.40 -37.30 -14.53
C HIS B 778 -19.24 -36.09 -14.88
N THR B 779 -19.11 -35.05 -14.06
CA THR B 779 -19.76 -33.77 -14.32
C THR B 779 -18.76 -32.66 -14.63
N LEU B 780 -17.48 -32.99 -14.76
CA LEU B 780 -16.43 -32.01 -15.03
C LEU B 780 -15.34 -32.69 -15.84
N ALA B 781 -14.15 -32.09 -15.86
CA ALA B 781 -13.09 -32.55 -16.74
C ALA B 781 -12.59 -33.94 -16.35
N ILE B 782 -12.02 -34.64 -17.32
CA ILE B 782 -11.38 -35.94 -17.12
C ILE B 782 -9.89 -35.76 -17.37
N ARG B 783 -9.07 -36.24 -16.43
CA ARG B 783 -7.64 -35.96 -16.47
C ARG B 783 -6.78 -37.12 -16.94
N LYS B 784 -7.17 -38.37 -16.66
CA LYS B 784 -6.37 -39.51 -17.09
C LYS B 784 -7.23 -40.76 -17.06
N LEU B 785 -7.39 -41.40 -18.21
CA LEU B 785 -8.11 -42.67 -18.33
C LEU B 785 -7.12 -43.84 -18.36
N CYS B 786 -6.42 -44.04 -17.25
CA CYS B 786 -5.41 -45.09 -17.19
C CYS B 786 -6.09 -46.46 -17.09
N TRP B 787 -5.66 -47.39 -17.94
CA TRP B 787 -6.16 -48.75 -17.91
C TRP B 787 -5.42 -49.57 -16.85
N LYS B 788 -5.72 -50.86 -16.81
CA LYS B 788 -5.05 -51.79 -15.91
C LYS B 788 -4.22 -52.75 -16.77
N ASN B 789 -2.90 -52.67 -16.63
CA ASN B 789 -1.98 -53.59 -17.28
C ASN B 789 -1.51 -54.57 -16.21
N CYS B 790 -2.25 -55.68 -16.07
CA CYS B 790 -1.95 -56.67 -15.04
C CYS B 790 -0.81 -57.56 -15.53
N SER B 791 0.41 -57.07 -15.34
CA SER B 791 1.59 -57.84 -15.69
C SER B 791 1.72 -59.10 -14.84
N GLY B 792 1.07 -59.13 -13.67
CA GLY B 792 1.05 -60.36 -12.89
C GLY B 792 0.30 -61.47 -13.59
N LYS B 793 -0.77 -61.12 -14.32
CA LYS B 793 -1.52 -62.09 -15.12
C LYS B 793 -1.05 -61.99 -16.56
N THR B 794 0.14 -62.53 -16.82
CA THR B 794 0.59 -62.71 -18.20
C THR B 794 -0.32 -63.68 -18.94
N GLU B 795 -0.73 -64.75 -18.26
CA GLU B 795 -1.73 -65.69 -18.76
C GLU B 795 -2.87 -65.76 -17.76
N GLN B 796 -4.09 -65.92 -18.26
CA GLN B 796 -5.26 -65.98 -17.40
C GLN B 796 -5.28 -67.29 -16.64
N LYS B 797 -4.73 -67.29 -15.41
CA LYS B 797 -4.65 -68.51 -14.63
C LYS B 797 -6.02 -68.93 -14.11
N GLU B 798 -6.62 -68.09 -13.27
CA GLU B 798 -7.96 -68.32 -12.73
C GLU B 798 -8.86 -67.18 -13.18
N ALA B 799 -9.95 -67.52 -13.87
CA ALA B 799 -10.86 -66.53 -14.42
C ALA B 799 -12.30 -66.98 -14.23
N GLU B 800 -13.19 -66.00 -14.18
CA GLU B 800 -14.63 -66.23 -14.16
C GLU B 800 -15.23 -66.30 -15.55
N GLY B 801 -14.39 -66.40 -16.57
CA GLY B 801 -14.82 -66.39 -17.96
C GLY B 801 -13.94 -65.57 -18.88
N ALA B 802 -13.02 -64.77 -18.33
CA ALA B 802 -12.08 -63.95 -19.11
C ALA B 802 -12.83 -63.05 -20.09
N GLU B 803 -13.66 -62.18 -19.51
CA GLU B 803 -14.51 -61.32 -20.34
C GLU B 803 -14.58 -59.88 -19.81
N TRP B 804 -13.77 -59.52 -18.83
CA TRP B 804 -13.89 -58.22 -18.19
C TRP B 804 -12.57 -57.47 -18.26
N LEU B 805 -12.67 -56.16 -18.48
CA LEU B 805 -11.53 -55.25 -18.39
C LEU B 805 -11.87 -54.15 -17.39
N HIS B 806 -10.96 -53.89 -16.47
CA HIS B 806 -11.17 -52.90 -15.41
C HIS B 806 -10.26 -51.72 -15.67
N PHE B 807 -10.82 -50.52 -15.70
CA PHE B 807 -10.01 -49.32 -15.89
C PHE B 807 -10.53 -48.19 -15.01
N ALA B 808 -9.78 -47.11 -14.98
CA ALA B 808 -10.01 -46.00 -14.06
C ALA B 808 -10.38 -44.73 -14.83
N SER B 809 -10.98 -43.79 -14.09
CA SER B 809 -11.33 -42.49 -14.65
C SER B 809 -10.93 -41.43 -13.62
N CYS B 810 -9.71 -40.92 -13.74
CA CYS B 810 -9.16 -39.93 -12.82
C CYS B 810 -9.76 -38.57 -13.16
N GLY B 811 -10.98 -38.34 -12.69
CA GLY B 811 -11.72 -37.14 -13.04
C GLY B 811 -11.31 -35.92 -12.26
N GLU B 812 -12.04 -34.83 -12.52
CA GLU B 812 -11.80 -33.55 -11.87
C GLU B 812 -12.88 -33.18 -10.86
N ASP B 813 -13.97 -33.94 -10.79
CA ASP B 813 -15.06 -33.67 -9.86
C ASP B 813 -14.95 -34.49 -8.57
N HIS B 814 -13.72 -34.75 -8.12
CA HIS B 814 -13.40 -35.37 -6.84
C HIS B 814 -13.58 -36.88 -6.87
N THR B 815 -13.92 -37.45 -8.03
CA THR B 815 -14.28 -38.85 -8.13
C THR B 815 -13.14 -39.65 -8.75
N VAL B 816 -12.97 -40.88 -8.24
CA VAL B 816 -11.94 -41.80 -8.71
C VAL B 816 -12.64 -43.07 -9.18
N LYS B 817 -13.80 -42.92 -9.79
CA LYS B 817 -14.63 -44.05 -10.17
C LYS B 817 -13.85 -45.05 -11.02
N ILE B 818 -14.03 -46.33 -10.71
CA ILE B 818 -13.43 -47.44 -11.44
C ILE B 818 -14.55 -48.15 -12.19
N HIS B 819 -14.35 -48.36 -13.50
CA HIS B 819 -15.34 -48.99 -14.36
C HIS B 819 -14.86 -50.37 -14.82
N ARG B 820 -15.84 -51.23 -15.09
CA ARG B 820 -15.62 -52.55 -15.66
C ARG B 820 -16.40 -52.67 -16.96
N VAL B 821 -15.78 -53.25 -17.97
CA VAL B 821 -16.37 -53.35 -19.31
C VAL B 821 -16.20 -54.77 -19.84
N ASN B 822 -17.30 -55.34 -20.33
CA ASN B 822 -17.22 -56.59 -21.08
C ASN B 822 -16.50 -56.34 -22.40
N LYS B 823 -15.71 -57.30 -22.85
CA LYS B 823 -14.93 -57.06 -24.07
C LYS B 823 -15.51 -57.84 -25.25
N CYS B 824 -15.55 -59.16 -25.14
CA CYS B 824 -15.86 -60.00 -26.31
C CYS B 824 -16.10 -61.42 -25.83
N ALA B 825 -16.38 -62.32 -26.78
CA ALA B 825 -16.57 -63.74 -26.49
C ALA B 825 -16.10 -64.52 -27.70
N LEU B 826 -14.94 -65.14 -27.61
CA LEU B 826 -14.38 -65.91 -28.72
C LEU B 826 -14.50 -67.41 -28.47
N SER C 10 2.47 -34.58 40.29
CA SER C 10 3.37 -33.45 40.41
C SER C 10 2.70 -32.31 41.16
N PRO C 11 3.50 -31.42 41.76
CA PRO C 11 2.93 -30.20 42.34
C PRO C 11 2.25 -29.31 41.31
N ALA C 12 2.54 -29.50 40.02
CA ALA C 12 1.80 -28.79 38.98
C ALA C 12 0.32 -29.11 39.05
N GLU C 13 -0.04 -30.30 39.51
CA GLU C 13 -1.45 -30.60 39.76
C GLU C 13 -2.00 -29.69 40.85
N LEU C 14 -1.23 -29.47 41.91
CA LEU C 14 -1.60 -28.46 42.89
C LEU C 14 -1.61 -27.07 42.28
N MET C 15 -0.85 -26.88 41.19
CA MET C 15 -0.79 -25.59 40.53
C MET C 15 -2.17 -25.13 40.09
N MET C 16 -2.93 -26.02 39.46
CA MET C 16 -4.29 -25.65 39.09
C MET C 16 -5.21 -25.51 40.29
N LEU C 17 -4.90 -26.17 41.41
CA LEU C 17 -5.56 -25.79 42.66
C LEU C 17 -5.20 -24.37 43.03
N THR C 18 -3.93 -23.99 42.84
CA THR C 18 -3.52 -22.60 42.98
C THR C 18 -4.45 -21.67 42.23
N ILE C 19 -4.57 -21.85 40.91
CA ILE C 19 -5.58 -21.12 40.15
C ILE C 19 -6.96 -21.38 40.75
N GLY C 20 -7.27 -22.65 41.03
CA GLY C 20 -8.53 -22.97 41.69
C GLY C 20 -8.73 -22.22 42.98
N ASP C 21 -7.64 -21.90 43.68
CA ASP C 21 -7.70 -21.01 44.84
C ASP C 21 -7.69 -19.55 44.41
N VAL C 22 -6.79 -19.18 43.48
CA VAL C 22 -6.65 -17.77 43.11
C VAL C 22 -7.96 -17.24 42.54
N ILE C 23 -8.56 -17.96 41.59
CA ILE C 23 -9.89 -17.58 41.12
C ILE C 23 -10.86 -17.51 42.29
N LYS C 24 -10.80 -18.50 43.18
CA LYS C 24 -11.67 -18.51 44.35
C LYS C 24 -11.54 -17.23 45.16
N GLN C 25 -10.38 -16.58 45.08
CA GLN C 25 -10.19 -15.30 45.74
C GLN C 25 -10.75 -14.16 44.90
N LEU C 26 -10.40 -14.11 43.60
CA LEU C 26 -10.73 -12.94 42.79
C LEU C 26 -12.24 -12.68 42.76
N ILE C 27 -13.03 -13.72 42.55
CA ILE C 27 -14.47 -13.54 42.56
C ILE C 27 -14.95 -13.22 43.97
N GLU C 28 -14.36 -13.87 44.98
CA GLU C 28 -14.86 -13.73 46.35
C GLU C 28 -14.85 -12.27 46.78
N ALA C 29 -13.70 -11.61 46.66
CA ALA C 29 -13.62 -10.19 46.97
C ALA C 29 -14.58 -9.40 46.09
N HIS C 30 -14.67 -9.76 44.80
CA HIS C 30 -15.60 -9.10 43.90
C HIS C 30 -17.03 -9.24 44.42
N GLU C 31 -17.32 -10.37 45.07
CA GLU C 31 -18.65 -10.53 45.67
C GLU C 31 -18.90 -9.47 46.73
N GLN C 32 -17.90 -9.16 47.55
CA GLN C 32 -18.00 -8.06 48.49
C GLN C 32 -17.40 -6.76 47.96
N GLY C 33 -16.94 -6.75 46.72
CA GLY C 33 -16.53 -5.53 46.05
C GLY C 33 -15.34 -4.78 46.63
N LYS C 34 -14.30 -5.52 47.00
CA LYS C 34 -13.03 -4.92 47.40
C LYS C 34 -11.95 -5.36 46.42
N ASP C 35 -11.17 -4.39 45.94
CA ASP C 35 -10.07 -4.69 45.04
C ASP C 35 -9.00 -5.49 45.77
N ILE C 36 -8.45 -6.49 45.08
CA ILE C 36 -7.43 -7.36 45.64
C ILE C 36 -6.21 -7.33 44.75
N ASP C 37 -5.04 -7.14 45.37
CA ASP C 37 -3.78 -7.13 44.63
C ASP C 37 -3.50 -8.52 44.07
N LEU C 38 -2.87 -8.57 42.90
CA LEU C 38 -2.69 -9.82 42.17
C LEU C 38 -1.32 -10.45 42.39
N ASN C 39 -0.25 -9.65 42.38
CA ASN C 39 1.08 -10.23 42.56
C ASN C 39 1.22 -10.86 43.95
N LYS C 40 0.86 -10.12 44.99
CA LYS C 40 1.04 -10.64 46.34
C LYS C 40 0.05 -11.74 46.68
N VAL C 41 -1.13 -11.78 46.06
CA VAL C 41 -2.02 -12.90 46.33
C VAL C 41 -1.45 -14.18 45.73
N LYS C 42 -0.83 -14.08 44.55
CA LYS C 42 -0.09 -15.23 44.01
C LYS C 42 1.04 -15.62 44.95
N THR C 43 1.79 -14.64 45.43
CA THR C 43 2.91 -14.92 46.32
C THR C 43 2.46 -15.63 47.58
N LYS C 44 1.34 -15.19 48.16
CA LYS C 44 0.84 -15.76 49.40
C LYS C 44 0.23 -17.14 49.17
N THR C 45 -0.77 -17.23 48.28
CA THR C 45 -1.28 -18.55 47.93
C THR C 45 -0.41 -19.17 46.85
N ALA C 46 0.90 -19.10 47.04
CA ALA C 46 1.86 -19.94 46.34
C ALA C 46 2.89 -20.56 47.27
N ALA C 47 3.13 -19.98 48.45
CA ALA C 47 4.01 -20.56 49.46
C ALA C 47 3.25 -21.43 50.46
N LYS C 48 1.93 -21.53 50.32
CA LYS C 48 1.12 -22.38 51.18
C LYS C 48 0.75 -23.71 50.55
N TYR C 49 0.65 -23.78 49.23
CA TYR C 49 0.41 -25.03 48.52
C TYR C 49 1.71 -25.67 48.02
N GLY C 50 2.87 -25.08 48.32
CA GLY C 50 4.13 -25.63 47.90
C GLY C 50 4.41 -25.45 46.42
N LEU C 51 4.56 -24.20 45.99
CA LEU C 51 4.89 -23.89 44.60
C LEU C 51 6.34 -23.48 44.48
N SER C 52 6.89 -23.65 43.27
CA SER C 52 8.25 -23.25 42.96
C SER C 52 8.31 -22.30 41.77
N ALA C 53 7.15 -21.81 41.31
CA ALA C 53 7.08 -20.90 40.17
C ALA C 53 5.80 -20.10 40.25
N GLN C 54 5.91 -18.79 40.15
CA GLN C 54 4.72 -17.94 40.21
C GLN C 54 3.84 -18.22 39.00
N PRO C 55 2.51 -18.13 39.15
CA PRO C 55 1.63 -18.41 38.02
C PRO C 55 1.76 -17.38 36.92
N ARG C 56 1.50 -17.82 35.68
CA ARG C 56 1.45 -16.92 34.54
C ARG C 56 0.02 -16.47 34.31
N LEU C 57 -0.14 -15.23 33.84
CA LEU C 57 -1.47 -14.65 33.72
C LEU C 57 -2.35 -15.41 32.74
N VAL C 58 -1.77 -15.98 31.69
CA VAL C 58 -2.57 -16.65 30.67
C VAL C 58 -3.31 -17.84 31.26
N ASP C 59 -2.65 -18.63 32.12
CA ASP C 59 -3.33 -19.76 32.74
C ASP C 59 -4.38 -19.30 33.72
N ILE C 60 -4.17 -18.15 34.37
CA ILE C 60 -5.20 -17.58 35.22
C ILE C 60 -6.44 -17.22 34.40
N ILE C 61 -6.23 -16.59 33.24
CA ILE C 61 -7.34 -16.21 32.38
C ILE C 61 -8.03 -17.44 31.81
N ALA C 62 -7.29 -18.54 31.63
CA ALA C 62 -7.84 -19.72 30.97
C ALA C 62 -9.04 -20.27 31.73
N ALA C 63 -8.84 -20.71 32.98
CA ALA C 63 -9.87 -21.42 33.73
C ALA C 63 -10.67 -20.43 34.57
N VAL C 64 -11.67 -19.82 33.93
CA VAL C 64 -12.57 -18.89 34.60
C VAL C 64 -14.01 -19.18 34.16
N PRO C 65 -14.98 -19.15 35.06
CA PRO C 65 -16.38 -19.34 34.67
C PRO C 65 -16.89 -18.18 33.83
N PRO C 66 -17.92 -18.41 32.99
CA PRO C 66 -18.32 -17.43 31.98
C PRO C 66 -18.50 -15.99 32.46
N GLN C 67 -19.45 -15.78 33.39
CA GLN C 67 -19.67 -14.43 33.90
C GLN C 67 -18.45 -13.93 34.63
N TYR C 68 -17.68 -14.84 35.24
CA TYR C 68 -16.45 -14.42 35.89
C TYR C 68 -15.39 -14.04 34.88
N ARG C 69 -15.33 -14.70 33.71
CA ARG C 69 -14.47 -14.17 32.66
C ARG C 69 -14.91 -12.76 32.27
N LYS C 70 -16.22 -12.56 32.12
CA LYS C 70 -16.71 -11.24 31.73
C LYS C 70 -16.27 -10.17 32.74
N VAL C 71 -16.35 -10.49 34.04
CA VAL C 71 -16.06 -9.48 35.05
C VAL C 71 -14.56 -9.36 35.36
N LEU C 72 -13.74 -10.35 35.00
CA LEU C 72 -12.31 -10.26 35.30
C LEU C 72 -11.42 -10.04 34.09
N MET C 73 -11.96 -9.95 32.87
CA MET C 73 -11.11 -9.53 31.75
C MET C 73 -10.47 -8.16 31.97
N PRO C 74 -11.18 -7.11 32.39
CA PRO C 74 -10.50 -5.81 32.53
C PRO C 74 -9.34 -5.81 33.51
N LYS C 75 -9.40 -6.62 34.56
CA LYS C 75 -8.34 -6.67 35.55
C LYS C 75 -7.32 -7.77 35.28
N LEU C 76 -7.48 -8.54 34.21
CA LEU C 76 -6.57 -9.62 33.86
C LEU C 76 -6.22 -9.56 32.38
N LYS C 77 -5.91 -8.37 31.88
CA LYS C 77 -5.53 -8.19 30.49
C LYS C 77 -4.01 -8.26 30.37
N ALA C 78 -3.54 -9.17 29.51
CA ALA C 78 -2.11 -9.37 29.31
C ALA C 78 -1.64 -8.57 28.10
N LYS C 79 -0.54 -7.84 28.27
CA LYS C 79 0.03 -6.98 27.23
C LYS C 79 -1.00 -5.96 26.76
N PRO C 80 -1.33 -4.94 27.58
CA PRO C 80 -2.39 -3.99 27.24
C PRO C 80 -1.98 -2.97 26.18
N ILE C 81 -1.39 -3.45 25.09
CA ILE C 81 -1.08 -2.62 23.94
C ILE C 81 -1.69 -3.15 22.65
N ARG C 82 -2.10 -4.42 22.60
CA ARG C 82 -2.68 -4.96 21.39
C ARG C 82 -4.00 -4.28 21.05
N THR C 83 -4.68 -3.71 22.04
CA THR C 83 -5.94 -2.99 21.83
C THR C 83 -5.81 -1.54 22.26
N ALA C 84 -4.58 -1.07 22.47
CA ALA C 84 -4.34 0.32 22.85
C ALA C 84 -4.22 1.25 21.65
N SER C 85 -4.17 0.71 20.44
CA SER C 85 -4.14 1.53 19.23
C SER C 85 -5.51 1.75 18.63
N GLY C 86 -6.41 0.78 18.73
CA GLY C 86 -7.77 0.93 18.23
C GLY C 86 -8.29 -0.22 17.39
N ILE C 87 -7.44 -1.16 16.98
CA ILE C 87 -7.85 -2.28 16.15
C ILE C 87 -7.15 -3.54 16.64
N ALA C 88 -7.43 -4.66 15.98
CA ALA C 88 -6.78 -5.94 16.26
C ALA C 88 -6.05 -6.38 14.99
N VAL C 89 -4.72 -6.36 15.05
CA VAL C 89 -3.90 -6.68 13.89
C VAL C 89 -3.89 -8.19 13.66
N VAL C 90 -4.08 -8.60 12.40
CA VAL C 90 -3.95 -9.99 12.00
C VAL C 90 -3.02 -10.05 10.80
N ALA C 91 -1.88 -10.73 10.97
CA ALA C 91 -0.87 -10.82 9.93
C ALA C 91 -0.95 -12.18 9.25
N VAL C 92 -1.11 -12.17 7.92
CA VAL C 92 -1.19 -13.39 7.13
C VAL C 92 -0.22 -13.23 5.96
N MET C 93 0.21 -14.36 5.40
CA MET C 93 1.04 -14.35 4.20
C MET C 93 0.42 -15.24 3.13
N CYS C 94 1.09 -15.26 1.98
CA CYS C 94 0.66 -16.04 0.83
C CYS C 94 1.73 -17.06 0.44
N LYS C 95 1.52 -17.73 -0.68
CA LYS C 95 2.44 -18.74 -1.16
C LYS C 95 3.77 -18.10 -1.54
N PRO C 96 4.88 -18.82 -1.38
CA PRO C 96 6.14 -18.36 -1.95
C PRO C 96 6.03 -18.22 -3.47
N HIS C 97 6.65 -17.18 -4.00
CA HIS C 97 6.58 -16.89 -5.42
C HIS C 97 7.75 -16.01 -5.82
N ARG C 98 8.04 -15.99 -7.11
CA ARG C 98 9.15 -15.20 -7.63
C ARG C 98 8.69 -13.77 -7.89
N CYS C 99 9.58 -12.81 -7.59
CA CYS C 99 9.25 -11.42 -7.81
C CYS C 99 9.21 -11.11 -9.30
N PRO C 100 8.30 -10.24 -9.74
CA PRO C 100 8.04 -10.08 -11.17
C PRO C 100 8.99 -9.12 -11.87
N HIS C 101 10.28 -9.18 -11.56
CA HIS C 101 11.28 -8.51 -12.38
C HIS C 101 12.55 -9.34 -12.46
N ILE C 102 12.41 -10.67 -12.35
CA ILE C 102 13.54 -11.59 -12.49
C ILE C 102 13.67 -12.11 -13.91
N SER C 103 12.66 -11.87 -14.76
CA SER C 103 12.69 -12.37 -16.13
C SER C 103 13.60 -11.53 -17.03
N PHE C 104 13.30 -10.23 -17.16
CA PHE C 104 14.08 -9.39 -18.06
C PHE C 104 15.33 -8.85 -17.41
N THR C 105 15.49 -9.05 -16.10
CA THR C 105 16.74 -8.65 -15.43
C THR C 105 17.62 -9.87 -15.15
N GLY C 106 17.03 -10.95 -14.68
CA GLY C 106 17.79 -12.15 -14.36
C GLY C 106 17.95 -12.38 -12.88
N ASN C 107 18.03 -11.31 -12.10
CA ASN C 107 18.25 -11.39 -10.67
C ASN C 107 17.37 -10.39 -9.94
N ILE C 108 16.78 -10.84 -8.83
CA ILE C 108 15.95 -10.00 -7.97
C ILE C 108 16.84 -9.00 -7.24
N CYS C 109 16.20 -8.05 -6.54
CA CYS C 109 16.93 -6.97 -5.85
C CYS C 109 18.07 -7.52 -5.01
N VAL C 110 19.11 -6.69 -4.86
CA VAL C 110 20.38 -7.15 -4.32
C VAL C 110 20.22 -7.61 -2.87
N TYR C 111 19.56 -6.80 -2.05
CA TYR C 111 19.56 -7.01 -0.60
C TYR C 111 18.46 -7.93 -0.12
N CYS C 112 17.66 -8.52 -1.01
CA CYS C 112 16.53 -9.31 -0.56
C CYS C 112 16.99 -10.64 0.01
N PRO C 113 16.62 -10.98 1.25
CA PRO C 113 16.95 -12.29 1.81
C PRO C 113 15.83 -13.30 1.61
N GLY C 114 16.23 -14.54 1.32
CA GLY C 114 15.26 -15.62 1.19
C GLY C 114 14.47 -15.57 -0.09
N GLY C 115 13.48 -16.46 -0.17
CA GLY C 115 12.63 -16.57 -1.33
C GLY C 115 12.48 -18.00 -1.80
N PRO C 116 11.69 -18.21 -2.86
CA PRO C 116 11.46 -19.59 -3.34
C PRO C 116 12.71 -20.29 -3.82
N ASP C 117 13.67 -19.57 -4.41
CA ASP C 117 14.87 -20.18 -4.96
C ASP C 117 16.12 -19.80 -4.17
N SER C 118 15.95 -19.47 -2.90
CA SER C 118 17.07 -19.17 -2.02
C SER C 118 17.51 -20.44 -1.30
N ASP C 119 18.44 -20.31 -0.35
CA ASP C 119 18.91 -21.46 0.40
C ASP C 119 18.08 -21.72 1.67
N PHE C 120 17.15 -20.81 2.00
CA PHE C 120 16.22 -21.05 3.11
C PHE C 120 15.07 -21.89 2.58
N GLU C 121 14.95 -23.12 3.06
CA GLU C 121 13.92 -24.02 2.56
C GLU C 121 12.54 -23.53 2.97
N TYR C 122 11.62 -23.49 2.00
CA TYR C 122 10.23 -23.10 2.24
C TYR C 122 10.16 -21.67 2.78
N SER C 123 10.80 -20.74 2.07
CA SER C 123 10.97 -19.37 2.51
C SER C 123 10.19 -18.42 1.63
N THR C 124 9.37 -17.57 2.24
CA THR C 124 8.73 -16.49 1.51
C THR C 124 9.76 -15.41 1.19
N GLN C 125 9.46 -14.62 0.15
CA GLN C 125 10.39 -13.57 -0.27
C GLN C 125 10.53 -12.52 0.82
N SER C 126 11.79 -12.17 1.13
CA SER C 126 12.16 -11.11 2.07
C SER C 126 11.86 -11.51 3.52
N TYR C 127 11.19 -12.64 3.73
CA TYR C 127 10.85 -13.13 5.06
C TYR C 127 11.43 -14.53 5.18
N THR C 128 12.62 -14.65 5.76
CA THR C 128 13.41 -15.87 5.54
C THR C 128 12.77 -17.13 6.11
N GLY C 129 12.87 -17.34 7.43
CA GLY C 129 12.24 -18.52 7.98
C GLY C 129 11.82 -18.47 9.44
N TYR C 130 12.10 -17.37 10.13
CA TYR C 130 12.12 -17.41 11.59
C TYR C 130 11.39 -16.24 12.24
N GLU C 131 10.66 -15.44 11.49
CA GLU C 131 9.78 -14.46 12.10
C GLU C 131 8.52 -15.16 12.60
N PRO C 132 7.91 -14.65 13.68
CA PRO C 132 6.79 -15.41 14.29
C PRO C 132 5.65 -15.71 13.33
N THR C 133 5.34 -14.78 12.43
CA THR C 133 4.32 -15.04 11.42
C THR C 133 4.73 -16.21 10.54
N SER C 134 6.04 -16.41 10.35
CA SER C 134 6.50 -17.52 9.52
C SER C 134 6.15 -18.87 10.13
N MET C 135 6.46 -19.07 11.42
CA MET C 135 6.03 -20.33 12.03
C MET C 135 4.52 -20.41 12.19
N ARG C 136 3.83 -19.28 12.34
CA ARG C 136 2.37 -19.32 12.38
C ARG C 136 1.80 -19.83 11.06
N ALA C 137 2.37 -19.39 9.94
CA ALA C 137 1.81 -19.72 8.63
C ALA C 137 2.27 -21.07 8.10
N ILE C 138 3.53 -21.46 8.38
CA ILE C 138 4.07 -22.67 7.77
C ILE C 138 3.29 -23.90 8.24
N ARG C 139 2.99 -23.98 9.53
CA ARG C 139 2.27 -25.13 10.05
C ARG C 139 0.86 -25.23 9.47
N ALA C 140 0.28 -24.12 9.03
CA ALA C 140 -1.00 -24.13 8.33
C ALA C 140 -0.83 -24.30 6.82
N ARG C 141 0.41 -24.41 6.35
CA ARG C 141 0.73 -24.70 4.96
C ARG C 141 0.17 -23.62 4.03
N TYR C 142 0.13 -22.38 4.53
CA TYR C 142 -0.36 -21.21 3.78
C TYR C 142 -1.84 -21.35 3.43
N ASP C 143 -2.65 -21.64 4.44
CA ASP C 143 -4.10 -21.65 4.31
C ASP C 143 -4.68 -20.47 5.07
N PRO C 144 -5.30 -19.50 4.40
CA PRO C 144 -5.77 -18.29 5.10
C PRO C 144 -6.75 -18.57 6.22
N PHE C 145 -7.66 -19.53 6.03
CA PHE C 145 -8.66 -19.85 7.04
C PHE C 145 -7.99 -20.22 8.36
N LEU C 146 -7.06 -21.17 8.30
CA LEU C 146 -6.39 -21.65 9.50
C LEU C 146 -5.61 -20.53 10.17
N GLN C 147 -4.91 -19.72 9.37
CA GLN C 147 -4.06 -18.67 9.94
C GLN C 147 -4.89 -17.62 10.68
N THR C 148 -5.96 -17.15 10.05
CA THR C 148 -6.77 -16.11 10.69
C THR C 148 -7.49 -16.68 11.92
N ARG C 149 -7.96 -17.92 11.85
CA ARG C 149 -8.58 -18.51 13.04
C ARG C 149 -7.58 -18.66 14.17
N HIS C 150 -6.34 -19.07 13.85
CA HIS C 150 -5.32 -19.20 14.88
C HIS C 150 -5.00 -17.85 15.53
N ARG C 151 -4.85 -16.81 14.71
CA ARG C 151 -4.54 -15.50 15.26
C ARG C 151 -5.67 -14.99 16.13
N ILE C 152 -6.92 -15.19 15.68
CA ILE C 152 -8.06 -14.72 16.47
C ILE C 152 -8.14 -15.47 17.79
N GLU C 153 -7.93 -16.78 17.77
CA GLU C 153 -8.04 -17.54 19.01
C GLU C 153 -6.89 -17.20 19.97
N GLN C 154 -5.71 -16.89 19.44
CA GLN C 154 -4.64 -16.40 20.31
C GLN C 154 -4.99 -15.07 20.93
N LEU C 155 -5.52 -14.13 20.14
CA LEU C 155 -5.88 -12.82 20.67
C LEU C 155 -6.99 -12.94 21.70
N LYS C 156 -7.88 -13.93 21.56
CA LYS C 156 -8.89 -14.17 22.59
C LYS C 156 -8.29 -14.87 23.81
N GLN C 157 -7.26 -15.70 23.61
CA GLN C 157 -6.57 -16.29 24.74
C GLN C 157 -5.92 -15.23 25.61
N LEU C 158 -5.31 -14.22 25.00
CA LEU C 158 -4.68 -13.16 25.78
C LEU C 158 -5.69 -12.36 26.58
N GLY C 159 -6.98 -12.46 26.24
CA GLY C 159 -8.00 -11.78 26.99
C GLY C 159 -8.40 -10.45 26.38
N HIS C 160 -8.31 -10.34 25.06
CA HIS C 160 -8.64 -9.12 24.33
C HIS C 160 -9.99 -9.28 23.65
N SER C 161 -10.49 -8.16 23.13
CA SER C 161 -11.72 -8.13 22.35
C SER C 161 -11.36 -7.97 20.88
N VAL C 162 -11.81 -8.90 20.05
CA VAL C 162 -11.45 -8.93 18.64
C VAL C 162 -12.60 -8.40 17.79
N ASP C 163 -13.45 -7.57 18.40
CA ASP C 163 -14.63 -7.08 17.71
C ASP C 163 -14.30 -6.21 16.50
N LYS C 164 -13.07 -5.70 16.40
CA LYS C 164 -12.64 -4.87 15.28
C LYS C 164 -11.30 -5.41 14.78
N VAL C 165 -11.28 -5.88 13.54
CA VAL C 165 -10.13 -6.59 13.02
C VAL C 165 -9.51 -5.80 11.86
N GLU C 166 -8.21 -6.02 11.63
CA GLU C 166 -7.51 -5.35 10.53
C GLU C 166 -6.52 -6.35 9.95
N PHE C 167 -6.68 -6.68 8.68
CA PHE C 167 -5.84 -7.65 8.00
C PHE C 167 -4.59 -6.99 7.44
N ILE C 168 -3.49 -7.74 7.43
CA ILE C 168 -2.27 -7.34 6.75
C ILE C 168 -1.70 -8.55 6.02
N VAL C 169 -1.70 -8.48 4.68
CA VAL C 169 -1.10 -9.51 3.84
C VAL C 169 0.37 -9.17 3.66
N MET C 170 1.21 -10.19 3.77
CA MET C 170 2.66 -10.02 3.83
C MET C 170 3.32 -11.07 2.94
N GLY C 171 4.58 -10.82 2.58
CA GLY C 171 5.29 -11.75 1.74
C GLY C 171 6.06 -11.08 0.61
N GLY C 172 5.81 -11.53 -0.61
CA GLY C 172 6.44 -10.95 -1.78
C GLY C 172 5.61 -9.81 -2.34
N THR C 173 5.20 -9.94 -3.59
CA THR C 173 4.27 -9.00 -4.22
C THR C 173 2.94 -9.72 -4.45
N PHE C 174 1.84 -8.98 -4.38
CA PHE C 174 0.53 -9.60 -4.41
C PHE C 174 -0.15 -9.50 -5.77
N MET C 175 0.53 -8.94 -6.77
CA MET C 175 -0.06 -8.82 -8.11
C MET C 175 0.52 -9.83 -9.10
N ALA C 176 1.68 -10.42 -8.80
CA ALA C 176 2.30 -11.39 -9.68
C ALA C 176 1.62 -12.76 -9.63
N LEU C 177 0.49 -12.86 -8.95
CA LEU C 177 -0.24 -14.10 -8.81
C LEU C 177 -1.48 -14.09 -9.70
N PRO C 178 -1.91 -15.27 -10.17
CA PRO C 178 -3.10 -15.33 -11.03
C PRO C 178 -4.35 -14.86 -10.31
N GLU C 179 -5.40 -14.64 -11.10
CA GLU C 179 -6.66 -14.13 -10.56
C GLU C 179 -7.31 -15.11 -9.60
N GLU C 180 -7.28 -16.40 -9.94
CA GLU C 180 -7.93 -17.42 -9.11
C GLU C 180 -7.37 -17.43 -7.70
N TYR C 181 -6.04 -17.42 -7.59
CA TYR C 181 -5.41 -17.52 -6.28
C TYR C 181 -5.72 -16.29 -5.43
N ARG C 182 -5.68 -15.11 -6.05
CA ARG C 182 -5.96 -13.87 -5.32
C ARG C 182 -7.40 -13.83 -4.83
N ASP C 183 -8.36 -14.17 -5.70
CA ASP C 183 -9.75 -14.11 -5.25
C ASP C 183 -10.03 -15.19 -4.22
N TYR C 184 -9.32 -16.33 -4.32
CA TYR C 184 -9.39 -17.36 -3.29
C TYR C 184 -9.00 -16.80 -1.93
N PHE C 185 -7.84 -16.13 -1.87
CA PHE C 185 -7.44 -15.44 -0.64
C PHE C 185 -8.52 -14.47 -0.14
N ILE C 186 -8.98 -13.58 -1.01
CA ILE C 186 -9.85 -12.51 -0.53
C ILE C 186 -11.16 -13.08 0.01
N ARG C 187 -11.75 -14.05 -0.70
CA ARG C 187 -13.01 -14.63 -0.25
C ARG C 187 -12.81 -15.44 1.03
N ASN C 188 -11.69 -16.18 1.12
CA ASN C 188 -11.47 -16.96 2.33
C ASN C 188 -11.30 -16.07 3.54
N LEU C 189 -10.58 -14.96 3.39
CA LEU C 189 -10.41 -14.03 4.50
C LEU C 189 -11.76 -13.46 4.94
N HIS C 190 -12.54 -12.94 3.98
CA HIS C 190 -13.81 -12.34 4.36
C HIS C 190 -14.77 -13.35 4.98
N ASP C 191 -14.83 -14.56 4.44
CA ASP C 191 -15.69 -15.59 5.01
C ASP C 191 -15.20 -16.08 6.36
N ALA C 192 -13.89 -16.24 6.55
CA ALA C 192 -13.35 -16.59 7.85
C ALA C 192 -13.72 -15.56 8.90
N LEU C 193 -13.65 -14.28 8.55
CA LEU C 193 -14.03 -13.26 9.53
C LEU C 193 -15.54 -13.22 9.75
N SER C 194 -16.32 -13.53 8.71
CA SER C 194 -17.78 -13.46 8.80
C SER C 194 -18.43 -14.79 9.15
N GLY C 195 -18.03 -15.88 8.51
CA GLY C 195 -18.62 -17.19 8.76
C GLY C 195 -19.31 -17.82 7.57
N HIS C 196 -19.44 -17.12 6.44
CA HIS C 196 -20.13 -17.66 5.28
C HIS C 196 -19.22 -18.62 4.51
N THR C 197 -19.76 -19.19 3.44
CA THR C 197 -18.99 -20.00 2.49
C THR C 197 -19.42 -19.55 1.10
N SER C 198 -18.61 -18.69 0.48
CA SER C 198 -18.98 -18.01 -0.74
C SER C 198 -18.44 -18.74 -1.97
N ASN C 199 -18.90 -18.29 -3.14
CA ASN C 199 -18.42 -18.77 -4.43
C ASN C 199 -17.54 -17.76 -5.15
N ASN C 200 -17.92 -16.48 -5.11
CA ASN C 200 -17.15 -15.41 -5.73
C ASN C 200 -16.87 -14.34 -4.68
N ILE C 201 -16.20 -13.27 -5.10
CA ILE C 201 -15.81 -12.21 -4.18
C ILE C 201 -17.05 -11.44 -3.71
N TYR C 202 -17.98 -11.18 -4.63
CA TYR C 202 -19.09 -10.29 -4.33
C TYR C 202 -20.02 -10.89 -3.27
N GLU C 203 -20.29 -12.19 -3.34
CA GLU C 203 -21.09 -12.85 -2.32
C GLU C 203 -20.40 -12.77 -0.96
N ALA C 204 -19.09 -13.00 -0.94
CA ALA C 204 -18.34 -12.91 0.31
C ALA C 204 -18.43 -11.51 0.90
N VAL C 205 -18.28 -10.49 0.07
CA VAL C 205 -18.35 -9.11 0.56
C VAL C 205 -19.75 -8.80 1.08
N LYS C 206 -20.78 -9.25 0.35
CA LYS C 206 -22.15 -8.95 0.74
C LYS C 206 -22.51 -9.59 2.07
N TYR C 207 -22.05 -10.83 2.32
CA TYR C 207 -22.26 -11.41 3.64
C TYR C 207 -21.36 -10.80 4.71
N SER C 208 -20.16 -10.35 4.34
CA SER C 208 -19.29 -9.70 5.33
C SER C 208 -19.87 -8.36 5.76
N GLU C 209 -20.65 -7.71 4.90
CA GLU C 209 -21.23 -6.42 5.24
C GLU C 209 -22.18 -6.53 6.43
N ARG C 210 -22.97 -7.60 6.48
CA ARG C 210 -23.94 -7.82 7.56
C ARG C 210 -23.37 -8.62 8.72
N SER C 211 -22.09 -8.95 8.69
CA SER C 211 -21.48 -9.73 9.74
C SER C 211 -21.44 -8.93 11.05
N LEU C 212 -21.31 -9.65 12.16
CA LEU C 212 -21.25 -9.06 13.49
C LEU C 212 -19.88 -8.55 13.86
N THR C 213 -18.86 -9.42 13.82
CA THR C 213 -17.47 -8.98 14.00
C THR C 213 -17.11 -8.14 12.77
N LYS C 214 -17.05 -6.84 12.98
CA LYS C 214 -16.84 -5.91 11.87
C LYS C 214 -15.40 -6.00 11.36
N CYS C 215 -15.25 -5.81 10.05
CA CYS C 215 -13.95 -5.70 9.41
C CYS C 215 -13.69 -4.23 9.06
N ILE C 216 -12.43 -3.84 9.08
CA ILE C 216 -12.09 -2.42 8.95
C ILE C 216 -11.37 -2.17 7.64
N GLY C 217 -10.59 -3.13 7.17
CA GLY C 217 -9.86 -2.96 5.93
C GLY C 217 -8.67 -3.88 5.87
N ILE C 218 -7.99 -3.81 4.72
CA ILE C 218 -6.85 -4.67 4.43
C ILE C 218 -5.71 -3.80 3.92
N THR C 219 -4.48 -4.24 4.19
CA THR C 219 -3.28 -3.55 3.76
C THR C 219 -2.47 -4.47 2.88
N ILE C 220 -2.06 -3.98 1.71
CA ILE C 220 -1.32 -4.76 0.73
C ILE C 220 -0.01 -4.04 0.43
N GLU C 221 1.07 -4.81 0.33
CA GLU C 221 2.34 -4.28 -0.16
C GLU C 221 2.47 -4.55 -1.66
N THR C 222 3.17 -3.65 -2.35
CA THR C 222 3.34 -3.79 -3.79
C THR C 222 4.52 -2.96 -4.25
N ARG C 223 5.01 -3.28 -5.44
CA ARG C 223 5.94 -2.44 -6.16
C ARG C 223 5.18 -1.40 -6.98
N PRO C 224 5.79 -0.24 -7.25
CA PRO C 224 5.09 0.80 -8.02
C PRO C 224 4.82 0.43 -9.47
N ASP C 225 5.52 -0.56 -10.04
CA ASP C 225 5.28 -0.96 -11.41
C ASP C 225 4.05 -1.83 -11.57
N TYR C 226 3.50 -2.36 -10.48
CA TYR C 226 2.21 -3.07 -10.49
C TYR C 226 1.15 -2.26 -9.76
N CYS C 227 1.21 -0.93 -9.90
CA CYS C 227 0.25 -0.02 -9.29
C CYS C 227 -0.26 0.89 -10.40
N MET C 228 -1.25 0.40 -11.14
CA MET C 228 -1.84 1.12 -12.26
C MET C 228 -3.35 1.16 -12.06
N LYS C 229 -4.05 1.75 -13.04
CA LYS C 229 -5.49 1.93 -12.91
C LYS C 229 -6.22 0.59 -12.79
N ARG C 230 -5.81 -0.40 -13.58
CA ARG C 230 -6.43 -1.73 -13.51
C ARG C 230 -6.20 -2.36 -12.14
N HIS C 231 -4.97 -2.27 -11.63
CA HIS C 231 -4.67 -2.85 -10.33
C HIS C 231 -5.41 -2.11 -9.21
N LEU C 232 -5.53 -0.78 -9.32
CA LEU C 232 -6.31 -0.04 -8.35
C LEU C 232 -7.79 -0.44 -8.39
N SER C 233 -8.31 -0.72 -9.58
CA SER C 233 -9.68 -1.24 -9.66
C SER C 233 -9.78 -2.58 -8.95
N ASP C 234 -8.81 -3.46 -9.16
CA ASP C 234 -8.83 -4.76 -8.50
C ASP C 234 -8.78 -4.61 -6.98
N MET C 235 -7.97 -3.68 -6.47
CA MET C 235 -7.96 -3.42 -5.03
C MET C 235 -9.31 -2.90 -4.55
N LEU C 236 -9.89 -1.93 -5.27
CA LEU C 236 -11.14 -1.32 -4.84
C LEU C 236 -12.30 -2.31 -4.86
N THR C 237 -12.21 -3.37 -5.69
CA THR C 237 -13.22 -4.41 -5.60
C THR C 237 -13.04 -5.28 -4.36
N TYR C 238 -11.79 -5.51 -3.94
CA TYR C 238 -11.50 -6.42 -2.85
C TYR C 238 -11.95 -5.88 -1.49
N GLY C 239 -12.04 -4.56 -1.34
CA GLY C 239 -12.27 -3.96 -0.04
C GLY C 239 -11.02 -3.40 0.61
N CYS C 240 -9.89 -3.41 -0.08
CA CYS C 240 -8.66 -2.87 0.48
C CYS C 240 -8.77 -1.37 0.68
N THR C 241 -8.07 -0.85 1.69
CA THR C 241 -8.11 0.57 1.98
C THR C 241 -6.74 1.16 2.34
N ARG C 242 -5.65 0.43 2.12
CA ARG C 242 -4.33 0.95 2.42
C ARG C 242 -3.30 0.17 1.63
N LEU C 243 -2.29 0.88 1.11
CA LEU C 243 -1.31 0.27 0.23
C LEU C 243 0.08 0.69 0.68
N GLU C 244 1.04 -0.21 0.49
CA GLU C 244 2.43 0.04 0.88
C GLU C 244 3.35 -0.21 -0.31
N ILE C 245 4.26 0.72 -0.56
CA ILE C 245 5.15 0.68 -1.70
C ILE C 245 6.60 0.78 -1.22
N GLY C 246 7.46 -0.09 -1.73
CA GLY C 246 8.86 -0.02 -1.41
C GLY C 246 9.52 1.13 -2.16
N VAL C 247 9.94 2.16 -1.43
CA VAL C 247 10.44 3.39 -2.04
C VAL C 247 11.89 3.54 -1.60
N GLN C 248 12.61 2.42 -1.57
CA GLN C 248 14.01 2.42 -1.15
C GLN C 248 14.83 3.45 -1.92
N SER C 249 15.40 4.42 -1.20
CA SER C 249 16.21 5.50 -1.75
C SER C 249 15.39 6.47 -2.57
N VAL C 250 15.77 7.76 -2.53
CA VAL C 250 15.06 8.79 -3.36
C VAL C 250 16.03 9.25 -4.44
N TYR C 251 17.15 8.53 -4.59
CA TYR C 251 18.16 8.88 -5.58
C TYR C 251 18.09 7.90 -6.75
N GLU C 252 18.14 8.43 -7.97
CA GLU C 252 17.97 7.61 -9.15
C GLU C 252 19.15 6.68 -9.38
N ASP C 253 20.37 7.11 -9.03
CA ASP C 253 21.54 6.26 -9.22
C ASP C 253 21.44 4.99 -8.38
N VAL C 254 20.98 5.12 -7.12
CA VAL C 254 20.89 3.98 -6.24
C VAL C 254 19.88 2.96 -6.77
N ALA C 255 18.72 3.42 -7.22
CA ALA C 255 17.65 2.55 -7.67
C ALA C 255 17.97 1.88 -9.01
N ARG C 256 19.16 2.09 -9.55
CA ARG C 256 19.57 1.42 -10.78
C ARG C 256 20.78 0.55 -10.51
N ASP C 257 21.65 0.98 -9.61
CA ASP C 257 22.82 0.20 -9.24
C ASP C 257 22.48 -1.00 -8.37
N THR C 258 21.29 -1.02 -7.77
CA THR C 258 20.87 -2.10 -6.88
C THR C 258 19.94 -3.09 -7.58
N ASN C 259 19.84 -3.03 -8.91
CA ASN C 259 18.96 -3.92 -9.67
C ASN C 259 17.51 -3.83 -9.19
N ARG C 260 17.08 -2.63 -8.80
CA ARG C 260 15.74 -2.44 -8.28
C ARG C 260 14.69 -2.69 -9.36
N GLY C 261 15.02 -2.43 -10.62
CA GLY C 261 14.14 -2.73 -11.73
C GLY C 261 13.20 -1.63 -12.17
N HIS C 262 13.12 -0.53 -11.42
CA HIS C 262 12.28 0.59 -11.80
C HIS C 262 12.97 1.89 -11.45
N THR C 263 12.30 3.00 -11.73
CA THR C 263 12.83 4.35 -11.51
C THR C 263 11.95 5.10 -10.54
N VAL C 264 12.50 6.21 -10.03
CA VAL C 264 11.80 7.00 -9.02
C VAL C 264 10.56 7.65 -9.63
N LYS C 265 10.61 7.99 -10.91
CA LYS C 265 9.47 8.61 -11.58
C LYS C 265 8.23 7.72 -11.51
N ALA C 266 8.40 6.41 -11.70
CA ALA C 266 7.30 5.49 -11.54
C ALA C 266 6.74 5.56 -10.13
N VAL C 267 7.61 5.70 -9.13
CA VAL C 267 7.16 5.78 -7.75
C VAL C 267 6.33 7.05 -7.54
N CYS C 268 6.78 8.17 -8.09
CA CYS C 268 6.02 9.42 -7.95
C CYS C 268 4.66 9.32 -8.64
N GLU C 269 4.63 8.72 -9.83
CA GLU C 269 3.36 8.56 -10.53
C GLU C 269 2.41 7.63 -9.76
N SER C 270 2.96 6.56 -9.17
CA SER C 270 2.15 5.68 -8.34
C SER C 270 1.60 6.41 -7.12
N PHE C 271 2.43 7.24 -6.48
CA PHE C 271 1.96 8.08 -5.40
C PHE C 271 0.79 8.95 -5.85
N HIS C 272 0.94 9.61 -7.01
CA HIS C 272 -0.10 10.48 -7.52
C HIS C 272 -1.41 9.71 -7.74
N LEU C 273 -1.32 8.57 -8.43
CA LEU C 273 -2.52 7.80 -8.72
C LEU C 273 -3.17 7.29 -7.43
N ALA C 274 -2.38 6.72 -6.53
CA ALA C 274 -2.94 6.14 -5.31
C ALA C 274 -3.59 7.21 -4.44
N LYS C 275 -2.96 8.36 -4.30
CA LYS C 275 -3.52 9.40 -3.45
C LYS C 275 -4.73 10.06 -4.09
N ASP C 276 -4.76 10.14 -5.43
CA ASP C 276 -5.94 10.67 -6.10
C ASP C 276 -7.11 9.71 -6.02
N SER C 277 -6.83 8.40 -6.00
CA SER C 277 -7.92 7.43 -5.96
C SER C 277 -8.55 7.35 -4.58
N GLY C 278 -7.75 7.46 -3.52
CA GLY C 278 -8.30 7.48 -2.18
C GLY C 278 -7.60 6.60 -1.17
N PHE C 279 -6.47 6.00 -1.54
CA PHE C 279 -5.77 5.09 -0.64
C PHE C 279 -4.97 5.87 0.40
N LYS C 280 -4.20 5.13 1.19
CA LYS C 280 -3.17 5.69 2.07
C LYS C 280 -1.89 4.93 1.82
N VAL C 281 -0.80 5.66 1.61
CA VAL C 281 0.44 5.05 1.15
C VAL C 281 1.47 5.11 2.26
N VAL C 282 2.20 4.01 2.42
CA VAL C 282 3.26 3.90 3.42
C VAL C 282 4.54 3.53 2.69
N ALA C 283 5.60 4.30 2.93
CA ALA C 283 6.86 4.12 2.25
C ALA C 283 7.80 3.24 3.05
N HIS C 284 8.70 2.56 2.35
CA HIS C 284 9.70 1.70 2.97
C HIS C 284 11.08 2.29 2.63
N MET C 285 11.53 3.22 3.45
CA MET C 285 12.86 3.77 3.24
C MET C 285 13.93 2.93 3.93
N MET C 286 15.16 3.11 3.46
CA MET C 286 16.19 2.07 3.60
C MET C 286 17.53 2.77 3.82
N PRO C 287 17.79 3.23 5.05
CA PRO C 287 19.06 3.93 5.31
C PRO C 287 20.26 3.01 5.17
N ASP C 288 21.41 3.64 4.88
CA ASP C 288 22.69 2.95 4.75
C ASP C 288 22.72 2.02 3.54
N LEU C 289 22.24 2.53 2.40
CA LEU C 289 22.41 1.81 1.15
C LEU C 289 23.85 1.90 0.68
N PRO C 290 24.34 0.90 -0.06
CA PRO C 290 25.80 0.77 -0.22
C PRO C 290 26.42 1.72 -1.24
N ASN C 291 25.97 2.97 -1.26
CA ASN C 291 26.76 4.01 -1.94
C ASN C 291 26.61 5.38 -1.31
N VAL C 292 25.89 5.53 -0.20
CA VAL C 292 25.24 6.79 0.11
C VAL C 292 26.01 7.63 1.12
N GLY C 293 26.11 7.15 2.37
CA GLY C 293 26.76 7.91 3.42
C GLY C 293 25.77 8.64 4.30
N LEU C 294 26.32 9.33 5.31
CA LEU C 294 25.52 9.92 6.38
C LEU C 294 24.88 11.24 5.95
N GLU C 295 25.70 12.21 5.56
CA GLU C 295 25.15 13.50 5.12
C GLU C 295 24.22 13.32 3.94
N ARG C 296 24.53 12.37 3.06
CA ARG C 296 23.66 12.07 1.94
C ARG C 296 22.32 11.52 2.43
N ASP C 297 22.35 10.67 3.46
CA ASP C 297 21.12 10.21 4.09
C ASP C 297 20.29 11.37 4.63
N ILE C 298 20.91 12.28 5.38
CA ILE C 298 20.13 13.35 6.00
C ILE C 298 19.56 14.27 4.93
N GLU C 299 20.32 14.51 3.86
CA GLU C 299 19.79 15.33 2.77
C GLU C 299 18.64 14.65 2.04
N GLN C 300 18.74 13.34 1.79
CA GLN C 300 17.66 12.65 1.07
C GLN C 300 16.41 12.61 1.93
N PHE C 301 16.56 12.47 3.25
CA PHE C 301 15.38 12.46 4.10
C PHE C 301 14.76 13.86 4.21
N THR C 302 15.59 14.90 4.27
CA THR C 302 15.05 16.26 4.24
C THR C 302 14.27 16.50 2.95
N GLU C 303 14.81 16.05 1.82
CA GLU C 303 14.09 16.18 0.55
C GLU C 303 12.78 15.40 0.58
N PHE C 304 12.82 14.16 1.09
CA PHE C 304 11.63 13.31 1.11
C PHE C 304 10.53 13.90 1.97
N PHE C 305 10.89 14.60 3.05
CA PHE C 305 9.87 15.26 3.85
C PHE C 305 9.63 16.71 3.45
N GLU C 306 10.33 17.22 2.43
CA GLU C 306 10.13 18.58 1.96
C GLU C 306 9.54 18.67 0.57
N ASN C 307 9.91 17.78 -0.34
CA ASN C 307 9.45 17.86 -1.72
C ASN C 307 7.94 17.58 -1.79
N PRO C 308 7.13 18.46 -2.38
CA PRO C 308 5.71 18.16 -2.52
C PRO C 308 5.44 17.21 -3.67
N ALA C 309 6.24 16.15 -3.74
CA ALA C 309 5.97 15.01 -4.61
C ALA C 309 6.31 13.71 -3.89
N PHE C 310 6.62 13.77 -2.60
CA PHE C 310 7.00 12.60 -1.83
C PHE C 310 6.29 12.50 -0.49
N ARG C 311 5.65 13.56 -0.02
CA ARG C 311 5.07 13.59 1.32
C ARG C 311 4.04 12.48 1.50
N PRO C 312 4.33 11.43 2.28
CA PRO C 312 3.33 10.38 2.50
C PRO C 312 2.47 10.65 3.71
N ASP C 313 1.58 9.69 4.01
CA ASP C 313 0.88 9.67 5.30
C ASP C 313 1.26 8.45 6.12
N GLY C 314 2.52 8.05 6.04
CA GLY C 314 3.03 6.93 6.82
C GLY C 314 4.48 6.70 6.48
N LEU C 315 5.15 5.94 7.34
CA LEU C 315 6.58 5.70 7.16
C LEU C 315 6.96 4.43 7.90
N LYS C 316 7.97 3.72 7.39
CA LYS C 316 8.47 2.50 8.00
C LYS C 316 9.96 2.38 7.70
N LEU C 317 10.79 2.84 8.63
CA LEU C 317 12.24 2.85 8.45
C LEU C 317 12.80 1.44 8.50
N TYR C 318 13.97 1.25 7.87
CA TYR C 318 14.62 -0.05 7.85
C TYR C 318 16.12 0.07 7.66
N PRO C 319 16.92 0.01 8.72
CA PRO C 319 18.37 -0.03 8.55
C PRO C 319 18.80 -1.28 7.79
N THR C 320 19.90 -1.14 7.04
CA THR C 320 20.35 -2.21 6.15
C THR C 320 20.94 -3.36 6.95
N LEU C 321 20.66 -4.58 6.53
CA LEU C 321 21.20 -5.79 7.13
C LEU C 321 21.83 -6.65 6.04
N VAL C 322 22.99 -7.22 6.33
CA VAL C 322 23.67 -8.11 5.40
C VAL C 322 23.38 -9.56 5.78
N ILE C 323 22.93 -10.35 4.81
CA ILE C 323 22.51 -11.72 5.03
C ILE C 323 23.20 -12.61 4.01
N ARG C 324 23.60 -13.81 4.44
CA ARG C 324 24.26 -14.76 3.58
C ARG C 324 23.40 -15.09 2.36
N GLY C 325 24.06 -15.52 1.29
CA GLY C 325 23.37 -15.90 0.07
C GLY C 325 22.63 -14.77 -0.60
N THR C 326 23.16 -13.55 -0.51
CA THR C 326 22.53 -12.39 -1.13
C THR C 326 23.61 -11.58 -1.83
N GLY C 327 23.17 -10.56 -2.57
CA GLY C 327 24.11 -9.74 -3.32
C GLY C 327 25.05 -8.94 -2.44
N LEU C 328 24.55 -8.42 -1.31
CA LEU C 328 25.40 -7.65 -0.42
C LEU C 328 26.47 -8.48 0.26
N TYR C 329 26.27 -9.80 0.35
CA TYR C 329 27.22 -10.65 1.06
C TYR C 329 28.58 -10.66 0.38
N GLU C 330 28.61 -10.77 -0.96
CA GLU C 330 29.88 -10.75 -1.67
C GLU C 330 30.57 -9.40 -1.55
N LEU C 331 29.80 -8.30 -1.63
CA LEU C 331 30.39 -6.98 -1.46
C LEU C 331 31.01 -6.81 -0.09
N TRP C 332 30.32 -7.29 0.95
CA TRP C 332 30.88 -7.23 2.30
C TRP C 332 32.12 -8.09 2.44
N LYS C 333 32.11 -9.28 1.85
CA LYS C 333 33.25 -10.19 1.97
C LYS C 333 34.48 -9.64 1.25
N SER C 334 34.29 -9.09 0.05
CA SER C 334 35.41 -8.66 -0.77
C SER C 334 36.06 -7.37 -0.28
N GLY C 335 35.35 -6.58 0.52
CA GLY C 335 35.93 -5.36 1.04
C GLY C 335 35.24 -4.09 0.59
N ARG C 336 33.93 -4.15 0.35
CA ARG C 336 33.14 -2.99 -0.01
C ARG C 336 31.92 -2.92 0.90
N TYR C 337 31.39 -1.71 1.04
CA TYR C 337 30.22 -1.43 1.89
C TYR C 337 30.48 -1.81 3.34
N LYS C 338 31.40 -1.08 3.94
CA LYS C 338 31.60 -1.15 5.37
C LYS C 338 30.41 -0.52 6.10
N SER C 339 30.02 -1.13 7.21
CA SER C 339 28.78 -0.78 7.89
C SER C 339 28.97 0.47 8.75
N TYR C 340 27.97 0.77 9.57
CA TYR C 340 27.99 1.91 10.48
C TYR C 340 28.27 1.46 11.90
N SER C 341 28.98 2.31 12.64
CA SER C 341 29.15 2.07 14.06
C SER C 341 27.83 2.37 14.79
N PRO C 342 27.55 1.68 15.89
CA PRO C 342 26.24 1.85 16.54
C PRO C 342 25.93 3.28 16.96
N SER C 343 26.94 4.02 17.45
CA SER C 343 26.69 5.36 17.95
C SER C 343 26.24 6.30 16.83
N ASP C 344 26.95 6.27 15.70
CA ASP C 344 26.55 7.13 14.59
C ASP C 344 25.22 6.71 13.99
N LEU C 345 24.92 5.41 14.03
CA LEU C 345 23.61 4.93 13.57
C LEU C 345 22.50 5.50 14.44
N VAL C 346 22.70 5.47 15.77
CA VAL C 346 21.68 6.00 16.67
C VAL C 346 21.55 7.50 16.47
N GLU C 347 22.68 8.20 16.29
CA GLU C 347 22.65 9.63 15.98
C GLU C 347 21.81 9.90 14.73
N LEU C 348 22.10 9.15 13.66
CA LEU C 348 21.41 9.36 12.39
C LEU C 348 19.91 9.14 12.56
N VAL C 349 19.53 8.01 13.16
CA VAL C 349 18.11 7.70 13.36
C VAL C 349 17.45 8.78 14.20
N ALA C 350 18.17 9.33 15.18
CA ALA C 350 17.65 10.45 15.95
C ALA C 350 17.38 11.65 15.04
N ARG C 351 18.29 11.91 14.09
CA ARG C 351 18.07 13.03 13.17
C ARG C 351 16.82 12.82 12.32
N ILE C 352 16.64 11.62 11.74
CA ILE C 352 15.42 11.39 10.97
C ILE C 352 14.19 11.57 11.84
N LEU C 353 14.15 10.93 13.01
CA LEU C 353 12.97 11.06 13.87
C LEU C 353 12.75 12.49 14.35
N ALA C 354 13.79 13.32 14.34
CA ALA C 354 13.60 14.75 14.57
C ALA C 354 12.96 15.41 13.36
N LEU C 355 13.31 14.96 12.15
CA LEU C 355 12.75 15.55 10.94
C LEU C 355 11.34 15.08 10.63
N VAL C 356 10.83 14.08 11.35
CA VAL C 356 9.53 13.50 10.99
C VAL C 356 8.43 14.55 11.15
N PRO C 357 7.57 14.73 10.16
CA PRO C 357 6.57 15.80 10.21
C PRO C 357 5.48 15.47 11.20
N PRO C 358 4.60 16.44 11.52
CA PRO C 358 3.58 16.21 12.55
C PRO C 358 2.33 15.48 12.07
N TRP C 359 2.34 14.84 10.90
CA TRP C 359 1.17 14.13 10.40
C TRP C 359 1.50 12.75 9.86
N THR C 360 2.73 12.29 10.03
CA THR C 360 3.16 11.00 9.53
C THR C 360 3.34 10.04 10.68
N ARG C 361 2.68 8.89 10.61
CA ARG C 361 2.73 7.88 11.66
C ARG C 361 3.81 6.86 11.31
N VAL C 362 4.77 6.69 12.21
CA VAL C 362 5.82 5.70 12.02
C VAL C 362 5.38 4.38 12.64
N TYR C 363 5.45 3.32 11.85
CA TYR C 363 4.99 2.00 12.30
C TYR C 363 6.12 1.17 12.89
N ARG C 364 7.16 0.91 12.11
CA ARG C 364 8.25 0.03 12.52
C ARG C 364 9.58 0.69 12.22
N VAL C 365 10.53 0.52 13.14
CA VAL C 365 11.84 1.14 13.01
C VAL C 365 12.94 0.12 12.71
N GLN C 366 12.80 -1.12 13.17
CA GLN C 366 13.86 -2.11 13.02
C GLN C 366 13.28 -3.41 12.49
N ARG C 367 14.09 -4.10 11.69
CA ARG C 367 13.70 -5.42 11.18
C ARG C 367 13.58 -6.42 12.32
N ASP C 368 12.80 -7.47 12.08
CA ASP C 368 12.56 -8.49 13.09
C ASP C 368 13.58 -9.62 13.02
N ILE C 369 14.58 -9.50 12.15
CA ILE C 369 15.54 -10.58 11.90
C ILE C 369 16.32 -10.91 13.17
N PRO C 370 16.49 -12.19 13.50
CA PRO C 370 17.20 -12.54 14.74
C PRO C 370 18.69 -12.23 14.66
N MET C 371 19.31 -12.19 15.84
CA MET C 371 20.74 -11.94 15.94
C MET C 371 21.60 -12.93 15.15
N PRO C 372 21.42 -14.25 15.28
CA PRO C 372 22.33 -15.17 14.56
C PRO C 372 22.29 -15.00 13.05
N LEU C 373 21.16 -14.57 12.49
CA LEU C 373 21.04 -14.45 11.04
C LEU C 373 21.89 -13.30 10.52
N VAL C 374 21.79 -12.12 11.14
CA VAL C 374 22.47 -10.94 10.62
C VAL C 374 23.97 -11.06 10.85
N SER C 375 24.74 -10.86 9.78
CA SER C 375 26.19 -10.86 9.89
C SER C 375 26.76 -9.52 10.33
N SER C 376 26.04 -8.43 10.11
CA SER C 376 26.51 -7.10 10.48
C SER C 376 25.38 -6.10 10.27
N GLY C 377 25.41 -5.03 11.05
CA GLY C 377 24.56 -3.88 10.80
C GLY C 377 23.75 -3.35 11.98
N VAL C 378 23.23 -4.23 12.82
CA VAL C 378 22.43 -3.82 13.98
C VAL C 378 22.79 -4.70 15.16
N GLU C 379 22.99 -4.09 16.33
CA GLU C 379 23.29 -4.81 17.55
C GLU C 379 22.07 -4.94 18.45
N HIS C 380 21.46 -3.82 18.85
CA HIS C 380 20.35 -3.84 19.78
C HIS C 380 19.03 -3.76 19.01
N GLY C 381 18.12 -4.70 19.28
CA GLY C 381 16.80 -4.66 18.69
C GLY C 381 15.86 -3.75 19.45
N ASN C 382 16.39 -2.62 19.91
CA ASN C 382 15.61 -1.66 20.69
C ASN C 382 15.98 -0.25 20.25
N LEU C 383 16.17 -0.06 18.94
CA LEU C 383 16.74 1.19 18.44
C LEU C 383 15.82 2.38 18.67
N ARG C 384 14.50 2.18 18.67
CA ARG C 384 13.59 3.31 18.84
C ARG C 384 13.76 3.95 20.21
N GLU C 385 13.89 3.14 21.26
CA GLU C 385 14.01 3.70 22.61
C GLU C 385 15.35 4.40 22.82
N LEU C 386 16.43 3.81 22.29
CA LEU C 386 17.72 4.49 22.34
C LEU C 386 17.67 5.81 21.58
N ALA C 387 17.01 5.81 20.42
CA ALA C 387 16.88 7.04 19.65
C ALA C 387 16.12 8.10 20.44
N LEU C 388 15.01 7.71 21.09
CA LEU C 388 14.25 8.66 21.87
C LEU C 388 15.05 9.19 23.06
N ALA C 389 15.83 8.32 23.70
CA ALA C 389 16.69 8.78 24.78
C ALA C 389 17.70 9.80 24.27
N ARG C 390 18.24 9.57 23.07
CA ARG C 390 19.19 10.55 22.54
C ARG C 390 18.49 11.84 22.12
N MET C 391 17.23 11.76 21.68
CA MET C 391 16.46 12.98 21.45
C MET C 391 16.35 13.79 22.72
N LYS C 392 15.94 13.16 23.82
CA LYS C 392 15.86 13.90 25.08
C LYS C 392 17.24 14.34 25.57
N ASP C 393 18.30 13.69 25.10
CA ASP C 393 19.65 14.12 25.43
C ASP C 393 20.02 15.40 24.71
N LEU C 394 19.71 15.48 23.41
CA LEU C 394 20.15 16.61 22.60
C LEU C 394 19.19 17.79 22.66
N GLY C 395 18.02 17.62 23.27
CA GLY C 395 17.04 18.69 23.35
C GLY C 395 16.05 18.74 22.20
N ILE C 396 16.32 18.03 21.11
CA ILE C 396 15.38 17.96 19.99
C ILE C 396 14.21 17.08 20.38
N GLN C 397 13.13 17.13 19.61
CA GLN C 397 11.89 16.47 19.96
C GLN C 397 11.34 15.70 18.77
N CYS C 398 10.66 14.60 19.06
CA CYS C 398 9.98 13.79 18.06
C CYS C 398 8.48 13.95 18.24
N ARG C 399 7.79 14.33 17.17
CA ARG C 399 6.41 14.78 17.29
C ARG C 399 5.54 14.17 16.18
N ASP C 400 5.64 12.87 15.98
CA ASP C 400 4.70 12.17 15.11
C ASP C 400 3.43 11.86 15.91
N VAL C 401 2.52 11.07 15.34
CA VAL C 401 1.28 10.73 16.03
C VAL C 401 1.36 9.38 16.72
N ARG C 402 2.33 8.55 16.37
CA ARG C 402 2.55 7.30 17.08
C ARG C 402 3.00 7.51 18.51
N THR C 403 3.57 8.68 18.82
CA THR C 403 3.99 9.02 20.19
C THR C 403 3.17 10.16 20.75
N ARG C 404 1.98 10.42 20.20
CA ARG C 404 1.09 11.44 20.74
C ARG C 404 -0.35 10.99 20.83
N GLU C 405 -0.68 9.78 20.36
CA GLU C 405 -2.04 9.28 20.52
C GLU C 405 -2.28 8.92 21.98
N VAL C 406 -3.57 8.96 22.36
CA VAL C 406 -3.93 8.82 23.77
C VAL C 406 -3.45 7.49 24.33
N GLY C 407 -3.66 6.40 23.59
CA GLY C 407 -3.35 5.08 24.10
C GLY C 407 -1.89 4.92 24.49
N ILE C 408 -0.98 5.42 23.65
CA ILE C 408 0.43 5.23 23.91
C ILE C 408 0.89 6.08 25.08
N GLN C 409 0.41 7.32 25.18
CA GLN C 409 0.84 8.21 26.25
C GLN C 409 0.02 8.07 27.52
N GLU C 410 -0.65 6.92 27.70
CA GLU C 410 -1.19 6.51 28.99
C GLU C 410 -0.40 5.37 29.60
N ILE C 411 -0.07 4.35 28.81
CA ILE C 411 0.84 3.31 29.29
C ILE C 411 2.23 3.89 29.54
N HIS C 412 2.74 4.68 28.60
CA HIS C 412 3.83 5.58 28.91
C HIS C 412 3.30 6.81 29.62
N HIS C 413 4.12 7.37 30.50
CA HIS C 413 3.75 8.54 31.30
C HIS C 413 2.47 8.26 32.09
N LYS C 414 1.80 9.32 32.57
CA LYS C 414 0.53 9.11 33.27
C LYS C 414 -0.53 10.13 32.87
N VAL C 415 -0.14 11.25 32.24
CA VAL C 415 -1.03 12.37 32.01
C VAL C 415 -2.12 11.98 31.02
N ARG C 416 -3.25 12.67 31.09
CA ARG C 416 -4.38 12.47 30.20
C ARG C 416 -4.98 13.82 29.83
N PRO C 417 -5.63 13.91 28.66
CA PRO C 417 -6.15 15.21 28.20
C PRO C 417 -7.12 15.83 29.18
N TYR C 418 -7.06 17.15 29.28
CA TYR C 418 -7.95 17.92 30.15
C TYR C 418 -8.68 19.00 29.35
N GLN C 419 -8.00 19.57 28.35
CA GLN C 419 -8.59 20.55 27.46
C GLN C 419 -8.37 20.11 26.03
N VAL C 420 -9.47 19.99 25.27
CA VAL C 420 -9.43 19.49 23.91
C VAL C 420 -9.68 20.64 22.95
N GLU C 421 -8.90 20.69 21.87
CA GLU C 421 -9.05 21.73 20.88
C GLU C 421 -8.94 21.14 19.48
N LEU C 422 -9.48 21.87 18.50
CA LEU C 422 -9.53 21.44 17.12
C LEU C 422 -8.39 22.09 16.34
N VAL C 423 -7.39 21.30 15.99
CA VAL C 423 -6.25 21.76 15.22
C VAL C 423 -6.46 21.35 13.76
N ARG C 424 -5.99 22.20 12.85
CA ARG C 424 -6.18 21.98 11.42
C ARG C 424 -4.86 22.28 10.72
N ARG C 425 -4.49 21.44 9.76
CA ARG C 425 -3.32 21.62 8.93
C ARG C 425 -3.70 21.49 7.46
N ASP C 426 -2.92 22.14 6.60
CA ASP C 426 -3.15 22.08 5.16
C ASP C 426 -1.82 21.84 4.46
N TYR C 427 -1.86 21.24 3.28
CA TYR C 427 -0.61 20.78 2.68
C TYR C 427 -0.62 20.88 1.17
N VAL C 428 0.41 20.32 0.52
CA VAL C 428 0.43 20.07 -0.91
C VAL C 428 1.05 18.70 -1.10
N ALA C 429 0.21 17.72 -1.40
CA ALA C 429 0.62 16.35 -1.66
C ALA C 429 1.11 16.22 -3.10
N ASN C 430 1.08 15.01 -3.64
CA ASN C 430 1.64 14.68 -4.95
C ASN C 430 0.96 15.45 -6.08
N GLY C 431 0.06 16.36 -5.75
CA GLY C 431 -0.63 17.17 -6.74
C GLY C 431 -2.03 17.54 -6.33
N GLY C 432 -2.44 17.06 -5.16
CA GLY C 432 -3.71 17.40 -4.57
C GLY C 432 -3.54 18.29 -3.35
N TRP C 433 -4.63 18.96 -2.98
CA TRP C 433 -4.68 19.82 -1.79
C TRP C 433 -5.44 19.08 -0.69
N GLU C 434 -4.74 18.91 0.44
CA GLU C 434 -5.35 18.13 1.53
C GLU C 434 -5.43 18.91 2.83
N THR C 435 -6.34 18.50 3.71
CA THR C 435 -6.46 19.07 5.04
C THR C 435 -6.21 17.97 6.05
N PHE C 436 -6.13 18.36 7.32
CA PHE C 436 -5.85 17.43 8.42
C PHE C 436 -6.49 18.03 9.67
N LEU C 437 -7.63 17.49 10.06
CA LEU C 437 -8.37 17.96 11.23
C LEU C 437 -8.09 17.00 12.38
N SER C 438 -8.02 17.54 13.60
CA SER C 438 -7.78 16.69 14.76
C SER C 438 -8.32 17.36 16.01
N TYR C 439 -8.81 16.53 16.93
CA TYR C 439 -9.12 16.94 18.29
C TYR C 439 -7.98 16.45 19.18
N GLU C 440 -7.28 17.38 19.81
CA GLU C 440 -6.13 17.00 20.62
C GLU C 440 -5.89 18.06 21.69
N ASP C 441 -5.09 17.69 22.70
CA ASP C 441 -4.76 18.59 23.79
C ASP C 441 -3.61 19.48 23.36
N PRO C 442 -3.79 20.80 23.29
CA PRO C 442 -2.71 21.67 22.84
C PRO C 442 -1.55 21.74 23.81
N ASP C 443 -1.84 21.95 25.09
CA ASP C 443 -0.82 22.24 26.09
C ASP C 443 0.00 21.02 26.51
N GLN C 444 -0.40 19.81 26.10
CA GLN C 444 0.33 18.61 26.50
C GLN C 444 0.76 17.73 25.34
N ASP C 445 0.40 18.06 24.11
CA ASP C 445 0.77 17.29 22.93
C ASP C 445 0.24 15.85 23.03
N ILE C 446 -1.09 15.75 23.11
CA ILE C 446 -1.76 14.45 23.18
C ILE C 446 -2.86 14.44 22.13
N LEU C 447 -2.77 13.49 21.19
CA LEU C 447 -3.71 13.39 20.08
C LEU C 447 -4.81 12.38 20.41
N ILE C 448 -6.01 12.64 19.87
CA ILE C 448 -7.16 11.77 20.09
C ILE C 448 -7.69 11.20 18.77
N GLY C 449 -8.11 12.04 17.85
CA GLY C 449 -8.67 11.57 16.59
C GLY C 449 -8.20 12.42 15.44
N LEU C 450 -8.31 11.88 14.23
CA LEU C 450 -7.79 12.53 13.04
C LEU C 450 -8.76 12.33 11.87
N LEU C 451 -8.44 12.98 10.75
CA LEU C 451 -9.24 12.91 9.53
C LEU C 451 -8.32 13.28 8.38
N ARG C 452 -8.72 12.90 7.16
CA ARG C 452 -7.92 13.21 5.97
C ARG C 452 -8.87 13.54 4.82
N LEU C 453 -9.02 14.81 4.51
CA LEU C 453 -9.76 15.26 3.35
C LEU C 453 -8.80 15.37 2.16
N ARG C 454 -9.34 15.73 1.00
CA ARG C 454 -8.57 15.90 -0.22
C ARG C 454 -9.50 16.47 -1.29
N LYS C 455 -8.91 17.21 -2.22
CA LYS C 455 -9.60 17.65 -3.43
C LYS C 455 -8.99 16.91 -4.61
N CYS C 456 -9.79 16.07 -5.25
CA CYS C 456 -9.27 15.24 -6.33
C CYS C 456 -8.73 16.10 -7.47
N SER C 457 -7.60 15.70 -8.01
CA SER C 457 -6.95 16.43 -9.08
C SER C 457 -7.67 16.16 -10.39
N GLU C 458 -7.12 16.64 -11.51
CA GLU C 458 -7.72 16.47 -12.81
C GLU C 458 -7.12 15.29 -13.58
N GLU C 459 -6.71 14.24 -12.86
CA GLU C 459 -6.16 13.04 -13.46
C GLU C 459 -6.79 11.79 -12.85
N THR C 460 -8.00 11.95 -12.31
CA THR C 460 -8.72 10.81 -11.76
C THR C 460 -9.18 9.87 -12.88
N PHE C 461 -9.31 8.59 -12.53
CA PHE C 461 -9.77 7.58 -13.47
C PHE C 461 -10.99 6.81 -12.97
N ARG C 462 -11.55 7.18 -11.83
CA ARG C 462 -12.72 6.53 -11.29
C ARG C 462 -13.95 7.39 -11.58
N PHE C 463 -15.00 6.76 -12.09
CA PHE C 463 -16.16 7.52 -12.55
C PHE C 463 -16.87 8.26 -11.41
N GLU C 464 -16.96 7.62 -10.24
CA GLU C 464 -17.71 8.22 -9.13
C GLU C 464 -17.12 9.53 -8.63
N LEU C 465 -15.82 9.75 -8.83
CA LEU C 465 -15.14 10.91 -8.27
C LEU C 465 -14.99 12.06 -9.27
N GLY C 466 -15.62 11.97 -10.43
CA GLY C 466 -15.55 13.01 -11.44
C GLY C 466 -16.69 14.02 -11.30
N GLY C 467 -16.34 15.30 -11.41
CA GLY C 467 -17.34 16.34 -11.43
C GLY C 467 -17.62 16.99 -10.08
N GLY C 468 -16.57 17.45 -9.39
CA GLY C 468 -16.77 18.16 -8.15
C GLY C 468 -16.88 17.25 -6.93
N VAL C 469 -15.85 16.45 -6.68
CA VAL C 469 -15.89 15.43 -5.64
C VAL C 469 -14.72 15.63 -4.68
N SER C 470 -15.03 15.64 -3.38
CA SER C 470 -14.03 15.65 -2.32
C SER C 470 -14.04 14.30 -1.63
N ILE C 471 -12.87 13.71 -1.44
CA ILE C 471 -12.75 12.37 -0.90
C ILE C 471 -12.21 12.41 0.52
N VAL C 472 -12.63 11.44 1.33
CA VAL C 472 -12.15 11.27 2.69
C VAL C 472 -11.43 9.93 2.73
N ARG C 473 -10.17 9.94 3.16
CA ARG C 473 -9.34 8.74 3.09
C ARG C 473 -9.20 8.00 4.42
N GLU C 474 -9.52 8.64 5.54
CA GLU C 474 -9.36 7.97 6.83
C GLU C 474 -10.06 8.74 7.92
N LEU C 475 -10.76 8.02 8.78
CA LEU C 475 -11.24 8.52 10.07
C LEU C 475 -10.77 7.54 11.12
N HIS C 476 -10.25 8.03 12.24
CA HIS C 476 -9.71 7.15 13.29
C HIS C 476 -9.68 7.92 14.60
N VAL C 477 -10.42 7.43 15.59
CA VAL C 477 -10.36 7.97 16.94
C VAL C 477 -9.61 6.99 17.82
N TYR C 478 -8.55 7.47 18.47
CA TYR C 478 -7.66 6.60 19.22
C TYR C 478 -8.16 6.40 20.66
N GLY C 479 -7.60 5.40 21.31
CA GLY C 479 -7.99 5.05 22.66
C GLY C 479 -7.88 3.56 22.92
N SER C 480 -8.97 2.95 23.39
CA SER C 480 -9.04 1.52 23.60
C SER C 480 -10.19 0.95 22.79
N VAL C 481 -10.05 -0.33 22.43
CA VAL C 481 -11.01 -0.96 21.52
C VAL C 481 -12.30 -1.25 22.28
N VAL C 482 -13.29 -0.38 22.09
CA VAL C 482 -14.62 -0.58 22.66
C VAL C 482 -15.46 -1.32 21.63
N PRO C 483 -15.98 -2.50 21.95
CA PRO C 483 -16.76 -3.26 20.97
C PRO C 483 -18.00 -2.50 20.52
N VAL C 484 -18.56 -2.96 19.39
CA VAL C 484 -19.69 -2.27 18.78
C VAL C 484 -20.86 -2.18 19.75
N SER C 485 -21.49 -1.00 19.78
CA SER C 485 -22.65 -0.64 20.59
C SER C 485 -22.34 -0.55 22.08
N SER C 486 -21.11 -0.83 22.50
CA SER C 486 -20.76 -0.67 23.90
C SER C 486 -20.52 0.81 24.22
N ARG C 487 -20.71 1.15 25.50
CA ARG C 487 -20.56 2.53 25.95
C ARG C 487 -19.75 2.50 27.25
N ASP C 488 -18.58 3.13 27.23
CA ASP C 488 -17.74 3.23 28.42
C ASP C 488 -17.36 4.68 28.66
N PRO C 489 -17.47 5.19 29.89
CA PRO C 489 -17.14 6.60 30.16
C PRO C 489 -15.68 6.87 30.49
N THR C 490 -14.81 5.85 30.45
CA THR C 490 -13.40 6.04 30.71
C THR C 490 -12.52 5.90 29.48
N LYS C 491 -12.99 5.22 28.44
CA LYS C 491 -12.27 5.15 27.18
C LYS C 491 -12.76 6.26 26.25
N PHE C 492 -12.35 6.24 24.99
CA PHE C 492 -12.56 7.37 24.11
C PHE C 492 -13.25 7.05 22.79
N GLN C 493 -13.43 5.77 22.46
CA GLN C 493 -13.84 5.41 21.11
C GLN C 493 -15.35 5.50 20.87
N HIS C 494 -16.14 5.82 21.87
CA HIS C 494 -17.59 5.94 21.68
C HIS C 494 -18.14 7.14 22.45
N GLN C 495 -17.46 8.28 22.34
CA GLN C 495 -17.92 9.50 22.99
C GLN C 495 -18.50 10.54 22.04
N GLY C 496 -18.29 10.40 20.73
CA GLY C 496 -18.92 11.27 19.76
C GLY C 496 -18.03 12.28 19.04
N PHE C 497 -16.81 11.92 18.68
CA PHE C 497 -15.97 12.84 17.92
C PHE C 497 -16.17 12.69 16.41
N GLY C 498 -16.54 11.48 15.97
CA GLY C 498 -16.71 11.25 14.55
C GLY C 498 -17.80 12.11 13.94
N MET C 499 -18.90 12.32 14.67
CA MET C 499 -19.98 13.16 14.15
C MET C 499 -19.48 14.58 13.91
N LEU C 500 -18.72 15.14 14.86
CA LEU C 500 -18.21 16.49 14.70
C LEU C 500 -17.21 16.57 13.56
N LEU C 501 -16.36 15.56 13.42
CA LEU C 501 -15.41 15.56 12.30
C LEU C 501 -16.14 15.52 10.97
N MET C 502 -17.20 14.70 10.86
CA MET C 502 -18.00 14.68 9.64
C MET C 502 -18.69 16.02 9.39
N GLU C 503 -19.22 16.65 10.43
CA GLU C 503 -19.86 17.95 10.24
C GLU C 503 -18.87 18.96 9.67
N GLU C 504 -17.68 19.05 10.26
CA GLU C 504 -16.71 20.03 9.79
C GLU C 504 -16.18 19.67 8.41
N ALA C 505 -16.01 18.37 8.13
CA ALA C 505 -15.57 17.96 6.79
C ALA C 505 -16.61 18.31 5.75
N GLU C 506 -17.89 18.11 6.06
CA GLU C 506 -18.96 18.51 5.14
C GLU C 506 -18.93 20.02 4.90
N ARG C 507 -18.77 20.80 5.96
CA ARG C 507 -18.73 22.24 5.80
C ARG C 507 -17.55 22.67 4.93
N ILE C 508 -16.38 22.07 5.15
CA ILE C 508 -15.20 22.38 4.34
C ILE C 508 -15.44 22.02 2.89
N ALA C 509 -15.96 20.81 2.65
CA ALA C 509 -16.12 20.33 1.28
C ALA C 509 -17.20 21.08 0.52
N ARG C 510 -18.19 21.66 1.20
CA ARG C 510 -19.24 22.36 0.48
C ARG C 510 -19.09 23.88 0.49
N GLU C 511 -18.19 24.43 1.30
CA GLU C 511 -18.00 25.88 1.33
C GLU C 511 -16.62 26.32 0.86
N GLU C 512 -15.56 25.57 1.20
CA GLU C 512 -14.21 25.95 0.80
C GLU C 512 -13.78 25.22 -0.47
N HIS C 513 -13.88 23.89 -0.46
CA HIS C 513 -13.52 23.11 -1.65
C HIS C 513 -14.42 23.46 -2.82
N GLY C 514 -15.66 23.87 -2.55
CA GLY C 514 -16.62 24.13 -3.62
C GLY C 514 -16.95 22.89 -4.41
N SER C 515 -17.27 21.81 -3.70
CA SER C 515 -17.49 20.51 -4.31
C SER C 515 -18.97 20.18 -4.31
N GLY C 516 -19.32 19.08 -4.99
CA GLY C 516 -20.69 18.65 -5.07
C GLY C 516 -20.92 17.28 -4.45
N LYS C 517 -19.88 16.45 -4.44
CA LYS C 517 -19.95 15.12 -3.85
C LYS C 517 -18.85 14.96 -2.80
N ILE C 518 -19.22 14.38 -1.66
CA ILE C 518 -18.26 13.93 -0.67
C ILE C 518 -18.28 12.41 -0.66
N ALA C 519 -17.12 11.81 -0.94
CA ALA C 519 -17.01 10.37 -1.05
C ALA C 519 -16.05 9.86 0.02
N VAL C 520 -16.37 8.68 0.55
CA VAL C 520 -15.60 8.06 1.62
C VAL C 520 -15.22 6.67 1.17
N ILE C 521 -13.92 6.36 1.25
CA ILE C 521 -13.43 4.99 1.00
C ILE C 521 -13.50 4.27 2.34
N SER C 522 -14.67 3.71 2.63
CA SER C 522 -14.88 2.98 3.87
C SER C 522 -14.29 1.57 3.76
N GLY C 523 -14.34 0.84 4.86
CA GLY C 523 -13.98 -0.56 4.81
C GLY C 523 -15.18 -1.38 4.37
N VAL C 524 -15.47 -2.47 5.09
CA VAL C 524 -16.66 -3.27 4.83
C VAL C 524 -17.56 -3.35 6.05
N GLY C 525 -16.99 -3.69 7.22
CA GLY C 525 -17.77 -3.68 8.44
C GLY C 525 -18.21 -2.32 8.92
N THR C 526 -17.49 -1.27 8.52
CA THR C 526 -17.87 0.09 8.90
C THR C 526 -18.98 0.66 8.02
N ARG C 527 -19.35 -0.04 6.94
CA ARG C 527 -20.33 0.50 6.01
C ARG C 527 -21.61 0.91 6.71
N ASN C 528 -22.17 -0.01 7.51
CA ASN C 528 -23.43 0.28 8.20
C ASN C 528 -23.34 1.58 8.98
N TYR C 529 -22.17 1.87 9.56
CA TYR C 529 -21.99 3.10 10.31
C TYR C 529 -22.39 4.31 9.49
N TYR C 530 -21.84 4.43 8.27
CA TYR C 530 -22.12 5.61 7.47
C TYR C 530 -23.59 5.69 7.07
N ARG C 531 -24.31 4.56 7.08
CA ARG C 531 -25.72 4.60 6.74
C ARG C 531 -26.51 5.39 7.78
N LYS C 532 -25.98 5.54 8.99
CA LYS C 532 -26.67 6.36 9.98
C LYS C 532 -26.32 7.84 9.86
N ILE C 533 -25.46 8.22 8.93
CA ILE C 533 -25.14 9.62 8.73
C ILE C 533 -26.00 10.24 7.63
N GLY C 534 -26.34 9.45 6.61
CA GLY C 534 -27.13 9.96 5.51
C GLY C 534 -26.52 9.60 4.16
N TYR C 535 -25.53 8.74 4.16
CA TYR C 535 -24.82 8.37 2.96
C TYR C 535 -25.53 7.24 2.24
N ARG C 536 -25.02 6.86 1.08
CA ARG C 536 -25.56 5.76 0.29
C ARG C 536 -24.39 4.93 -0.21
N LEU C 537 -24.67 3.99 -1.11
CA LEU C 537 -23.63 3.20 -1.76
C LEU C 537 -23.70 3.45 -3.26
N GLN C 538 -22.54 3.72 -3.86
CA GLN C 538 -22.43 3.96 -5.29
C GLN C 538 -21.24 3.22 -5.86
N GLY C 539 -21.08 1.96 -5.45
CA GLY C 539 -19.90 1.19 -5.77
C GLY C 539 -19.09 0.93 -4.52
N PRO C 540 -17.77 0.95 -4.63
CA PRO C 540 -16.94 0.84 -3.43
C PRO C 540 -16.73 2.18 -2.73
N TYR C 541 -17.80 2.96 -2.59
CA TYR C 541 -17.71 4.30 -2.04
C TYR C 541 -19.02 4.64 -1.33
N MET C 542 -18.95 5.66 -0.48
CA MET C 542 -20.13 6.24 0.15
C MET C 542 -20.22 7.70 -0.28
N VAL C 543 -21.25 8.01 -1.06
CA VAL C 543 -21.42 9.33 -1.62
C VAL C 543 -22.59 10.02 -0.93
N LYS C 544 -22.67 11.34 -1.08
CA LYS C 544 -23.79 12.12 -0.58
C LYS C 544 -23.84 13.45 -1.33
N MET C 545 -25.04 13.84 -1.76
CA MET C 545 -25.24 15.13 -2.37
C MET C 545 -25.16 16.20 -1.28
N LEU C 546 -24.27 17.17 -1.44
CA LEU C 546 -24.16 18.25 -0.47
C LEU C 546 -24.97 19.48 -0.85
N LYS C 547 -25.22 19.69 -2.13
CA LYS C 547 -25.99 20.86 -2.56
C LYS C 547 -27.48 20.66 -2.29
#